data_5ND5
#
_entry.id   5ND5
#
_cell.length_a   201.489
_cell.length_b   75.930
_cell.length_c   103.759
_cell.angle_alpha   90.00
_cell.angle_beta   109.99
_cell.angle_gamma   90.00
#
_symmetry.space_group_name_H-M   'C 1 2 1'
#
loop_
_entity.id
_entity.type
_entity.pdbx_description
1 polymer Transketolase
2 non-polymer 'MAGNESIUM ION'
3 non-polymer 'THIAMINE DIPHOSPHATE'
4 water water
#
_entity_poly.entity_id   1
_entity_poly.type   'polypeptide(L)'
_entity_poly.pdbx_seq_one_letter_code
;MHHHHHHHMAQAAPAAAKAAAPSISRDEVEKCINAIRFLAIDAINKSKSGHPGMPMGCAPMGYVLWNEVMKYNPKNPDFF
NRDRFVLSAGHGSMFQYSMMHLTGYDSVPLDQIKQFRQWNSLTPGHPENFVTPGVEVTTGPLGQGICNAVGLAVAEAHLA
ARFNKPDVKPIVDHYTYCILGDGCMMEGISNEACSLAGHWGLGKLIALYDDNKISIDGHTDISFTEDVAKRYEALGWHVI
HVINGNTDVDGLRAAIAQAKAVKDKPTLIKVSTLIGYGSPNKADSHDVHGAPLGPDETAATRKNLNWPYGEFEVPQDVYD
VFRGAIKRGAEEEANWHKACAEYKAKYPKEWAEFEALTSCKLPENWEAALPHFKPEDKGLATRQHSQTMINALAPALPGL
IGGSADLAPSNLTLMKISGDFQKGSYAERNLRFGVREHAMGAICNGIALHKSGLIPYCATFYIFTDYMRNAMRMSALSEA
GVVYVMTHDSIGLGEDGPTHQPIEHLASFRAMPDMLMIRPAGGNETAGAYKVAIANRKRPTTIALSRQNMPNIPNCSVEG
VAKGAYTIHDTKAGVKPDVILMGTGSELELATAAAGILEKEGKNVRVVSFPCWELFEEQSAEYKESVLPSDVTARVSVEA
ATSFGWAKYIGLKGKHVGIDTFGASAPAPTLYEKFGITVNHVVEAAKATLQH
;
_entity_poly.pdbx_strand_id   A,B
#
loop_
_chem_comp.id
_chem_comp.type
_chem_comp.name
_chem_comp.formula
MG non-polymer 'MAGNESIUM ION' 'Mg 2'
TPP non-polymer 'THIAMINE DIPHOSPHATE' 'C12 H19 N4 O7 P2 S 1'
#
# COMPACT_ATOMS: atom_id res chain seq x y z
N SER A 23 -12.48 -28.83 38.79
CA SER A 23 -12.01 -27.43 38.67
C SER A 23 -13.22 -26.57 39.05
N ILE A 24 -13.72 -25.64 38.22
CA ILE A 24 -14.88 -24.81 38.71
C ILE A 24 -16.10 -24.83 37.82
N SER A 25 -17.17 -24.35 38.38
CA SER A 25 -18.48 -24.48 37.85
C SER A 25 -18.76 -23.60 36.66
N ARG A 26 -19.80 -23.98 35.95
CA ARG A 26 -20.38 -23.12 34.94
C ARG A 26 -20.76 -21.72 35.45
N ASP A 27 -21.27 -21.61 36.67
CA ASP A 27 -21.68 -20.28 37.22
C ASP A 27 -20.45 -19.40 37.43
N GLU A 28 -19.38 -20.03 37.90
CA GLU A 28 -18.15 -19.27 38.12
C GLU A 28 -17.56 -18.84 36.74
N VAL A 29 -17.64 -19.73 35.75
CA VAL A 29 -17.12 -19.48 34.43
C VAL A 29 -17.88 -18.26 33.95
N GLU A 30 -19.19 -18.22 34.16
CA GLU A 30 -20.00 -17.09 33.66
C GLU A 30 -19.64 -15.76 34.37
N LYS A 31 -19.39 -15.86 35.64
CA LYS A 31 -18.97 -14.67 36.44
C LYS A 31 -17.62 -14.15 35.86
N CYS A 32 -16.69 -15.07 35.58
CA CYS A 32 -15.37 -14.72 34.96
C CYS A 32 -15.54 -14.02 33.62
N ILE A 33 -16.49 -14.53 32.79
CA ILE A 33 -16.75 -13.97 31.50
C ILE A 33 -17.30 -12.55 31.59
N ASN A 34 -18.25 -12.38 32.48
CA ASN A 34 -18.84 -11.06 32.72
C ASN A 34 -17.84 -10.03 33.35
N ALA A 35 -16.87 -10.54 34.12
CA ALA A 35 -15.84 -9.64 34.64
C ALA A 35 -15.03 -9.03 33.49
N ILE A 36 -14.79 -9.80 32.42
CA ILE A 36 -14.03 -9.29 31.24
C ILE A 36 -14.88 -8.21 30.56
N ARG A 37 -16.16 -8.52 30.37
CA ARG A 37 -17.06 -7.53 29.72
C ARG A 37 -17.06 -6.19 30.48
N PHE A 38 -17.28 -6.23 31.80
CA PHE A 38 -17.46 -4.97 32.62
C PHE A 38 -16.16 -4.22 32.88
N LEU A 39 -15.03 -4.91 32.84
CA LEU A 39 -13.76 -4.19 32.89
C LEU A 39 -13.62 -3.32 31.65
N ALA A 40 -13.96 -3.89 30.51
CA ALA A 40 -13.88 -3.20 29.24
C ALA A 40 -14.87 -2.04 29.18
N ILE A 41 -16.14 -2.32 29.54
CA ILE A 41 -17.15 -1.29 29.63
C ILE A 41 -16.77 -0.09 30.51
N ASP A 42 -16.33 -0.39 31.74
CA ASP A 42 -15.98 0.64 32.73
C ASP A 42 -14.74 1.43 32.30
N ALA A 43 -13.76 0.75 31.73
CA ALA A 43 -12.55 1.48 31.18
C ALA A 43 -12.89 2.49 30.07
N ILE A 44 -13.79 2.10 29.21
CA ILE A 44 -14.11 2.89 28.07
C ILE A 44 -15.07 4.05 28.44
N ASN A 45 -15.95 3.84 29.44
CA ASN A 45 -16.73 4.94 29.99
C ASN A 45 -15.85 5.99 30.66
N LYS A 46 -14.81 5.56 31.34
CA LYS A 46 -13.90 6.53 32.02
C LYS A 46 -13.09 7.28 30.95
N SER A 47 -12.57 6.60 29.93
CA SER A 47 -11.75 7.27 28.85
C SER A 47 -12.64 8.10 27.96
N LYS A 48 -13.94 7.82 27.96
CA LYS A 48 -14.88 8.44 27.01
C LYS A 48 -14.50 8.23 25.51
N SER A 49 -13.82 7.13 25.25
CA SER A 49 -13.24 6.88 23.95
C SER A 49 -12.89 5.39 23.88
N GLY A 50 -13.22 4.76 22.75
CA GLY A 50 -12.89 3.36 22.58
C GLY A 50 -14.06 2.50 22.16
N HIS A 51 -13.83 1.21 22.27
CA HIS A 51 -14.56 0.14 21.51
C HIS A 51 -15.02 -0.97 22.43
N PRO A 52 -16.22 -0.90 22.99
CA PRO A 52 -16.71 -1.92 23.94
C PRO A 52 -17.33 -3.17 23.27
N GLY A 53 -17.80 -3.03 22.04
CA GLY A 53 -18.57 -4.09 21.34
C GLY A 53 -17.82 -5.37 21.18
N MET A 54 -16.67 -5.35 20.49
CA MET A 54 -15.90 -6.59 20.27
C MET A 54 -15.52 -7.26 21.59
N PRO A 55 -14.98 -6.53 22.59
CA PRO A 55 -14.62 -7.19 23.85
C PRO A 55 -15.80 -7.89 24.61
N MET A 56 -16.96 -7.25 24.60
CA MET A 56 -18.21 -7.85 25.10
C MET A 56 -18.53 -9.14 24.35
N GLY A 57 -18.45 -9.10 23.02
CA GLY A 57 -18.80 -10.33 22.20
C GLY A 57 -17.77 -11.45 22.30
N CYS A 58 -16.53 -11.09 22.56
CA CYS A 58 -15.42 -12.03 22.61
C CYS A 58 -15.00 -12.49 24.01
N ALA A 59 -15.62 -11.94 25.05
CA ALA A 59 -15.33 -12.35 26.45
C ALA A 59 -15.27 -13.90 26.67
N PRO A 60 -16.23 -14.66 26.13
CA PRO A 60 -16.11 -16.14 26.32
C PRO A 60 -14.84 -16.73 25.73
N MET A 61 -14.44 -16.27 24.54
CA MET A 61 -13.17 -16.69 23.95
C MET A 61 -12.01 -16.35 24.82
N GLY A 62 -12.04 -15.17 25.43
CA GLY A 62 -10.99 -14.70 26.36
C GLY A 62 -10.83 -15.64 27.54
N TYR A 63 -11.98 -15.97 28.13
CA TYR A 63 -12.02 -16.85 29.28
C TYR A 63 -11.33 -18.17 28.94
N VAL A 64 -11.74 -18.78 27.82
CA VAL A 64 -11.17 -20.08 27.43
C VAL A 64 -9.69 -20.03 27.10
N LEU A 65 -9.32 -19.09 26.25
CA LEU A 65 -7.97 -19.00 25.85
C LEU A 65 -7.01 -18.75 27.04
N TRP A 66 -7.36 -17.76 27.89
CA TRP A 66 -6.44 -17.37 28.97
C TRP A 66 -6.50 -18.34 30.20
N ASN A 67 -7.71 -18.77 30.57
CA ASN A 67 -7.85 -19.70 31.72
C ASN A 67 -7.59 -21.18 31.45
N GLU A 68 -7.72 -21.61 30.22
CA GLU A 68 -7.73 -23.05 29.91
C GLU A 68 -6.82 -23.50 28.82
N VAL A 69 -6.49 -22.66 27.83
CA VAL A 69 -5.74 -23.15 26.68
C VAL A 69 -4.30 -22.68 26.56
N MET A 70 -4.07 -21.38 26.64
CA MET A 70 -2.76 -20.87 26.27
C MET A 70 -1.75 -21.13 27.35
N LYS A 71 -0.52 -21.29 26.96
CA LYS A 71 0.52 -21.50 27.92
C LYS A 71 1.47 -20.32 27.86
N TYR A 72 1.62 -19.70 29.02
CA TYR A 72 2.33 -18.44 29.10
C TYR A 72 2.63 -18.18 30.55
N ASN A 73 3.58 -17.30 30.79
CA ASN A 73 3.93 -16.88 32.15
C ASN A 73 3.65 -15.41 32.32
N PRO A 74 2.58 -15.06 33.06
CA PRO A 74 2.23 -13.67 33.17
C PRO A 74 3.33 -12.83 33.87
N LYS A 75 4.20 -13.49 34.61
CA LYS A 75 5.28 -12.82 35.33
C LYS A 75 6.59 -12.83 34.49
N ASN A 76 6.60 -13.46 33.33
CA ASN A 76 7.73 -13.36 32.43
C ASN A 76 7.18 -13.34 31.01
N PRO A 77 6.80 -12.16 30.53
CA PRO A 77 6.38 -11.96 29.12
C PRO A 77 7.39 -12.39 28.02
N ASP A 78 8.66 -12.63 28.38
CA ASP A 78 9.73 -13.05 27.47
C ASP A 78 10.07 -14.54 27.51
N PHE A 79 9.34 -15.35 28.30
CA PHE A 79 9.46 -16.77 28.31
C PHE A 79 9.46 -17.32 26.90
N PHE A 80 10.61 -17.87 26.52
CA PHE A 80 10.85 -18.20 25.13
C PHE A 80 9.77 -19.09 24.52
N ASN A 81 9.33 -20.16 25.23
CA ASN A 81 8.42 -21.15 24.63
C ASN A 81 6.92 -20.92 24.93
N ARG A 82 6.58 -19.69 25.30
CA ARG A 82 5.19 -19.30 25.46
C ARG A 82 4.43 -19.43 24.11
N ASP A 83 3.15 -19.77 24.19
CA ASP A 83 2.20 -19.48 23.09
C ASP A 83 2.21 -18.01 22.83
N ARG A 84 2.02 -17.64 21.54
CA ARG A 84 1.90 -16.26 21.13
C ARG A 84 0.43 -15.95 20.86
N PHE A 85 -0.07 -14.84 21.39
CA PHE A 85 -1.36 -14.29 21.08
C PHE A 85 -1.23 -12.95 20.32
N VAL A 86 -2.09 -12.78 19.33
CA VAL A 86 -2.15 -11.56 18.51
C VAL A 86 -3.61 -11.14 18.39
N LEU A 87 -3.88 -9.92 18.80
CA LEU A 87 -5.20 -9.28 18.52
C LEU A 87 -5.14 -8.51 17.19
N SER A 88 -5.64 -9.13 16.13
CA SER A 88 -5.55 -8.53 14.82
C SER A 88 -6.63 -7.46 14.76
N ALA A 89 -7.73 -7.65 15.51
CA ALA A 89 -8.76 -6.65 15.60
C ALA A 89 -8.41 -5.65 16.72
N GLY A 90 -7.43 -4.80 16.45
CA GLY A 90 -6.75 -4.04 17.54
C GLY A 90 -7.59 -3.02 18.27
N HIS A 91 -8.64 -2.54 17.58
CA HIS A 91 -9.61 -1.70 18.19
C HIS A 91 -10.22 -2.32 19.45
N GLY A 92 -10.30 -3.62 19.54
CA GLY A 92 -10.80 -4.28 20.79
C GLY A 92 -9.70 -4.39 21.84
N SER A 93 -8.80 -3.41 21.92
CA SER A 93 -7.65 -3.49 22.83
C SER A 93 -8.00 -3.73 24.31
N MET A 94 -9.13 -3.17 24.79
CA MET A 94 -9.61 -3.49 26.16
C MET A 94 -9.85 -4.96 26.42
N PHE A 95 -10.16 -5.73 25.38
CA PHE A 95 -10.19 -7.19 25.55
C PHE A 95 -8.85 -7.70 26.02
N GLN A 96 -7.79 -7.39 25.27
CA GLN A 96 -6.48 -7.94 25.62
C GLN A 96 -6.00 -7.33 26.94
N TYR A 97 -6.23 -6.04 27.15
CA TYR A 97 -5.80 -5.45 28.42
C TYR A 97 -6.50 -6.07 29.62
N SER A 98 -7.77 -6.36 29.49
CA SER A 98 -8.53 -6.98 30.57
C SER A 98 -7.92 -8.35 30.89
N MET A 99 -7.67 -9.16 29.86
CA MET A 99 -7.11 -10.48 30.08
C MET A 99 -5.74 -10.42 30.77
N MET A 100 -4.89 -9.55 30.31
CA MET A 100 -3.59 -9.39 30.89
C MET A 100 -3.69 -8.94 32.35
N HIS A 101 -4.61 -8.04 32.65
CA HIS A 101 -4.83 -7.56 34.01
C HIS A 101 -5.27 -8.68 34.91
N LEU A 102 -6.26 -9.42 34.41
CA LEU A 102 -6.82 -10.51 35.21
C LEU A 102 -5.86 -11.63 35.50
N THR A 103 -4.98 -11.96 34.56
CA THR A 103 -4.09 -13.08 34.71
C THR A 103 -2.80 -12.74 35.37
N GLY A 104 -2.56 -11.46 35.61
CA GLY A 104 -1.52 -11.05 36.53
C GLY A 104 -0.26 -10.49 35.88
N TYR A 105 -0.38 -9.97 34.66
CA TYR A 105 0.74 -9.26 34.04
C TYR A 105 1.02 -7.96 34.76
N ASP A 106 2.28 -7.67 35.10
CA ASP A 106 2.54 -6.47 35.90
C ASP A 106 2.50 -5.19 35.10
N SER A 107 2.49 -5.29 33.76
CA SER A 107 2.30 -4.14 32.85
C SER A 107 0.86 -3.67 32.79
N VAL A 108 -0.09 -4.45 33.30
CA VAL A 108 -1.50 -3.99 33.34
C VAL A 108 -2.17 -4.13 34.72
N PRO A 109 -1.68 -3.35 35.69
CA PRO A 109 -2.42 -3.36 36.97
C PRO A 109 -3.70 -2.62 36.83
N LEU A 110 -4.51 -2.63 37.86
CA LEU A 110 -5.77 -1.93 37.78
C LEU A 110 -5.62 -0.44 37.44
N ASP A 111 -4.63 0.20 38.02
CA ASP A 111 -4.44 1.62 37.74
C ASP A 111 -4.24 1.93 36.26
N GLN A 112 -3.69 0.98 35.51
CA GLN A 112 -3.39 1.21 34.11
C GLN A 112 -4.69 0.93 33.29
N ILE A 113 -5.55 0.05 33.80
CA ILE A 113 -6.88 -0.14 33.22
C ILE A 113 -7.63 1.18 33.35
N LYS A 114 -7.42 1.91 34.45
CA LYS A 114 -8.07 3.18 34.67
C LYS A 114 -7.43 4.34 33.89
N GLN A 115 -6.38 4.07 33.12
CA GLN A 115 -5.66 5.10 32.32
C GLN A 115 -5.68 4.74 30.81
N PHE A 116 -6.65 3.94 30.39
CA PHE A 116 -6.85 3.57 28.98
C PHE A 116 -6.92 4.81 28.14
N ARG A 117 -6.11 4.84 27.10
CA ARG A 117 -6.12 5.93 26.12
C ARG A 117 -5.62 7.26 26.71
N GLN A 118 -4.98 7.23 27.87
CA GLN A 118 -4.39 8.50 28.46
C GLN A 118 -2.89 8.62 28.21
N TRP A 119 -2.41 9.87 28.24
CA TRP A 119 -0.96 10.18 28.03
C TRP A 119 -0.09 9.33 28.92
N ASN A 120 0.85 8.64 28.31
CA ASN A 120 1.93 7.89 28.96
C ASN A 120 1.42 6.63 29.64
N SER A 121 0.19 6.19 29.31
CA SER A 121 -0.27 4.94 29.92
C SER A 121 0.32 3.75 29.21
N LEU A 122 0.19 2.61 29.87
CA LEU A 122 0.60 1.33 29.30
C LEU A 122 -0.59 0.64 28.58
N THR A 123 -1.67 1.40 28.38
CA THR A 123 -2.94 0.92 27.79
C THR A 123 -3.35 1.91 26.70
N PRO A 124 -2.46 2.09 25.68
CA PRO A 124 -2.88 2.87 24.55
C PRO A 124 -4.12 2.29 23.75
N GLY A 125 -4.73 3.16 22.98
CA GLY A 125 -5.98 2.88 22.21
C GLY A 125 -5.91 1.66 21.34
N HIS A 126 -4.71 1.40 20.74
CA HIS A 126 -4.49 0.15 20.00
C HIS A 126 -3.23 -0.46 20.59
N PRO A 127 -3.14 -1.82 20.61
CA PRO A 127 -2.03 -2.41 21.36
C PRO A 127 -0.71 -2.15 20.64
N GLU A 128 0.32 -1.82 21.46
CA GLU A 128 1.65 -1.42 21.05
C GLU A 128 2.71 -2.30 21.79
N ASN A 129 3.46 -3.08 21.02
CA ASN A 129 4.48 -3.95 21.65
C ASN A 129 5.54 -3.15 22.30
N PHE A 130 5.82 -2.00 21.71
CA PHE A 130 6.94 -1.15 22.18
C PHE A 130 6.65 -0.43 23.49
N VAL A 131 5.40 -0.46 23.99
CA VAL A 131 4.99 0.21 25.22
C VAL A 131 4.64 -0.82 26.30
N THR A 132 3.98 -1.90 25.93
CA THR A 132 3.32 -2.79 26.92
C THR A 132 3.88 -4.22 26.90
N PRO A 133 4.70 -4.60 27.92
CA PRO A 133 5.23 -5.96 27.99
C PRO A 133 4.09 -7.00 28.03
N GLY A 134 4.18 -8.03 27.19
CA GLY A 134 3.09 -8.98 26.93
C GLY A 134 2.27 -8.72 25.68
N VAL A 135 2.39 -7.55 25.05
CA VAL A 135 1.76 -7.31 23.77
C VAL A 135 2.82 -7.62 22.76
N GLU A 136 2.54 -8.56 21.84
CA GLU A 136 3.58 -9.14 20.98
C GLU A 136 3.93 -8.31 19.77
N VAL A 137 2.93 -7.66 19.21
CA VAL A 137 3.01 -6.89 17.94
C VAL A 137 2.10 -5.70 18.08
N THR A 138 2.28 -4.72 17.21
CA THR A 138 1.45 -3.55 17.17
C THR A 138 0.33 -3.72 16.10
N THR A 139 -0.90 -3.55 16.54
CA THR A 139 -2.05 -3.63 15.64
C THR A 139 -2.91 -2.37 15.73
N GLY A 140 -3.98 -2.35 14.99
CA GLY A 140 -4.75 -1.13 14.74
C GLY A 140 -5.10 -0.97 13.28
N PRO A 141 -4.09 -1.09 12.37
CA PRO A 141 -4.31 -1.22 10.95
C PRO A 141 -4.80 -2.64 10.62
N LEU A 142 -6.07 -2.71 10.22
CA LEU A 142 -6.73 -4.02 10.05
C LEU A 142 -6.01 -4.91 9.01
N GLY A 143 -5.91 -6.19 9.39
CA GLY A 143 -5.21 -7.16 8.61
C GLY A 143 -3.76 -7.34 8.97
N GLN A 144 -3.08 -6.40 9.63
CA GLN A 144 -1.66 -6.64 9.94
C GLN A 144 -1.43 -7.79 10.89
N GLY A 145 -2.25 -7.89 11.92
CA GLY A 145 -2.03 -8.85 12.95
C GLY A 145 -2.02 -10.31 12.56
N ILE A 146 -3.01 -10.70 11.74
CA ILE A 146 -3.09 -12.07 11.25
C ILE A 146 -1.78 -12.38 10.52
N CYS A 147 -1.27 -11.45 9.71
CA CYS A 147 -0.06 -11.67 8.94
C CYS A 147 1.16 -11.76 9.88
N ASN A 148 1.20 -10.92 10.93
CA ASN A 148 2.19 -11.00 11.99
C ASN A 148 2.15 -12.39 12.65
N ALA A 149 0.94 -12.90 12.85
CA ALA A 149 0.78 -14.24 13.41
C ALA A 149 1.35 -15.32 12.53
N VAL A 150 1.18 -15.20 11.20
CA VAL A 150 1.76 -16.16 10.25
C VAL A 150 3.29 -16.14 10.40
N GLY A 151 3.86 -14.97 10.59
CA GLY A 151 5.30 -14.86 10.84
C GLY A 151 5.81 -15.43 12.15
N LEU A 152 5.06 -15.20 13.23
CA LEU A 152 5.32 -15.83 14.51
C LEU A 152 5.30 -17.36 14.39
N ALA A 153 4.34 -17.90 13.65
CA ALA A 153 4.25 -19.34 13.46
C ALA A 153 5.37 -19.82 12.54
N VAL A 154 5.78 -19.01 11.60
CA VAL A 154 6.96 -19.36 10.76
C VAL A 154 8.20 -19.55 11.64
N ALA A 155 8.40 -18.58 12.52
CA ALA A 155 9.56 -18.61 13.36
C ALA A 155 9.56 -19.86 14.22
N GLU A 156 8.41 -20.15 14.83
CA GLU A 156 8.31 -21.38 15.67
C GLU A 156 8.57 -22.65 14.85
N ALA A 157 8.00 -22.72 13.65
CA ALA A 157 8.22 -23.91 12.82
C ALA A 157 9.68 -24.06 12.42
N HIS A 158 10.30 -22.93 12.07
CA HIS A 158 11.68 -22.94 11.63
C HIS A 158 12.62 -23.37 12.73
N LEU A 159 12.47 -22.81 13.91
CA LEU A 159 13.39 -23.11 15.04
C LEU A 159 13.16 -24.51 15.45
N ALA A 160 11.90 -24.95 15.49
CA ALA A 160 11.59 -26.35 15.81
C ALA A 160 12.25 -27.36 14.88
N ALA A 161 12.14 -27.14 13.58
CA ALA A 161 12.75 -28.01 12.58
C ALA A 161 14.29 -27.94 12.75
N ARG A 162 14.84 -26.76 13.06
CA ARG A 162 16.30 -26.63 13.17
C ARG A 162 16.91 -27.23 14.41
N PHE A 163 16.13 -27.37 15.47
CA PHE A 163 16.75 -27.73 16.74
C PHE A 163 16.13 -28.89 17.51
N ASN A 164 14.85 -29.15 17.41
CA ASN A 164 14.30 -30.29 18.11
C ASN A 164 14.89 -31.63 17.62
N LYS A 165 15.01 -32.57 18.55
CA LYS A 165 15.57 -33.88 18.28
C LYS A 165 14.55 -34.93 18.71
N PRO A 166 14.44 -36.04 17.96
CA PRO A 166 13.32 -36.98 18.16
C PRO A 166 13.38 -37.85 19.45
N ASP A 167 14.51 -37.92 20.10
CA ASP A 167 14.65 -38.78 21.28
C ASP A 167 14.75 -37.99 22.60
N VAL A 168 14.49 -36.68 22.58
CA VAL A 168 14.33 -35.93 23.85
C VAL A 168 13.10 -35.01 23.75
N LYS A 169 12.67 -34.39 24.85
CA LYS A 169 11.52 -33.49 24.76
C LYS A 169 11.89 -32.31 23.87
N PRO A 170 10.92 -31.78 23.11
CA PRO A 170 11.22 -30.56 22.41
C PRO A 170 11.65 -29.38 23.28
N ILE A 171 12.50 -28.54 22.73
CA ILE A 171 12.78 -27.25 23.33
C ILE A 171 12.09 -26.09 22.61
N VAL A 172 11.56 -26.37 21.41
CA VAL A 172 10.66 -25.39 20.69
C VAL A 172 9.32 -26.08 20.41
N ASP A 173 8.28 -25.64 21.09
CA ASP A 173 6.94 -26.16 20.86
C ASP A 173 5.86 -25.21 21.42
N HIS A 174 5.30 -24.35 20.55
CA HIS A 174 4.26 -23.44 21.01
C HIS A 174 3.40 -23.04 19.85
N TYR A 175 2.16 -22.71 20.20
CA TYR A 175 1.08 -22.32 19.28
C TYR A 175 1.00 -20.82 19.13
N THR A 176 0.37 -20.40 18.03
CA THR A 176 0.15 -19.03 17.70
C THR A 176 -1.35 -18.81 17.53
N TYR A 177 -1.93 -18.00 18.41
CA TYR A 177 -3.33 -17.73 18.40
C TYR A 177 -3.60 -16.29 17.93
N CYS A 178 -4.65 -16.11 17.12
CA CYS A 178 -4.96 -14.77 16.62
C CYS A 178 -6.45 -14.59 16.57
N ILE A 179 -6.94 -13.52 17.14
CA ILE A 179 -8.33 -13.10 17.03
C ILE A 179 -8.46 -11.99 15.98
N LEU A 180 -9.32 -12.22 15.01
CA LEU A 180 -9.53 -11.25 13.93
C LEU A 180 -11.01 -11.13 13.59
N GLY A 181 -11.36 -9.99 13.02
CA GLY A 181 -12.72 -9.66 12.72
C GLY A 181 -13.03 -9.47 11.26
N ASP A 182 -14.20 -8.87 10.98
CA ASP A 182 -14.63 -8.80 9.60
C ASP A 182 -13.74 -7.87 8.79
N GLY A 183 -13.22 -6.83 9.43
CA GLY A 183 -12.41 -5.89 8.76
C GLY A 183 -11.09 -6.53 8.31
N CYS A 184 -10.50 -7.37 9.12
CA CYS A 184 -9.31 -8.10 8.78
C CYS A 184 -9.55 -9.03 7.60
N MET A 185 -10.69 -9.65 7.64
CA MET A 185 -11.10 -10.57 6.60
C MET A 185 -11.36 -9.87 5.26
N MET A 186 -11.76 -8.59 5.23
CA MET A 186 -11.97 -7.92 3.98
C MET A 186 -10.64 -7.41 3.37
N GLU A 187 -9.65 -7.13 4.20
CA GLU A 187 -8.36 -6.63 3.70
C GLU A 187 -7.61 -7.65 2.87
N GLY A 188 -7.18 -7.24 1.68
CA GLY A 188 -6.41 -8.09 0.82
C GLY A 188 -5.18 -8.74 1.47
N ILE A 189 -4.52 -8.00 2.40
CA ILE A 189 -3.31 -8.50 2.98
C ILE A 189 -3.56 -9.82 3.73
N SER A 190 -4.70 -9.96 4.35
CA SER A 190 -4.95 -11.18 5.11
C SER A 190 -5.14 -12.42 4.16
N ASN A 191 -5.72 -12.19 2.98
CA ASN A 191 -5.82 -13.27 2.02
C ASN A 191 -4.42 -13.71 1.53
N GLU A 192 -3.56 -12.75 1.24
CA GLU A 192 -2.14 -13.05 0.95
C GLU A 192 -1.49 -13.91 1.99
N ALA A 193 -1.56 -13.49 3.24
CA ALA A 193 -0.82 -14.13 4.31
C ALA A 193 -1.43 -15.49 4.55
N CYS A 194 -2.74 -15.60 4.42
CA CYS A 194 -3.37 -16.83 4.75
C CYS A 194 -3.25 -17.84 3.59
N SER A 195 -3.07 -17.36 2.32
CA SER A 195 -2.70 -18.20 1.23
C SER A 195 -1.32 -18.86 1.53
N LEU A 196 -0.39 -18.06 1.96
CA LEU A 196 0.97 -18.56 2.29
C LEU A 196 0.92 -19.53 3.50
N ALA A 197 0.16 -19.17 4.54
CA ALA A 197 0.03 -20.09 5.70
C ALA A 197 -0.53 -21.45 5.29
N GLY A 198 -1.56 -21.49 4.43
CA GLY A 198 -2.04 -22.80 3.85
C GLY A 198 -0.96 -23.53 3.06
N HIS A 199 -0.27 -22.78 2.21
CA HIS A 199 0.78 -23.33 1.36
C HIS A 199 1.89 -23.97 2.19
N TRP A 200 2.21 -23.31 3.31
CA TRP A 200 3.24 -23.77 4.28
C TRP A 200 2.74 -24.79 5.31
N GLY A 201 1.43 -25.04 5.29
CA GLY A 201 0.87 -26.05 6.19
C GLY A 201 1.12 -25.76 7.64
N LEU A 202 0.94 -24.49 8.02
CA LEU A 202 1.26 -24.08 9.38
C LEU A 202 0.24 -24.47 10.44
N GLY A 203 0.35 -25.73 10.85
CA GLY A 203 -0.68 -26.36 11.68
C GLY A 203 -0.76 -25.86 13.14
N LYS A 204 0.21 -25.09 13.60
CA LYS A 204 0.12 -24.53 14.93
C LYS A 204 -0.40 -23.09 14.99
N LEU A 205 -0.82 -22.58 13.84
CA LEU A 205 -1.54 -21.33 13.75
C LEU A 205 -3.05 -21.59 13.83
N ILE A 206 -3.69 -20.93 14.78
CA ILE A 206 -5.13 -21.10 15.11
C ILE A 206 -5.70 -19.67 15.20
N ALA A 207 -6.50 -19.35 14.20
CA ALA A 207 -7.11 -18.10 14.10
C ALA A 207 -8.58 -18.23 14.52
N LEU A 208 -9.03 -17.28 15.36
CA LEU A 208 -10.42 -17.21 15.83
C LEU A 208 -11.07 -15.97 15.26
N TYR A 209 -12.04 -16.18 14.40
CA TYR A 209 -12.73 -15.11 13.70
C TYR A 209 -14.02 -14.72 14.43
N ASP A 210 -14.06 -13.45 14.87
CA ASP A 210 -15.20 -12.88 15.51
C ASP A 210 -16.20 -12.55 14.41
N ASP A 211 -17.07 -13.54 14.13
CA ASP A 211 -18.03 -13.46 13.10
C ASP A 211 -19.32 -12.83 13.64
N ASN A 212 -19.34 -11.49 13.75
CA ASN A 212 -20.44 -10.82 14.40
C ASN A 212 -21.41 -10.05 13.49
N LYS A 213 -21.21 -10.14 12.18
CA LYS A 213 -22.06 -9.53 11.20
C LYS A 213 -22.14 -8.03 11.25
N ILE A 214 -21.18 -7.41 11.87
CA ILE A 214 -21.16 -5.92 12.08
C ILE A 214 -19.77 -5.40 11.72
N SER A 215 -19.76 -4.29 11.01
CA SER A 215 -18.56 -3.44 10.87
C SER A 215 -19.01 -1.99 11.08
N ILE A 216 -18.21 -1.00 10.70
CA ILE A 216 -18.56 0.40 11.04
C ILE A 216 -19.78 0.90 10.27
N ASP A 217 -19.91 0.48 8.99
CA ASP A 217 -20.98 0.97 8.15
C ASP A 217 -22.33 0.32 8.51
N GLY A 218 -22.30 -0.74 9.30
CA GLY A 218 -23.49 -1.43 9.74
C GLY A 218 -23.34 -2.92 9.53
N HIS A 219 -24.48 -3.58 9.29
CA HIS A 219 -24.40 -5.02 9.01
C HIS A 219 -23.52 -5.29 7.79
N THR A 220 -22.78 -6.39 7.88
CA THR A 220 -21.79 -6.73 6.84
C THR A 220 -22.42 -7.04 5.49
N ASP A 221 -23.71 -7.35 5.47
CA ASP A 221 -24.42 -7.53 4.17
C ASP A 221 -24.44 -6.28 3.27
N ILE A 222 -24.02 -5.13 3.78
CA ILE A 222 -23.94 -3.93 2.95
C ILE A 222 -22.79 -4.05 1.94
N SER A 223 -21.74 -4.80 2.29
CA SER A 223 -20.53 -4.87 1.39
C SER A 223 -19.78 -6.20 1.40
N PHE A 224 -20.21 -7.13 2.23
CA PHE A 224 -19.38 -8.32 2.55
C PHE A 224 -20.22 -9.58 2.71
N THR A 225 -20.44 -10.27 1.59
CA THR A 225 -21.32 -11.44 1.57
C THR A 225 -20.65 -12.71 1.17
N GLU A 226 -19.34 -12.68 0.95
CA GLU A 226 -18.61 -13.84 0.52
C GLU A 226 -18.72 -14.93 1.55
N ASP A 227 -18.39 -16.14 1.16
CA ASP A 227 -18.36 -17.31 2.01
C ASP A 227 -16.89 -17.40 2.52
N VAL A 228 -16.66 -16.83 3.68
CA VAL A 228 -15.29 -16.80 4.29
C VAL A 228 -14.74 -18.22 4.54
N ALA A 229 -15.61 -19.11 5.07
CA ALA A 229 -15.17 -20.44 5.35
C ALA A 229 -14.71 -21.15 4.09
N LYS A 230 -15.47 -21.05 3.01
CA LYS A 230 -15.07 -21.62 1.73
C LYS A 230 -13.77 -21.04 1.23
N ARG A 231 -13.58 -19.71 1.38
CA ARG A 231 -12.34 -19.08 0.88
C ARG A 231 -11.16 -19.68 1.64
N TYR A 232 -11.36 -19.82 2.96
CA TYR A 232 -10.29 -20.42 3.81
C TYR A 232 -9.98 -21.86 3.46
N GLU A 233 -11.02 -22.68 3.16
CA GLU A 233 -10.78 -24.05 2.72
CA GLU A 233 -10.80 -24.06 2.70
C GLU A 233 -9.93 -24.02 1.41
N ALA A 234 -10.28 -23.12 0.50
CA ALA A 234 -9.55 -22.91 -0.74
C ALA A 234 -8.09 -22.52 -0.52
N LEU A 235 -7.80 -21.72 0.56
CA LEU A 235 -6.43 -21.40 0.90
C LEU A 235 -5.62 -22.51 1.59
N GLY A 236 -6.25 -23.62 1.90
CA GLY A 236 -5.59 -24.77 2.50
C GLY A 236 -5.75 -24.85 4.00
N TRP A 237 -6.76 -24.20 4.51
CA TRP A 237 -7.00 -24.22 5.98
C TRP A 237 -8.06 -25.21 6.35
N HIS A 238 -8.00 -25.71 7.59
CA HIS A 238 -9.10 -26.42 8.25
C HIS A 238 -10.07 -25.35 8.80
N VAL A 239 -11.37 -25.58 8.69
CA VAL A 239 -12.35 -24.59 9.18
C VAL A 239 -13.31 -25.24 10.18
N ILE A 240 -13.52 -24.61 11.33
CA ILE A 240 -14.40 -25.14 12.38
C ILE A 240 -15.42 -24.02 12.64
N HIS A 241 -16.69 -24.40 12.79
CA HIS A 241 -17.73 -23.42 12.91
C HIS A 241 -18.25 -23.49 14.34
N VAL A 242 -18.13 -22.40 15.09
CA VAL A 242 -18.79 -22.28 16.40
C VAL A 242 -19.97 -21.34 16.28
N ILE A 243 -21.18 -21.91 16.19
CA ILE A 243 -22.35 -21.09 15.83
C ILE A 243 -22.80 -20.18 17.02
N ASN A 244 -22.43 -20.55 18.26
CA ASN A 244 -22.80 -19.80 19.44
C ASN A 244 -21.60 -19.44 20.31
N GLY A 245 -20.85 -18.42 19.89
CA GLY A 245 -19.72 -17.93 20.68
C GLY A 245 -20.12 -17.15 21.93
N ASN A 246 -21.40 -16.88 22.13
CA ASN A 246 -21.81 -16.08 23.27
C ASN A 246 -21.95 -16.90 24.53
N THR A 247 -22.49 -18.11 24.43
CA THR A 247 -22.67 -18.93 25.63
C THR A 247 -22.10 -20.40 25.53
N ASP A 248 -21.58 -20.81 24.38
CA ASP A 248 -21.15 -22.24 24.21
C ASP A 248 -19.64 -22.38 24.53
N VAL A 249 -19.32 -22.26 25.81
CA VAL A 249 -17.96 -22.46 26.31
C VAL A 249 -17.48 -23.86 25.96
N ASP A 250 -18.34 -24.88 26.17
CA ASP A 250 -17.93 -26.26 25.82
C ASP A 250 -17.58 -26.45 24.33
N GLY A 251 -18.32 -25.81 23.45
CA GLY A 251 -18.04 -25.82 22.04
C GLY A 251 -16.77 -25.06 21.65
N LEU A 252 -16.46 -23.95 22.32
CA LEU A 252 -15.14 -23.29 22.14
C LEU A 252 -14.00 -24.14 22.61
N ARG A 253 -14.16 -24.87 23.74
CA ARG A 253 -13.14 -25.76 24.22
C ARG A 253 -12.89 -26.85 23.21
N ALA A 254 -13.97 -27.43 22.66
CA ALA A 254 -13.92 -28.50 21.70
C ALA A 254 -13.28 -28.04 20.35
N ALA A 255 -13.69 -26.90 19.85
CA ALA A 255 -13.09 -26.34 18.64
C ALA A 255 -11.55 -26.22 18.77
N ILE A 256 -11.11 -25.66 19.89
CA ILE A 256 -9.68 -25.42 20.10
C ILE A 256 -8.90 -26.71 20.23
N ALA A 257 -9.48 -27.68 20.92
CA ALA A 257 -8.92 -29.03 20.98
C ALA A 257 -8.80 -29.66 19.64
N GLN A 258 -9.82 -29.54 18.81
CA GLN A 258 -9.78 -30.08 17.45
C GLN A 258 -8.72 -29.40 16.55
N ALA A 259 -8.62 -28.08 16.69
CA ALA A 259 -7.59 -27.30 16.02
C ALA A 259 -6.22 -27.84 16.38
N LYS A 260 -6.00 -28.20 17.63
CA LYS A 260 -4.68 -28.71 18.02
C LYS A 260 -4.42 -30.12 17.50
N ALA A 261 -5.46 -30.92 17.32
CA ALA A 261 -5.34 -32.27 16.76
C ALA A 261 -5.17 -32.26 15.21
N VAL A 262 -5.48 -31.17 14.53
CA VAL A 262 -5.07 -30.95 13.11
C VAL A 262 -3.62 -30.51 12.97
N LYS A 263 -2.73 -31.41 12.75
CA LYS A 263 -1.34 -30.98 12.75
C LYS A 263 -0.94 -30.23 11.48
N ASP A 264 -1.71 -30.47 10.42
CA ASP A 264 -1.23 -30.44 9.06
C ASP A 264 -1.62 -29.14 8.35
N LYS A 265 -2.60 -28.43 8.87
CA LYS A 265 -3.07 -27.22 8.18
C LYS A 265 -3.32 -26.18 9.24
N PRO A 266 -3.14 -24.88 8.93
CA PRO A 266 -3.67 -23.89 9.83
C PRO A 266 -5.17 -24.02 9.99
N THR A 267 -5.71 -23.62 11.14
CA THR A 267 -7.15 -23.73 11.47
C THR A 267 -7.80 -22.38 11.70
N LEU A 268 -8.94 -22.18 11.03
CA LEU A 268 -9.83 -21.04 11.29
C LEU A 268 -11.04 -21.48 12.06
N ILE A 269 -11.23 -20.93 13.24
CA ILE A 269 -12.42 -21.15 14.00
C ILE A 269 -13.36 -19.98 13.81
N LYS A 270 -14.44 -20.22 13.08
CA LYS A 270 -15.37 -19.11 12.78
C LYS A 270 -16.35 -19.03 13.93
N VAL A 271 -16.24 -18.01 14.78
CA VAL A 271 -17.00 -17.96 16.06
C VAL A 271 -18.05 -16.86 15.93
N SER A 272 -19.28 -17.30 15.84
CA SER A 272 -20.39 -16.36 15.70
C SER A 272 -20.75 -15.70 17.06
N THR A 273 -20.70 -14.38 17.12
CA THR A 273 -20.96 -13.66 18.35
C THR A 273 -21.98 -12.55 18.05
N LEU A 274 -22.58 -12.04 19.13
CA LEU A 274 -23.29 -10.78 19.12
C LEU A 274 -22.35 -9.69 19.60
N ILE A 275 -22.08 -8.69 18.75
CA ILE A 275 -21.27 -7.52 19.18
C ILE A 275 -22.03 -6.84 20.27
N GLY A 276 -21.33 -6.50 21.33
CA GLY A 276 -21.99 -5.86 22.48
C GLY A 276 -22.96 -6.75 23.21
N TYR A 277 -22.72 -8.05 23.13
CA TYR A 277 -23.52 -9.05 23.91
C TYR A 277 -23.71 -8.56 25.37
N GLY A 278 -24.95 -8.51 25.83
CA GLY A 278 -25.27 -8.02 27.17
C GLY A 278 -25.97 -6.70 27.22
N SER A 279 -25.66 -5.80 26.28
CA SER A 279 -26.36 -4.51 26.19
C SER A 279 -27.75 -4.74 25.64
N PRO A 280 -28.78 -4.45 26.43
CA PRO A 280 -30.14 -4.71 25.85
C PRO A 280 -30.57 -3.85 24.65
N ASN A 281 -30.03 -2.65 24.52
CA ASN A 281 -30.45 -1.73 23.51
C ASN A 281 -29.45 -1.52 22.40
N LYS A 282 -28.17 -1.81 22.60
CA LYS A 282 -27.18 -1.50 21.56
C LYS A 282 -26.42 -2.74 21.05
N ALA A 283 -26.66 -3.92 21.60
CA ALA A 283 -26.04 -5.13 21.04
C ALA A 283 -26.45 -5.24 19.59
N ASP A 284 -25.57 -5.84 18.77
CA ASP A 284 -25.86 -6.11 17.35
C ASP A 284 -26.09 -4.88 16.51
N SER A 285 -25.41 -3.80 16.84
CA SER A 285 -25.54 -2.54 16.11
C SER A 285 -24.13 -2.01 15.96
N HIS A 286 -23.92 -1.17 14.95
CA HIS A 286 -22.62 -0.47 14.82
C HIS A 286 -22.37 0.67 15.86
N ASP A 287 -23.45 1.09 16.61
CA ASP A 287 -23.30 2.08 17.77
C ASP A 287 -22.57 1.53 19.02
N VAL A 288 -22.41 0.23 19.10
CA VAL A 288 -21.64 -0.36 20.19
C VAL A 288 -20.20 -0.67 19.70
N HIS A 289 -19.96 -0.50 18.40
CA HIS A 289 -18.64 -0.77 17.82
C HIS A 289 -17.55 0.10 18.48
N GLY A 290 -17.87 1.39 18.57
CA GLY A 290 -16.82 2.36 18.78
C GLY A 290 -17.10 3.61 19.56
N ALA A 291 -18.02 3.53 20.50
CA ALA A 291 -18.38 4.63 21.37
C ALA A 291 -18.73 3.98 22.70
N PRO A 292 -18.47 4.70 23.79
CA PRO A 292 -18.70 4.09 25.10
C PRO A 292 -20.20 3.82 25.26
N LEU A 293 -20.57 2.84 26.10
CA LEU A 293 -21.99 2.55 26.31
C LEU A 293 -22.66 3.78 26.91
N GLY A 294 -21.91 4.50 27.78
CA GLY A 294 -22.47 5.62 28.50
C GLY A 294 -23.37 5.19 29.70
N PRO A 295 -23.85 6.18 30.49
CA PRO A 295 -24.30 5.78 31.82
C PRO A 295 -25.63 5.08 31.88
N ASP A 296 -26.61 5.51 31.09
CA ASP A 296 -27.91 4.78 31.15
C ASP A 296 -27.80 3.36 30.60
N GLU A 297 -27.17 3.20 29.45
CA GLU A 297 -27.02 1.84 28.90
C GLU A 297 -26.07 0.97 29.76
N THR A 298 -25.08 1.58 30.41
CA THR A 298 -24.25 0.83 31.28
C THR A 298 -25.06 0.22 32.44
N ALA A 299 -25.82 1.06 33.13
CA ALA A 299 -26.80 0.62 34.11
C ALA A 299 -27.69 -0.49 33.56
N ALA A 300 -28.16 -0.34 32.33
CA ALA A 300 -29.13 -1.30 31.76
C ALA A 300 -28.44 -2.64 31.47
N THR A 301 -27.16 -2.56 31.05
CA THR A 301 -26.33 -3.78 30.82
C THR A 301 -25.97 -4.52 32.12
N ARG A 302 -25.61 -3.79 33.17
CA ARG A 302 -25.42 -4.36 34.50
C ARG A 302 -26.65 -5.13 34.97
N LYS A 303 -27.80 -4.52 34.80
CA LYS A 303 -29.03 -5.15 35.21
C LYS A 303 -29.35 -6.37 34.32
N ASN A 304 -29.09 -6.27 33.02
CA ASN A 304 -29.43 -7.31 32.06
C ASN A 304 -28.50 -8.50 32.28
N LEU A 305 -27.26 -8.25 32.66
CA LEU A 305 -26.35 -9.37 32.96
C LEU A 305 -26.28 -9.77 34.46
N ASN A 306 -27.18 -9.24 35.27
CA ASN A 306 -27.20 -9.54 36.70
C ASN A 306 -25.90 -9.30 37.45
N TRP A 307 -25.32 -8.11 37.24
CA TRP A 307 -23.93 -7.87 37.66
C TRP A 307 -23.96 -6.82 38.70
N PRO A 308 -23.85 -7.18 39.99
CA PRO A 308 -23.98 -6.12 41.04
C PRO A 308 -22.69 -5.36 41.44
N TYR A 309 -21.59 -5.68 40.77
CA TYR A 309 -20.29 -5.11 41.10
C TYR A 309 -20.07 -3.69 40.55
N GLY A 310 -19.52 -2.80 41.39
CA GLY A 310 -19.31 -1.42 41.02
C GLY A 310 -18.22 -1.24 39.95
N GLU A 311 -17.95 0.01 39.63
CA GLU A 311 -17.04 0.41 38.55
C GLU A 311 -15.64 -0.13 38.81
N PHE A 312 -15.10 -0.87 37.86
CA PHE A 312 -13.77 -1.48 37.94
C PHE A 312 -13.65 -2.49 39.09
N GLU A 313 -14.75 -2.89 39.70
CA GLU A 313 -14.73 -3.91 40.74
C GLU A 313 -14.86 -5.36 40.17
N VAL A 314 -13.76 -6.09 40.15
CA VAL A 314 -13.77 -7.50 39.81
C VAL A 314 -13.88 -8.27 41.13
N PRO A 315 -14.91 -9.17 41.30
CA PRO A 315 -14.99 -9.89 42.57
C PRO A 315 -13.75 -10.75 42.80
N GLN A 316 -13.37 -10.90 44.06
CA GLN A 316 -12.11 -11.55 44.36
C GLN A 316 -12.06 -13.00 43.87
N ASP A 317 -13.22 -13.68 43.87
CA ASP A 317 -13.22 -15.05 43.42
C ASP A 317 -12.91 -15.20 41.91
N VAL A 318 -13.20 -14.15 41.14
CA VAL A 318 -12.80 -14.13 39.71
C VAL A 318 -11.31 -13.94 39.58
N TYR A 319 -10.74 -13.02 40.37
CA TYR A 319 -9.30 -12.96 40.39
C TYR A 319 -8.68 -14.26 40.81
N ASP A 320 -9.27 -14.94 41.81
CA ASP A 320 -8.69 -16.20 42.24
C ASP A 320 -8.58 -17.20 41.08
N VAL A 321 -9.58 -17.17 40.18
CA VAL A 321 -9.53 -18.01 39.01
C VAL A 321 -8.45 -17.53 38.05
N PHE A 322 -8.59 -16.33 37.50
CA PHE A 322 -7.62 -15.94 36.47
C PHE A 322 -6.18 -15.84 36.95
N ARG A 323 -5.98 -15.41 38.21
CA ARG A 323 -4.62 -15.28 38.82
C ARG A 323 -3.95 -16.61 39.04
N GLY A 324 -4.70 -17.73 38.81
CA GLY A 324 -4.12 -19.06 38.72
C GLY A 324 -3.13 -19.21 37.59
N ALA A 325 -3.20 -18.32 36.61
CA ALA A 325 -2.16 -18.24 35.57
C ALA A 325 -0.74 -18.09 36.06
N ILE A 326 -0.59 -17.40 37.18
CA ILE A 326 0.74 -17.23 37.78
C ILE A 326 1.37 -18.54 38.19
N LYS A 327 0.71 -19.37 39.02
CA LYS A 327 1.34 -20.63 39.42
C LYS A 327 1.51 -21.56 38.19
N ARG A 328 0.49 -21.59 37.33
CA ARG A 328 0.55 -22.38 36.10
C ARG A 328 1.73 -21.94 35.20
N GLY A 329 1.90 -20.61 35.08
CA GLY A 329 2.90 -20.06 34.17
C GLY A 329 4.32 -20.35 34.69
N ALA A 330 4.47 -20.20 36.02
CA ALA A 330 5.75 -20.59 36.67
C ALA A 330 6.09 -22.05 36.48
N GLU A 331 5.10 -22.91 36.57
CA GLU A 331 5.29 -24.32 36.29
C GLU A 331 5.70 -24.63 34.87
N GLU A 332 4.99 -24.01 33.91
CA GLU A 332 5.26 -24.26 32.50
C GLU A 332 6.70 -23.83 32.18
N GLU A 333 7.12 -22.69 32.72
CA GLU A 333 8.43 -22.20 32.44
C GLU A 333 9.50 -23.07 33.08
N ALA A 334 9.26 -23.52 34.29
CA ALA A 334 10.21 -24.48 34.97
C ALA A 334 10.33 -25.81 34.19
N ASN A 335 9.18 -26.35 33.81
CA ASN A 335 9.16 -27.54 32.96
C ASN A 335 10.00 -27.36 31.67
N TRP A 336 9.88 -26.19 31.02
CA TRP A 336 10.69 -25.93 29.85
C TRP A 336 12.19 -25.90 30.17
N HIS A 337 12.58 -25.25 31.27
CA HIS A 337 13.99 -25.23 31.70
C HIS A 337 14.52 -26.68 31.89
N LYS A 338 13.71 -27.55 32.47
CA LYS A 338 14.08 -28.97 32.59
C LYS A 338 14.26 -29.65 31.25
N ALA A 339 13.38 -29.33 30.29
CA ALA A 339 13.47 -29.94 28.95
C ALA A 339 14.75 -29.46 28.30
N CYS A 340 15.13 -28.19 28.52
CA CYS A 340 16.34 -27.59 27.96
C CYS A 340 17.61 -28.24 28.62
N ALA A 341 17.54 -28.46 29.92
CA ALA A 341 18.69 -29.13 30.66
C ALA A 341 18.91 -30.54 30.13
N GLU A 342 17.81 -31.28 29.92
CA GLU A 342 17.84 -32.63 29.37
C GLU A 342 18.35 -32.66 27.94
N TYR A 343 17.90 -31.69 27.17
CA TYR A 343 18.45 -31.52 25.82
C TYR A 343 19.93 -31.23 25.82
N LYS A 344 20.34 -30.26 26.61
CA LYS A 344 21.73 -29.83 26.64
C LYS A 344 22.68 -30.99 27.06
N ALA A 345 22.17 -31.89 27.87
CA ALA A 345 22.97 -33.03 28.33
C ALA A 345 23.28 -33.98 27.19
N LYS A 346 22.33 -34.27 26.29
CA LYS A 346 22.57 -35.15 25.15
C LYS A 346 23.08 -34.46 23.90
N TYR A 347 22.73 -33.18 23.76
CA TYR A 347 23.09 -32.41 22.56
C TYR A 347 23.73 -31.08 22.95
N PRO A 348 24.94 -31.12 23.56
CA PRO A 348 25.63 -29.88 23.94
C PRO A 348 25.98 -28.94 22.81
N LYS A 349 26.32 -29.46 21.64
CA LYS A 349 26.77 -28.57 20.52
C LYS A 349 25.54 -27.82 19.95
N GLU A 350 24.49 -28.57 19.77
CA GLU A 350 23.24 -27.96 19.23
C GLU A 350 22.69 -27.01 20.24
N TRP A 351 22.68 -27.40 21.51
CA TRP A 351 22.28 -26.45 22.53
C TRP A 351 23.04 -25.16 22.51
N ALA A 352 24.35 -25.23 22.36
CA ALA A 352 25.12 -24.00 22.35
C ALA A 352 24.69 -23.01 21.23
N GLU A 353 24.44 -23.56 20.07
CA GLU A 353 23.99 -22.83 18.88
C GLU A 353 22.60 -22.29 19.11
N PHE A 354 21.70 -23.11 19.65
CA PHE A 354 20.32 -22.60 20.02
C PHE A 354 20.42 -21.41 20.98
N GLU A 355 21.21 -21.55 22.04
CA GLU A 355 21.36 -20.49 23.04
C GLU A 355 21.89 -19.22 22.45
N ALA A 356 22.92 -19.35 21.61
CA ALA A 356 23.58 -18.18 21.07
C ALA A 356 22.65 -17.38 20.14
N LEU A 357 21.91 -18.12 19.32
CA LEU A 357 20.88 -17.54 18.41
C LEU A 357 19.77 -16.89 19.22
N THR A 358 19.12 -17.64 20.13
CA THR A 358 17.91 -17.09 20.82
C THR A 358 18.16 -16.00 21.80
N SER A 359 19.46 -15.82 22.14
CA SER A 359 19.88 -14.73 23.01
C SER A 359 19.76 -13.40 22.33
N CYS A 360 19.66 -13.40 21.02
CA CYS A 360 19.52 -12.14 20.25
C CYS A 360 20.82 -11.39 20.13
N LYS A 361 21.92 -11.93 20.65
CA LYS A 361 23.22 -11.31 20.51
C LYS A 361 23.81 -11.67 19.20
N LEU A 362 24.41 -10.70 18.53
CA LEU A 362 24.96 -10.95 17.22
C LEU A 362 26.31 -11.57 17.45
N PRO A 363 26.72 -12.51 16.60
CA PRO A 363 27.98 -13.27 16.75
C PRO A 363 29.12 -12.32 16.71
N GLU A 364 30.15 -12.55 17.52
CA GLU A 364 31.33 -11.66 17.53
C GLU A 364 31.99 -11.56 16.17
N ASN A 365 32.33 -10.38 15.73
CA ASN A 365 32.98 -10.20 14.40
C ASN A 365 32.21 -10.57 13.18
N TRP A 366 30.89 -10.64 13.25
CA TRP A 366 30.12 -10.88 12.02
C TRP A 366 30.46 -9.85 10.94
N GLU A 367 30.75 -8.62 11.31
CA GLU A 367 31.05 -7.54 10.34
C GLU A 367 32.26 -7.82 9.44
N ALA A 368 33.15 -8.66 9.94
CA ALA A 368 34.33 -9.07 9.16
C ALA A 368 34.03 -9.98 7.93
N ALA A 369 32.81 -10.55 7.87
CA ALA A 369 32.35 -11.30 6.74
C ALA A 369 32.13 -10.44 5.52
N LEU A 370 31.92 -9.15 5.70
CA LEU A 370 31.64 -8.23 4.59
C LEU A 370 32.90 -7.96 3.76
N PRO A 371 32.83 -8.17 2.44
CA PRO A 371 34.03 -7.87 1.68
C PRO A 371 34.24 -6.41 1.49
N HIS A 372 35.43 -6.05 1.00
CA HIS A 372 35.75 -4.66 0.71
C HIS A 372 36.14 -4.43 -0.73
N PHE A 373 36.07 -3.21 -1.21
CA PHE A 373 36.26 -2.92 -2.63
C PHE A 373 37.25 -1.81 -2.79
N LYS A 374 37.81 -1.72 -4.00
CA LYS A 374 38.73 -0.61 -4.33
C LYS A 374 38.37 -0.10 -5.72
N PRO A 375 38.83 1.11 -6.07
CA PRO A 375 38.40 1.62 -7.38
C PRO A 375 38.82 0.82 -8.58
N GLU A 376 39.95 0.12 -8.41
CA GLU A 376 40.43 -0.78 -9.39
C GLU A 376 39.45 -1.93 -9.72
N ASP A 377 38.55 -2.30 -8.79
CA ASP A 377 37.65 -3.44 -8.99
C ASP A 377 36.50 -3.01 -9.93
N LYS A 378 36.22 -3.81 -10.98
CA LYS A 378 35.27 -3.38 -12.04
C LYS A 378 33.94 -3.23 -11.38
N GLY A 379 33.22 -2.20 -11.79
CA GLY A 379 31.90 -1.85 -11.23
C GLY A 379 30.81 -2.93 -11.38
N LEU A 380 29.95 -3.05 -10.36
CA LEU A 380 28.78 -3.89 -10.46
C LEU A 380 27.59 -3.07 -10.03
N ALA A 381 26.41 -3.59 -10.35
CA ALA A 381 25.17 -3.00 -9.92
C ALA A 381 25.12 -3.19 -8.41
N THR A 382 24.49 -2.26 -7.71
CA THR A 382 24.28 -2.48 -6.28
C THR A 382 23.32 -3.63 -5.95
N ARG A 383 22.44 -4.04 -6.87
CA ARG A 383 21.74 -5.31 -6.64
C ARG A 383 22.67 -6.54 -6.59
N GLN A 384 23.76 -6.50 -7.38
CA GLN A 384 24.79 -7.53 -7.36
C GLN A 384 25.60 -7.44 -6.08
N HIS A 385 25.98 -6.23 -5.64
CA HIS A 385 26.64 -6.11 -4.38
C HIS A 385 25.74 -6.65 -3.27
N SER A 386 24.44 -6.43 -3.38
CA SER A 386 23.50 -6.86 -2.33
C SER A 386 23.51 -8.36 -2.17
N GLN A 387 23.45 -9.06 -3.31
CA GLN A 387 23.58 -10.52 -3.41
C GLN A 387 24.87 -10.99 -2.69
N THR A 388 25.97 -10.25 -2.93
CA THR A 388 27.23 -10.58 -2.30
C THR A 388 27.09 -10.46 -0.77
N MET A 389 26.47 -9.38 -0.30
CA MET A 389 26.33 -9.20 1.15
C MET A 389 25.44 -10.24 1.78
N ILE A 390 24.30 -10.56 1.20
CA ILE A 390 23.44 -11.59 1.76
C ILE A 390 24.23 -12.95 1.88
N ASN A 391 24.91 -13.35 0.80
CA ASN A 391 25.70 -14.59 0.83
C ASN A 391 26.95 -14.54 1.72
N ALA A 392 27.50 -13.36 1.91
CA ALA A 392 28.61 -13.21 2.86
C ALA A 392 28.12 -13.30 4.29
N LEU A 393 26.94 -12.74 4.55
CA LEU A 393 26.36 -12.78 5.88
C LEU A 393 25.68 -14.02 6.34
N ALA A 394 25.09 -14.76 5.45
CA ALA A 394 24.28 -15.87 5.83
C ALA A 394 25.05 -16.92 6.67
N PRO A 395 26.27 -17.26 6.26
CA PRO A 395 26.96 -18.27 7.14
C PRO A 395 27.49 -17.66 8.44
N ALA A 396 27.62 -16.34 8.50
CA ALA A 396 28.02 -15.67 9.73
C ALA A 396 26.90 -15.34 10.73
N LEU A 397 25.65 -15.33 10.23
CA LEU A 397 24.48 -14.92 11.02
C LEU A 397 23.45 -16.05 10.90
N PRO A 398 23.42 -16.93 11.89
CA PRO A 398 22.51 -18.04 11.90
C PRO A 398 21.04 -17.67 11.82
N GLY A 399 20.68 -16.46 12.23
CA GLY A 399 19.30 -15.99 12.20
C GLY A 399 18.84 -15.37 10.93
N LEU A 400 19.73 -15.13 9.97
CA LEU A 400 19.32 -14.43 8.74
C LEU A 400 18.33 -15.33 7.98
N ILE A 401 17.16 -14.79 7.65
CA ILE A 401 16.10 -15.54 6.99
C ILE A 401 15.32 -14.59 6.12
N GLY A 402 14.85 -15.04 4.96
CA GLY A 402 14.05 -14.19 4.11
C GLY A 402 14.08 -14.42 2.62
N GLY A 403 13.52 -13.47 1.88
CA GLY A 403 13.51 -13.58 0.46
C GLY A 403 12.62 -12.58 -0.24
N SER A 404 12.44 -12.85 -1.52
CA SER A 404 11.76 -11.94 -2.46
C SER A 404 10.31 -12.38 -2.71
N ALA A 405 9.54 -11.38 -3.09
CA ALA A 405 8.16 -11.52 -3.55
C ALA A 405 8.16 -11.83 -5.10
N ASP A 406 8.46 -13.09 -5.41
CA ASP A 406 8.52 -13.64 -6.78
C ASP A 406 9.58 -13.02 -7.68
N LEU A 407 10.60 -12.37 -7.11
CA LEU A 407 11.60 -11.69 -7.91
C LEU A 407 13.05 -12.14 -7.57
N ALA A 408 13.23 -13.31 -7.03
CA ALA A 408 14.59 -13.78 -6.73
C ALA A 408 15.64 -13.67 -7.90
N PRO A 409 15.26 -13.95 -9.16
CA PRO A 409 16.26 -13.85 -10.19
C PRO A 409 16.53 -12.43 -10.61
N SER A 410 15.71 -11.46 -10.13
CA SER A 410 15.96 -10.05 -10.41
C SER A 410 16.48 -9.24 -9.25
N ASN A 411 15.99 -9.50 -8.05
CA ASN A 411 16.41 -8.76 -6.90
C ASN A 411 17.75 -9.37 -6.40
N LEU A 412 18.00 -10.62 -6.83
CA LEU A 412 19.25 -11.41 -6.47
C LEU A 412 19.38 -11.66 -4.93
N THR A 413 18.38 -12.30 -4.37
CA THR A 413 18.22 -12.46 -2.93
C THR A 413 18.42 -13.85 -2.29
N LEU A 414 18.63 -14.86 -3.10
CA LEU A 414 18.80 -16.19 -2.57
C LEU A 414 20.08 -16.38 -1.77
N MET A 415 19.96 -17.07 -0.61
CA MET A 415 21.10 -17.53 0.14
C MET A 415 21.48 -18.91 -0.40
N LYS A 416 22.66 -19.01 -1.03
CA LYS A 416 23.15 -20.25 -1.66
C LYS A 416 23.31 -21.35 -0.64
N ILE A 417 23.60 -21.00 0.59
CA ILE A 417 23.76 -22.03 1.59
C ILE A 417 22.51 -22.70 2.14
N SER A 418 21.33 -22.34 1.66
CA SER A 418 20.13 -22.94 2.21
C SER A 418 19.16 -23.20 1.08
N GLY A 419 18.19 -24.05 1.36
CA GLY A 419 17.08 -24.31 0.48
C GLY A 419 15.91 -23.42 0.77
N ASP A 420 14.74 -23.89 0.40
CA ASP A 420 13.50 -23.09 0.44
C ASP A 420 12.63 -23.62 1.57
N PHE A 421 12.25 -22.72 2.45
CA PHE A 421 11.22 -23.01 3.46
C PHE A 421 9.93 -23.50 2.82
N GLN A 422 9.50 -24.70 3.17
CA GLN A 422 8.26 -25.27 2.64
C GLN A 422 7.71 -26.21 3.71
N LYS A 423 6.49 -26.68 3.49
CA LYS A 423 5.98 -27.61 4.52
C LYS A 423 6.82 -28.86 4.59
N GLY A 424 7.44 -29.31 3.52
CA GLY A 424 8.44 -30.46 3.89
C GLY A 424 9.71 -30.16 4.75
N SER A 425 10.03 -28.88 4.90
CA SER A 425 11.36 -28.48 5.01
C SER A 425 11.47 -27.09 5.71
N TYR A 426 10.98 -27.03 6.93
CA TYR A 426 10.93 -25.80 7.73
C TYR A 426 12.27 -25.24 8.22
N ALA A 427 13.34 -26.09 8.24
CA ALA A 427 14.63 -25.64 8.65
C ALA A 427 15.36 -24.82 7.56
N GLU A 428 14.83 -24.83 6.35
CA GLU A 428 15.45 -24.05 5.28
C GLU A 428 15.10 -22.53 5.44
N ARG A 429 15.93 -21.68 4.87
CA ARG A 429 15.97 -20.30 5.34
C ARG A 429 15.54 -19.30 4.18
N ASN A 430 15.44 -19.75 2.93
CA ASN A 430 14.97 -18.90 1.86
C ASN A 430 13.40 -18.94 1.85
N LEU A 431 12.80 -17.77 2.09
CA LEU A 431 11.31 -17.59 2.11
C LEU A 431 10.87 -17.10 0.77
N ARG A 432 10.00 -17.88 0.12
CA ARG A 432 9.56 -17.57 -1.22
C ARG A 432 8.15 -17.06 -1.16
N PHE A 433 8.01 -15.74 -1.14
CA PHE A 433 6.68 -15.12 -0.83
C PHE A 433 5.62 -15.08 -1.95
N GLY A 434 6.00 -15.38 -3.21
CA GLY A 434 5.17 -15.13 -4.35
C GLY A 434 4.82 -13.62 -4.45
N VAL A 435 3.82 -13.32 -5.30
CA VAL A 435 3.46 -11.90 -5.59
C VAL A 435 2.58 -11.30 -4.48
N ARG A 436 3.20 -11.06 -3.31
CA ARG A 436 2.48 -10.74 -2.08
C ARG A 436 3.24 -9.78 -1.24
N GLU A 437 3.50 -8.60 -1.79
CA GLU A 437 4.43 -7.71 -1.08
C GLU A 437 3.97 -7.37 0.32
N HIS A 438 2.68 -7.05 0.43
CA HIS A 438 2.19 -6.48 1.68
C HIS A 438 2.27 -7.51 2.80
N ALA A 439 1.75 -8.71 2.55
CA ALA A 439 1.82 -9.79 3.51
C ALA A 439 3.27 -10.13 3.84
N MET A 440 4.15 -10.07 2.86
CA MET A 440 5.54 -10.39 3.05
C MET A 440 6.15 -9.46 4.10
N GLY A 441 5.90 -8.16 4.00
CA GLY A 441 6.45 -7.21 5.00
C GLY A 441 5.86 -7.56 6.40
N ALA A 442 4.56 -7.77 6.49
CA ALA A 442 3.90 -8.07 7.78
C ALA A 442 4.35 -9.42 8.42
N ILE A 443 4.55 -10.44 7.57
CA ILE A 443 5.13 -11.70 8.01
C ILE A 443 6.51 -11.44 8.64
N CYS A 444 7.32 -10.68 7.96
CA CYS A 444 8.69 -10.41 8.45
C CYS A 444 8.64 -9.70 9.82
N ASN A 445 7.69 -8.78 10.03
CA ASN A 445 7.44 -8.17 11.32
C ASN A 445 7.19 -9.23 12.37
N GLY A 446 6.40 -10.25 12.09
CA GLY A 446 6.15 -11.32 13.02
C GLY A 446 7.42 -12.11 13.31
N ILE A 447 8.21 -12.38 12.28
CA ILE A 447 9.42 -13.20 12.46
C ILE A 447 10.36 -12.45 13.43
N ALA A 448 10.57 -11.16 13.15
CA ALA A 448 11.46 -10.31 13.97
C ALA A 448 10.98 -10.27 15.46
N LEU A 449 9.67 -10.04 15.60
CA LEU A 449 9.03 -9.81 16.88
C LEU A 449 8.77 -11.11 17.64
N HIS A 450 9.07 -12.25 17.07
CA HIS A 450 9.19 -13.46 17.86
C HIS A 450 10.29 -13.37 18.94
N LYS A 451 11.25 -12.50 18.70
CA LYS A 451 12.33 -12.15 19.67
C LYS A 451 13.18 -13.41 20.01
N SER A 452 13.51 -14.14 18.96
CA SER A 452 14.27 -15.36 18.95
CA SER A 452 14.29 -15.34 19.03
C SER A 452 15.58 -15.24 18.22
N GLY A 453 15.94 -14.05 17.81
CA GLY A 453 17.18 -13.87 17.09
C GLY A 453 17.12 -13.98 15.59
N LEU A 454 15.91 -14.20 15.03
CA LEU A 454 15.75 -14.18 13.61
C LEU A 454 15.80 -12.78 13.04
N ILE A 455 16.54 -12.65 11.94
CA ILE A 455 16.81 -11.39 11.23
C ILE A 455 16.21 -11.48 9.84
N PRO A 456 14.97 -10.94 9.65
CA PRO A 456 14.30 -11.14 8.39
C PRO A 456 14.59 -10.07 7.41
N TYR A 457 14.85 -10.50 6.20
CA TYR A 457 14.97 -9.63 5.05
C TYR A 457 13.94 -9.98 3.98
N CYS A 458 13.44 -8.96 3.25
CA CYS A 458 12.48 -9.21 2.19
C CYS A 458 12.73 -8.25 1.06
N ALA A 459 12.19 -8.56 -0.09
CA ALA A 459 12.57 -7.86 -1.30
C ALA A 459 11.47 -7.79 -2.36
N THR A 460 11.49 -6.67 -3.10
CA THR A 460 10.85 -6.51 -4.36
C THR A 460 11.52 -5.38 -5.14
N PHE A 461 10.97 -5.00 -6.29
CA PHE A 461 11.37 -3.78 -6.92
C PHE A 461 10.95 -2.65 -6.02
N TYR A 462 11.81 -1.64 -5.89
CA TYR A 462 11.56 -0.50 -5.02
C TYR A 462 10.19 0.14 -5.26
N ILE A 463 9.76 0.16 -6.49
CA ILE A 463 8.43 0.76 -6.88
C ILE A 463 7.29 0.12 -6.12
N PHE A 464 7.44 -1.15 -5.75
CA PHE A 464 6.31 -1.86 -5.18
C PHE A 464 6.31 -1.84 -3.65
N THR A 465 7.21 -1.05 -3.05
CA THR A 465 7.01 -0.61 -1.69
C THR A 465 5.64 0.03 -1.52
N ASP A 466 5.10 0.56 -2.61
CA ASP A 466 3.74 1.16 -2.53
C ASP A 466 2.70 0.13 -2.13
N TYR A 467 2.87 -1.16 -2.50
CA TYR A 467 1.88 -2.15 -2.14
C TYR A 467 1.95 -2.54 -0.66
N MET A 468 3.13 -2.32 -0.04
CA MET A 468 3.43 -2.88 1.30
C MET A 468 3.76 -1.78 2.33
N ARG A 469 3.36 -0.56 2.03
CA ARG A 469 3.75 0.58 2.81
C ARG A 469 3.32 0.53 4.30
N ASN A 470 2.09 0.10 4.61
CA ASN A 470 1.69 0.05 6.00
C ASN A 470 2.54 -0.94 6.83
N ALA A 471 2.83 -2.09 6.27
CA ALA A 471 3.69 -3.05 6.98
C ALA A 471 5.06 -2.48 7.27
N MET A 472 5.58 -1.77 6.30
CA MET A 472 6.92 -1.10 6.52
C MET A 472 6.85 -0.04 7.65
N ARG A 473 5.84 0.80 7.61
CA ARG A 473 5.58 1.76 8.67
C ARG A 473 5.42 1.05 9.98
N MET A 474 4.80 -0.13 9.96
CA MET A 474 4.66 -0.92 11.18
C MET A 474 6.00 -1.43 11.74
N SER A 475 6.96 -1.70 10.87
CA SER A 475 8.31 -2.17 11.28
C SER A 475 8.90 -1.02 12.05
N ALA A 476 8.80 0.17 11.48
CA ALA A 476 9.30 1.38 12.13
C ALA A 476 8.64 1.69 13.48
N LEU A 477 7.32 1.63 13.52
CA LEU A 477 6.60 1.89 14.76
C LEU A 477 6.83 0.83 15.85
N SER A 478 6.93 -0.42 15.46
CA SER A 478 7.02 -1.46 16.45
CA SER A 478 7.05 -1.53 16.37
C SER A 478 8.48 -1.82 16.82
N GLU A 479 9.43 -1.14 16.21
CA GLU A 479 10.87 -1.38 16.45
C GLU A 479 11.30 -2.76 16.06
N ALA A 480 10.85 -3.19 14.88
CA ALA A 480 11.23 -4.48 14.32
C ALA A 480 12.33 -4.24 13.24
N GLY A 481 13.51 -4.85 13.45
CA GLY A 481 14.62 -4.67 12.52
C GLY A 481 14.52 -5.48 11.25
N VAL A 482 13.45 -5.27 10.46
CA VAL A 482 13.29 -5.87 9.17
C VAL A 482 14.19 -5.14 8.15
N VAL A 483 14.85 -5.94 7.32
CA VAL A 483 15.76 -5.42 6.24
C VAL A 483 15.05 -5.47 4.90
N TYR A 484 14.65 -4.30 4.37
CA TYR A 484 13.98 -4.21 3.12
C TYR A 484 14.96 -3.98 1.95
N VAL A 485 15.08 -4.98 1.09
CA VAL A 485 16.09 -5.04 0.02
C VAL A 485 15.34 -4.73 -1.31
N MET A 486 15.54 -3.53 -1.83
CA MET A 486 14.62 -2.91 -2.84
C MET A 486 15.43 -2.50 -4.08
N THR A 487 15.32 -3.34 -5.13
CA THR A 487 16.16 -3.19 -6.35
C THR A 487 15.46 -2.36 -7.42
N HIS A 488 16.19 -2.03 -8.49
CA HIS A 488 15.59 -1.36 -9.63
C HIS A 488 15.07 0.00 -9.22
N ASP A 489 15.93 0.76 -8.59
CA ASP A 489 15.56 1.89 -7.80
C ASP A 489 15.21 3.18 -8.53
N SER A 490 15.31 3.18 -9.85
CA SER A 490 15.11 4.39 -10.65
C SER A 490 14.85 4.10 -12.11
N ILE A 491 14.80 5.20 -12.89
CA ILE A 491 14.77 5.13 -14.34
C ILE A 491 15.92 4.28 -14.91
N GLY A 492 16.96 3.99 -14.13
CA GLY A 492 17.99 3.09 -14.64
C GLY A 492 17.49 1.70 -15.03
N LEU A 493 16.32 1.30 -14.53
CA LEU A 493 15.75 0.05 -14.96
C LEU A 493 15.32 0.04 -16.41
N GLY A 494 15.07 1.21 -17.02
CA GLY A 494 14.76 1.20 -18.44
C GLY A 494 13.35 0.93 -18.90
N GLU A 495 13.22 -0.01 -19.83
CA GLU A 495 12.09 -0.13 -20.73
C GLU A 495 10.75 -0.46 -20.05
N ASP A 496 10.77 -1.05 -18.88
CA ASP A 496 9.49 -1.39 -18.27
C ASP A 496 8.66 -0.16 -18.02
N GLY A 497 9.30 1.00 -17.93
CA GLY A 497 8.56 2.23 -17.94
C GLY A 497 8.01 2.75 -16.61
N PRO A 498 7.12 3.78 -16.70
CA PRO A 498 6.83 4.61 -15.55
C PRO A 498 6.04 3.91 -14.46
N THR A 499 5.33 2.83 -14.78
CA THR A 499 4.64 2.07 -13.74
C THR A 499 5.64 1.33 -12.85
N HIS A 500 6.88 1.21 -13.30
CA HIS A 500 7.91 0.47 -12.58
C HIS A 500 9.05 1.39 -12.00
N GLN A 501 9.07 2.69 -12.35
CA GLN A 501 10.24 3.54 -12.03
C GLN A 501 9.92 4.39 -10.86
N PRO A 502 10.61 4.20 -9.71
CA PRO A 502 10.48 5.13 -8.58
C PRO A 502 10.84 6.56 -8.90
N ILE A 503 10.14 7.47 -8.25
CA ILE A 503 10.37 8.93 -8.41
C ILE A 503 10.27 9.56 -7.04
N GLU A 504 9.12 9.35 -6.39
CA GLU A 504 8.84 9.99 -5.08
C GLU A 504 9.25 9.12 -3.89
N HIS A 505 9.75 7.93 -4.18
CA HIS A 505 9.89 6.85 -3.15
C HIS A 505 10.93 7.18 -2.06
N LEU A 506 12.10 7.65 -2.49
CA LEU A 506 13.14 8.04 -1.52
C LEU A 506 12.58 9.11 -0.57
N ALA A 507 11.93 10.15 -1.10
CA ALA A 507 11.33 11.20 -0.30
C ALA A 507 10.32 10.63 0.70
N SER A 508 9.48 9.76 0.20
CA SER A 508 8.37 9.16 0.99
C SER A 508 8.90 8.35 2.16
N PHE A 509 10.11 7.80 2.04
CA PHE A 509 10.68 7.07 3.12
C PHE A 509 11.55 7.95 4.04
N ARG A 510 12.27 8.90 3.47
CA ARG A 510 12.97 9.88 4.30
C ARG A 510 12.00 10.60 5.26
N ALA A 511 10.75 10.82 4.86
CA ALA A 511 9.76 11.53 5.68
C ALA A 511 9.20 10.63 6.80
N MET A 512 9.31 9.33 6.61
CA MET A 512 8.73 8.36 7.56
C MET A 512 9.52 8.31 8.83
N PRO A 513 8.87 8.41 10.01
CA PRO A 513 9.64 8.38 11.24
C PRO A 513 10.33 7.05 11.45
N ASP A 514 11.55 7.07 11.98
CA ASP A 514 12.25 5.86 12.45
C ASP A 514 12.37 4.75 11.43
N MET A 515 12.56 5.14 10.18
CA MET A 515 12.97 4.24 9.14
C MET A 515 14.27 4.72 8.56
N LEU A 516 15.21 3.84 8.38
CA LEU A 516 16.50 4.21 7.73
C LEU A 516 16.26 4.04 6.24
N MET A 517 16.57 5.05 5.42
CA MET A 517 16.46 4.89 3.95
C MET A 517 17.87 5.10 3.37
N ILE A 518 18.47 3.97 3.00
CA ILE A 518 19.86 3.95 2.50
C ILE A 518 19.95 3.74 1.01
N ARG A 519 20.77 4.55 0.33
CA ARG A 519 20.96 4.42 -1.11
C ARG A 519 22.43 4.41 -1.45
N PRO A 520 23.05 3.19 -1.35
CA PRO A 520 24.51 3.09 -1.49
C PRO A 520 25.00 3.29 -2.91
N ALA A 521 26.17 3.92 -3.01
CA ALA A 521 26.89 4.03 -4.29
C ALA A 521 28.13 3.16 -4.19
N GLY A 522 28.16 2.09 -4.99
CA GLY A 522 29.30 1.17 -5.06
C GLY A 522 29.34 0.08 -4.02
N GLY A 523 30.38 -0.74 -4.13
CA GLY A 523 30.54 -1.87 -3.21
C GLY A 523 30.67 -1.58 -1.73
N ASN A 524 31.62 -0.74 -1.38
CA ASN A 524 31.86 -0.40 0.03
C ASN A 524 30.59 0.19 0.70
N GLU A 525 29.88 1.07 0.01
CA GLU A 525 28.68 1.60 0.60
C GLU A 525 27.61 0.56 0.70
N THR A 526 27.52 -0.40 -0.23
CA THR A 526 26.52 -1.47 -0.06
C THR A 526 26.84 -2.29 1.17
N ALA A 527 28.14 -2.59 1.35
CA ALA A 527 28.51 -3.37 2.56
C ALA A 527 28.16 -2.54 3.81
N GLY A 528 28.37 -1.26 3.72
CA GLY A 528 28.12 -0.38 4.82
C GLY A 528 26.61 -0.26 5.14
N ALA A 529 25.78 -0.34 4.09
CA ALA A 529 24.29 -0.32 4.26
C ALA A 529 23.91 -1.57 5.05
N TYR A 530 24.43 -2.72 4.62
CA TYR A 530 24.15 -3.98 5.31
C TYR A 530 24.70 -3.99 6.71
N LYS A 531 25.88 -3.45 6.94
CA LYS A 531 26.35 -3.34 8.31
C LYS A 531 25.44 -2.55 9.26
N VAL A 532 24.94 -1.42 8.78
CA VAL A 532 23.94 -0.63 9.48
C VAL A 532 22.65 -1.44 9.70
N ALA A 533 22.21 -2.14 8.65
CA ALA A 533 20.98 -2.82 8.72
C ALA A 533 21.04 -3.93 9.78
N ILE A 534 22.11 -4.72 9.76
CA ILE A 534 22.20 -5.87 10.66
C ILE A 534 22.37 -5.38 12.11
N ALA A 535 23.18 -4.34 12.32
CA ALA A 535 23.40 -3.76 13.62
C ALA A 535 22.10 -3.27 14.26
N ASN A 536 21.16 -2.86 13.39
CA ASN A 536 19.92 -2.27 13.84
C ASN A 536 18.85 -3.29 14.06
N ARG A 537 18.90 -4.00 15.20
CA ARG A 537 17.87 -4.94 15.50
C ARG A 537 16.58 -4.38 16.04
N LYS A 538 16.51 -3.09 16.31
CA LYS A 538 15.28 -2.44 16.73
C LYS A 538 14.78 -1.29 15.85
N ARG A 539 15.14 -1.29 14.58
CA ARG A 539 14.72 -0.20 13.67
C ARG A 539 14.93 -0.80 12.29
N PRO A 540 13.94 -0.70 11.38
CA PRO A 540 14.11 -1.25 10.05
C PRO A 540 15.00 -0.38 9.13
N THR A 541 15.52 -1.03 8.11
CA THR A 541 16.34 -0.37 7.11
C THR A 541 15.87 -0.76 5.75
N THR A 542 15.59 0.27 4.92
CA THR A 542 15.25 0.07 3.51
C THR A 542 16.50 0.47 2.68
N ILE A 543 16.92 -0.43 1.80
CA ILE A 543 18.10 -0.25 0.96
C ILE A 543 17.71 -0.18 -0.49
N ALA A 544 17.87 0.97 -1.13
CA ALA A 544 17.54 1.17 -2.53
C ALA A 544 18.76 0.82 -3.36
N LEU A 545 18.57 -0.12 -4.29
CA LEU A 545 19.65 -0.76 -5.04
C LEU A 545 19.41 -0.66 -6.51
N SER A 546 20.50 -0.56 -7.26
CA SER A 546 20.42 -0.35 -8.71
C SER A 546 20.33 -1.57 -9.56
N ARG A 547 19.67 -1.42 -10.69
CA ARG A 547 19.66 -2.46 -11.68
C ARG A 547 20.98 -2.41 -12.42
N GLN A 548 21.48 -1.23 -12.68
CA GLN A 548 22.64 -1.01 -13.55
C GLN A 548 23.97 -0.89 -12.81
N ASN A 549 25.06 -1.17 -13.52
CA ASN A 549 26.42 -1.11 -12.95
C ASN A 549 26.75 0.28 -12.51
N MET A 550 27.57 0.41 -11.49
CA MET A 550 28.27 1.67 -11.19
C MET A 550 29.69 1.43 -10.74
N PRO A 551 30.57 2.40 -11.01
CA PRO A 551 31.94 2.19 -10.53
C PRO A 551 32.15 2.24 -9.01
N ASN A 552 33.30 1.69 -8.53
CA ASN A 552 33.75 1.96 -7.21
C ASN A 552 34.57 3.25 -7.15
N ILE A 553 33.98 4.27 -6.52
CA ILE A 553 34.46 5.63 -6.58
C ILE A 553 35.46 5.79 -5.48
N PRO A 554 36.59 6.44 -5.76
CA PRO A 554 37.58 6.58 -4.67
C PRO A 554 36.99 7.29 -3.42
N ASN A 555 37.37 6.74 -2.26
CA ASN A 555 37.08 7.28 -0.91
C ASN A 555 35.64 6.90 -0.41
N CYS A 556 34.89 6.20 -1.24
CA CYS A 556 33.63 5.65 -0.77
C CYS A 556 33.96 4.59 0.23
N SER A 557 33.20 4.51 1.32
CA SER A 557 33.58 3.61 2.40
C SER A 557 32.42 3.03 3.17
N VAL A 558 32.70 1.90 3.83
CA VAL A 558 31.78 1.31 4.77
C VAL A 558 31.42 2.27 5.88
N GLU A 559 32.43 2.91 6.51
CA GLU A 559 32.21 3.82 7.62
C GLU A 559 31.41 5.07 7.26
N GLY A 560 31.56 5.55 6.04
CA GLY A 560 30.90 6.77 5.61
C GLY A 560 29.37 6.62 5.65
N VAL A 561 28.87 5.45 5.32
CA VAL A 561 27.42 5.16 5.33
C VAL A 561 26.90 5.42 6.75
N ALA A 562 27.66 5.02 7.78
CA ALA A 562 27.23 5.20 9.16
C ALA A 562 27.14 6.66 9.58
N LYS A 563 27.88 7.58 8.90
CA LYS A 563 27.75 9.00 9.11
C LYS A 563 26.61 9.65 8.34
N GLY A 564 25.98 8.89 7.41
CA GLY A 564 24.81 9.38 6.64
C GLY A 564 25.18 10.19 5.40
N ALA A 565 25.98 11.22 5.62
CA ALA A 565 26.61 11.96 4.55
C ALA A 565 28.06 12.19 4.92
N TYR A 566 28.93 12.07 3.95
CA TYR A 566 30.37 12.27 4.21
C TYR A 566 31.07 12.74 2.95
N THR A 567 32.21 13.44 3.13
CA THR A 567 32.94 14.00 2.00
C THR A 567 33.80 12.93 1.37
N ILE A 568 33.72 12.78 0.04
CA ILE A 568 34.60 11.86 -0.65
C ILE A 568 35.67 12.53 -1.53
N HIS A 569 35.56 13.82 -1.73
CA HIS A 569 36.50 14.59 -2.56
C HIS A 569 36.55 16.05 -2.19
N ASP A 570 37.77 16.61 -2.06
CA ASP A 570 37.97 18.04 -2.02
C ASP A 570 39.01 18.38 -3.05
N THR A 571 38.90 19.48 -3.73
CA THR A 571 40.03 19.74 -4.68
C THR A 571 41.36 20.03 -3.97
N LYS A 572 41.33 20.85 -2.94
CA LYS A 572 42.52 21.07 -2.10
C LYS A 572 42.22 20.86 -0.62
N ALA A 573 43.01 20.04 0.01
CA ALA A 573 43.02 19.97 1.48
C ALA A 573 43.19 21.36 2.11
N GLY A 574 42.31 21.65 3.06
CA GLY A 574 42.32 22.88 3.81
C GLY A 574 41.83 24.10 3.08
N VAL A 575 41.16 23.92 1.95
CA VAL A 575 40.70 25.08 1.20
C VAL A 575 39.22 24.87 1.01
N LYS A 576 38.47 25.89 1.38
CA LYS A 576 37.03 25.87 1.41
C LYS A 576 36.46 25.69 0.00
N PRO A 577 35.48 24.81 -0.16
CA PRO A 577 34.93 24.65 -1.53
C PRO A 577 34.23 25.91 -2.05
N ASP A 578 34.27 26.15 -3.37
CA ASP A 578 33.40 27.10 -4.03
C ASP A 578 31.95 26.57 -4.17
N VAL A 579 31.81 25.26 -4.35
CA VAL A 579 30.51 24.67 -4.69
C VAL A 579 30.55 23.26 -4.13
N ILE A 580 29.41 22.86 -3.54
CA ILE A 580 29.33 21.53 -2.98
C ILE A 580 28.36 20.73 -3.87
N LEU A 581 28.82 19.57 -4.31
CA LEU A 581 28.00 18.60 -5.14
C LEU A 581 27.69 17.39 -4.28
N MET A 582 26.41 17.10 -4.12
CA MET A 582 26.00 15.99 -3.30
C MET A 582 25.22 14.99 -4.15
N GLY A 583 25.52 13.72 -3.97
CA GLY A 583 24.97 12.66 -4.79
C GLY A 583 24.67 11.42 -3.99
N THR A 584 23.85 10.53 -4.56
CA THR A 584 23.52 9.24 -3.94
C THR A 584 23.50 8.19 -5.02
N GLY A 585 23.76 6.96 -4.58
CA GLY A 585 23.68 5.77 -5.44
C GLY A 585 24.32 5.91 -6.81
N SER A 586 23.58 5.50 -7.81
CA SER A 586 24.05 5.52 -9.16
C SER A 586 24.34 6.93 -9.65
N GLU A 587 23.88 7.96 -8.95
CA GLU A 587 24.17 9.32 -9.43
C GLU A 587 25.44 9.90 -8.81
N LEU A 588 26.04 9.23 -7.85
CA LEU A 588 27.27 9.81 -7.23
C LEU A 588 28.38 10.07 -8.28
N GLU A 589 28.43 9.19 -9.27
CA GLU A 589 29.43 9.26 -10.37
C GLU A 589 29.20 10.46 -11.24
N LEU A 590 27.97 10.96 -11.33
CA LEU A 590 27.73 12.15 -12.08
C LEU A 590 28.33 13.35 -11.33
N ALA A 591 28.18 13.38 -9.98
CA ALA A 591 28.78 14.46 -9.21
C ALA A 591 30.33 14.42 -9.29
N THR A 592 30.95 13.24 -9.10
CA THR A 592 32.46 13.17 -9.19
C THR A 592 32.94 13.57 -10.58
N ALA A 593 32.23 13.17 -11.63
CA ALA A 593 32.62 13.60 -13.00
C ALA A 593 32.44 15.08 -13.28
N ALA A 594 31.34 15.65 -12.75
CA ALA A 594 31.11 17.10 -12.80
C ALA A 594 32.14 17.86 -12.04
N ALA A 595 32.54 17.30 -10.89
CA ALA A 595 33.61 17.98 -10.09
C ALA A 595 34.88 18.06 -10.95
N GLY A 596 35.25 16.97 -11.63
CA GLY A 596 36.53 17.00 -12.43
C GLY A 596 36.47 18.06 -13.53
N ILE A 597 35.32 18.22 -14.16
CA ILE A 597 35.12 19.26 -15.20
C ILE A 597 35.22 20.65 -14.63
N LEU A 598 34.55 20.91 -13.52
CA LEU A 598 34.58 22.21 -12.84
C LEU A 598 36.00 22.54 -12.31
N GLU A 599 36.66 21.53 -11.81
CA GLU A 599 38.07 21.67 -11.31
C GLU A 599 39.02 22.08 -12.41
N LYS A 600 38.86 21.48 -13.58
CA LYS A 600 39.80 21.68 -14.67
C LYS A 600 39.62 23.10 -15.13
N GLU A 601 38.45 23.69 -14.81
CA GLU A 601 38.21 25.08 -15.13
C GLU A 601 38.81 26.06 -14.16
N GLY A 602 39.14 25.62 -12.95
CA GLY A 602 39.67 26.48 -11.85
C GLY A 602 38.89 26.53 -10.55
N LYS A 603 37.72 25.87 -10.49
CA LYS A 603 36.92 25.85 -9.30
C LYS A 603 37.43 24.81 -8.28
N ASN A 604 37.17 25.13 -7.01
CA ASN A 604 37.38 24.22 -5.90
C ASN A 604 36.01 23.59 -5.53
N VAL A 605 35.97 22.28 -5.53
CA VAL A 605 34.69 21.57 -5.46
C VAL A 605 34.81 20.55 -4.33
N ARG A 606 33.73 20.43 -3.57
CA ARG A 606 33.56 19.32 -2.68
C ARG A 606 32.45 18.40 -3.28
N VAL A 607 32.74 17.09 -3.28
CA VAL A 607 31.75 16.07 -3.49
C VAL A 607 31.42 15.38 -2.16
N VAL A 608 30.10 15.33 -1.85
CA VAL A 608 29.57 14.63 -0.71
C VAL A 608 28.68 13.46 -1.19
N SER A 609 28.92 12.30 -0.63
CA SER A 609 28.07 11.15 -0.78
C SER A 609 27.00 11.18 0.35
N PHE A 610 25.75 10.91 -0.04
CA PHE A 610 24.62 11.15 0.91
C PHE A 610 23.81 9.82 1.02
N PRO A 611 24.48 8.74 1.38
CA PRO A 611 23.71 7.47 1.37
C PRO A 611 22.54 7.35 2.38
N CYS A 612 22.55 8.06 3.50
CA CYS A 612 21.47 7.87 4.51
C CYS A 612 21.20 9.20 5.25
N TRP A 613 20.10 9.85 4.94
CA TRP A 613 19.84 11.15 5.53
C TRP A 613 19.59 11.06 7.00
N GLU A 614 18.89 10.00 7.42
CA GLU A 614 18.59 9.85 8.88
C GLU A 614 19.82 9.78 9.75
N LEU A 615 20.78 9.02 9.28
CA LEU A 615 22.07 8.87 10.05
C LEU A 615 22.83 10.21 10.07
N PHE A 616 22.70 11.00 9.02
CA PHE A 616 23.39 12.30 9.00
C PHE A 616 22.79 13.19 10.11
N GLU A 617 21.47 13.17 10.24
CA GLU A 617 20.79 13.94 11.24
C GLU A 617 21.03 13.51 12.66
N GLU A 618 21.57 12.32 12.88
CA GLU A 618 21.99 11.91 14.21
C GLU A 618 23.40 12.36 14.60
N GLN A 619 24.16 12.88 13.64
CA GLN A 619 25.54 13.29 13.92
C GLN A 619 25.55 14.62 14.70
N SER A 620 26.67 14.94 15.35
CA SER A 620 26.82 16.25 16.00
C SER A 620 26.68 17.43 15.01
N ALA A 621 26.32 18.61 15.54
CA ALA A 621 26.24 19.83 14.78
C ALA A 621 27.60 20.10 14.11
N GLU A 622 28.70 19.76 14.80
CA GLU A 622 30.06 20.08 14.31
C GLU A 622 30.35 19.18 13.10
N TYR A 623 30.01 17.90 13.20
CA TYR A 623 30.16 17.03 12.05
C TYR A 623 29.37 17.54 10.84
N LYS A 624 28.11 17.93 11.06
CA LYS A 624 27.27 18.38 9.94
C LYS A 624 27.86 19.59 9.26
N GLU A 625 28.31 20.54 10.10
CA GLU A 625 28.95 21.77 9.61
C GLU A 625 30.24 21.45 8.89
N SER A 626 30.90 20.40 9.30
CA SER A 626 32.21 20.03 8.66
C SER A 626 32.00 19.51 7.24
N VAL A 627 30.83 18.92 6.99
CA VAL A 627 30.46 18.44 5.64
C VAL A 627 29.84 19.52 4.78
N LEU A 628 28.88 20.29 5.32
CA LEU A 628 28.13 21.30 4.62
C LEU A 628 28.33 22.65 5.32
N PRO A 629 29.48 23.25 5.13
CA PRO A 629 29.71 24.55 5.80
C PRO A 629 28.61 25.61 5.50
N SER A 630 28.14 26.24 6.55
CA SER A 630 27.05 27.20 6.44
C SER A 630 27.28 28.40 5.54
N ASP A 631 28.54 28.73 5.31
CA ASP A 631 28.84 29.88 4.44
C ASP A 631 29.04 29.52 2.98
N VAL A 632 28.81 28.26 2.62
CA VAL A 632 29.01 27.86 1.23
C VAL A 632 27.63 27.49 0.79
N THR A 633 27.00 28.37 0.03
CA THR A 633 25.58 28.19 -0.33
C THR A 633 25.36 27.81 -1.83
N ALA A 634 26.45 27.77 -2.55
CA ALA A 634 26.46 27.17 -3.85
C ALA A 634 26.47 25.67 -3.69
N ARG A 635 25.33 25.06 -3.97
CA ARG A 635 25.10 23.63 -3.67
C ARG A 635 24.21 23.00 -4.73
N VAL A 636 24.64 21.81 -5.15
CA VAL A 636 23.90 21.02 -6.13
C VAL A 636 23.72 19.61 -5.66
N SER A 637 22.50 19.10 -5.76
CA SER A 637 22.19 17.70 -5.48
C SER A 637 21.88 16.95 -6.78
N VAL A 638 22.26 15.68 -6.82
CA VAL A 638 22.11 14.86 -8.02
C VAL A 638 21.61 13.51 -7.58
N GLU A 639 20.42 13.14 -8.07
CA GLU A 639 19.74 11.89 -7.70
C GLU A 639 18.63 11.67 -8.73
N ALA A 640 18.48 10.43 -9.24
CA ALA A 640 17.45 10.12 -10.21
C ALA A 640 16.09 9.91 -9.51
N ALA A 641 15.60 10.99 -8.94
CA ALA A 641 14.43 11.02 -8.09
C ALA A 641 14.07 12.50 -7.92
N THR A 642 12.93 12.73 -7.29
CA THR A 642 12.38 14.07 -7.20
C THR A 642 13.28 15.00 -6.35
N SER A 643 13.24 16.28 -6.72
CA SER A 643 13.85 17.34 -5.90
C SER A 643 13.21 17.47 -4.53
N PHE A 644 12.00 16.95 -4.38
CA PHE A 644 11.30 17.07 -3.10
C PHE A 644 12.21 16.68 -1.94
N GLY A 645 12.26 17.52 -0.92
CA GLY A 645 13.03 17.25 0.31
C GLY A 645 14.45 17.84 0.32
N TRP A 646 15.06 17.87 -0.88
CA TRP A 646 16.48 18.20 -1.03
C TRP A 646 16.79 19.63 -0.54
N ALA A 647 15.81 20.51 -0.49
CA ALA A 647 16.03 21.92 0.00
C ALA A 647 16.58 21.97 1.40
N LYS A 648 16.35 20.92 2.15
CA LYS A 648 16.89 20.83 3.49
C LYS A 648 18.41 21.00 3.50
N TYR A 649 19.03 20.51 2.39
CA TYR A 649 20.52 20.53 2.20
C TYR A 649 20.95 21.47 1.12
N ILE A 650 20.14 21.70 0.09
CA ILE A 650 20.59 22.60 -0.98
C ILE A 650 20.09 24.04 -0.78
N GLY A 651 19.16 24.23 0.14
CA GLY A 651 18.65 25.59 0.47
C GLY A 651 17.80 26.18 -0.66
N LEU A 652 17.47 27.43 -0.50
CA LEU A 652 16.73 28.14 -1.53
C LEU A 652 17.61 28.53 -2.73
N LYS A 653 18.90 28.69 -2.55
CA LYS A 653 19.81 29.11 -3.63
C LYS A 653 20.44 27.92 -4.37
N GLY A 654 20.28 26.71 -3.85
CA GLY A 654 20.76 25.52 -4.53
C GLY A 654 19.86 24.94 -5.64
N LYS A 655 20.38 23.94 -6.33
CA LYS A 655 19.71 23.32 -7.48
C LYS A 655 19.80 21.80 -7.41
N HIS A 656 18.77 21.14 -7.88
CA HIS A 656 18.68 19.72 -7.95
C HIS A 656 18.71 19.28 -9.39
N VAL A 657 19.49 18.24 -9.68
CA VAL A 657 19.47 17.58 -10.97
C VAL A 657 18.85 16.20 -10.76
N GLY A 658 17.64 16.02 -11.30
CA GLY A 658 16.88 14.77 -11.07
C GLY A 658 15.63 14.76 -11.89
N ILE A 659 14.57 14.14 -11.35
CA ILE A 659 13.36 13.95 -12.12
C ILE A 659 12.19 14.07 -11.17
N ASP A 660 11.30 14.99 -11.50
CA ASP A 660 10.16 15.26 -10.64
C ASP A 660 8.86 14.79 -11.28
N THR A 661 8.93 14.30 -12.53
CA THR A 661 7.80 13.81 -13.31
C THR A 661 7.81 12.31 -13.24
N PHE A 662 6.76 11.67 -13.72
CA PHE A 662 6.89 10.24 -14.02
C PHE A 662 7.92 10.01 -15.08
N GLY A 663 8.36 8.77 -15.18
CA GLY A 663 9.33 8.34 -16.19
C GLY A 663 8.75 8.08 -17.56
N ALA A 664 9.36 7.11 -18.25
CA ALA A 664 8.95 6.71 -19.61
C ALA A 664 9.50 5.31 -19.99
N SER A 665 8.95 4.77 -21.05
CA SER A 665 9.40 3.43 -21.58
C SER A 665 10.42 3.61 -22.69
N ALA A 666 11.70 3.47 -22.33
CA ALA A 666 12.84 3.50 -23.21
C ALA A 666 14.09 2.92 -22.54
N PRO A 667 15.10 2.60 -23.35
CA PRO A 667 16.32 2.15 -22.78
C PRO A 667 16.87 3.17 -21.74
N ALA A 668 17.44 2.68 -20.66
CA ALA A 668 17.96 3.54 -19.59
C ALA A 668 18.89 4.69 -20.06
N PRO A 669 19.93 4.37 -20.87
CA PRO A 669 20.77 5.53 -21.26
C PRO A 669 19.98 6.67 -21.97
N THR A 670 18.99 6.30 -22.76
CA THR A 670 18.12 7.32 -23.37
C THR A 670 17.29 8.08 -22.33
N LEU A 671 16.77 7.39 -21.33
CA LEU A 671 16.02 8.06 -20.29
C LEU A 671 16.84 9.11 -19.47
N TYR A 672 18.05 8.73 -19.06
CA TYR A 672 18.96 9.66 -18.37
C TYR A 672 19.22 10.86 -19.30
N GLU A 673 19.43 10.62 -20.58
CA GLU A 673 19.73 11.74 -21.51
C GLU A 673 18.50 12.69 -21.69
N LYS A 674 17.34 12.09 -21.92
CA LYS A 674 16.15 12.87 -22.19
C LYS A 674 15.65 13.66 -20.98
N PHE A 675 15.80 13.10 -19.78
CA PHE A 675 15.41 13.73 -18.54
C PHE A 675 16.48 14.64 -17.95
N GLY A 676 17.57 14.80 -18.67
CA GLY A 676 18.62 15.71 -18.19
C GLY A 676 19.45 15.32 -16.96
N ILE A 677 19.50 14.02 -16.60
CA ILE A 677 20.24 13.56 -15.46
C ILE A 677 21.60 13.17 -15.92
N THR A 678 22.42 14.21 -16.12
CA THR A 678 23.71 14.05 -16.86
C THR A 678 24.80 14.84 -16.22
N VAL A 679 26.03 14.46 -16.51
CA VAL A 679 27.19 15.25 -16.04
C VAL A 679 27.04 16.69 -16.47
N ASN A 680 26.69 16.96 -17.75
CA ASN A 680 26.59 18.34 -18.23
C ASN A 680 25.60 19.17 -17.48
N HIS A 681 24.49 18.57 -17.11
CA HIS A 681 23.51 19.28 -16.34
C HIS A 681 24.05 19.63 -14.94
N VAL A 682 24.77 18.73 -14.30
CA VAL A 682 25.31 19.03 -12.97
C VAL A 682 26.30 20.19 -13.11
N VAL A 683 27.11 20.17 -14.15
CA VAL A 683 28.09 21.26 -14.35
C VAL A 683 27.39 22.57 -14.54
N GLU A 684 26.38 22.59 -15.41
CA GLU A 684 25.56 23.79 -15.65
C GLU A 684 24.87 24.30 -14.40
N ALA A 685 24.30 23.41 -13.62
CA ALA A 685 23.63 23.80 -12.35
C ALA A 685 24.59 24.41 -11.32
N ALA A 686 25.76 23.80 -11.19
CA ALA A 686 26.74 24.32 -10.33
C ALA A 686 27.15 25.71 -10.74
N LYS A 687 27.32 25.93 -12.03
CA LYS A 687 27.67 27.28 -12.48
C LYS A 687 26.56 28.25 -12.12
N ALA A 688 25.32 27.82 -12.30
CA ALA A 688 24.16 28.68 -11.94
C ALA A 688 24.16 29.06 -10.45
N THR A 689 24.45 28.09 -9.56
CA THR A 689 24.51 28.37 -8.13
C THR A 689 25.63 29.33 -7.74
N LEU A 690 26.70 29.34 -8.53
CA LEU A 690 27.83 30.20 -8.28
C LEU A 690 27.49 31.62 -8.69
N GLN A 691 26.41 31.76 -9.46
CA GLN A 691 25.81 33.04 -9.88
C GLN A 691 26.38 33.51 -11.20
N SER B 23 -17.51 -19.03 -43.89
CA SER B 23 -17.16 -19.06 -42.44
C SER B 23 -15.65 -18.70 -42.26
N ILE B 24 -14.94 -19.46 -41.41
CA ILE B 24 -13.48 -19.48 -41.33
C ILE B 24 -12.99 -20.90 -40.98
N SER B 25 -12.01 -21.36 -41.74
CA SER B 25 -11.41 -22.67 -41.55
C SER B 25 -10.64 -22.85 -40.23
N ARG B 26 -10.61 -24.05 -39.70
CA ARG B 26 -9.72 -24.41 -38.59
C ARG B 26 -8.22 -24.07 -38.91
N ASP B 27 -7.78 -24.41 -40.12
CA ASP B 27 -6.42 -24.09 -40.57
C ASP B 27 -6.13 -22.62 -40.57
N GLU B 28 -7.07 -21.83 -41.10
CA GLU B 28 -6.90 -20.40 -41.15
C GLU B 28 -6.91 -19.78 -39.74
N VAL B 29 -7.72 -20.31 -38.82
CA VAL B 29 -7.74 -19.87 -37.43
C VAL B 29 -6.38 -20.11 -36.80
N GLU B 30 -5.78 -21.24 -37.09
CA GLU B 30 -4.45 -21.56 -36.54
CA GLU B 30 -4.43 -21.58 -36.56
C GLU B 30 -3.35 -20.61 -37.10
N LYS B 31 -3.47 -20.22 -38.37
CA LYS B 31 -2.57 -19.24 -39.01
C LYS B 31 -2.70 -17.89 -38.26
N CYS B 32 -3.94 -17.55 -37.95
CA CYS B 32 -4.26 -16.28 -37.25
C CYS B 32 -3.67 -16.23 -35.85
N ILE B 33 -3.80 -17.32 -35.11
CA ILE B 33 -3.24 -17.48 -33.78
C ILE B 33 -1.71 -17.38 -33.83
N ASN B 34 -1.09 -18.06 -34.78
CA ASN B 34 0.36 -18.00 -34.94
C ASN B 34 0.85 -16.64 -35.38
N ALA B 35 0.05 -15.89 -36.11
CA ALA B 35 0.47 -14.54 -36.49
C ALA B 35 0.62 -13.70 -35.23
N ILE B 36 -0.31 -13.86 -34.28
CA ILE B 36 -0.22 -13.14 -33.00
C ILE B 36 1.07 -13.54 -32.26
N ARG B 37 1.36 -14.84 -32.20
CA ARG B 37 2.57 -15.31 -31.56
C ARG B 37 3.80 -14.65 -32.20
N PHE B 38 3.88 -14.64 -33.52
CA PHE B 38 5.14 -14.17 -34.14
C PHE B 38 5.32 -12.68 -34.20
N LEU B 39 4.20 -11.94 -34.15
CA LEU B 39 4.30 -10.48 -34.06
C LEU B 39 4.89 -10.11 -32.68
N ALA B 40 4.41 -10.80 -31.64
CA ALA B 40 4.97 -10.59 -30.32
C ALA B 40 6.42 -10.98 -30.25
N ILE B 41 6.74 -12.18 -30.68
CA ILE B 41 8.12 -12.65 -30.68
C ILE B 41 9.06 -11.68 -31.42
N ASP B 42 8.67 -11.31 -32.63
CA ASP B 42 9.54 -10.53 -33.51
C ASP B 42 9.74 -9.12 -32.90
N ALA B 43 8.69 -8.57 -32.35
CA ALA B 43 8.79 -7.26 -31.77
C ALA B 43 9.75 -7.27 -30.56
N ILE B 44 9.71 -8.34 -29.76
CA ILE B 44 10.48 -8.41 -28.55
C ILE B 44 11.94 -8.71 -28.83
N ASN B 45 12.20 -9.45 -29.90
CA ASN B 45 13.59 -9.66 -30.31
C ASN B 45 14.18 -8.35 -30.77
N LYS B 46 13.44 -7.54 -31.51
CA LYS B 46 13.97 -6.25 -31.99
C LYS B 46 14.24 -5.25 -30.83
N SER B 47 13.33 -5.17 -29.87
CA SER B 47 13.56 -4.30 -28.72
C SER B 47 14.62 -4.85 -27.79
N LYS B 48 14.90 -6.13 -27.87
CA LYS B 48 15.79 -6.81 -26.94
C LYS B 48 15.33 -6.68 -25.51
N SER B 49 14.02 -6.55 -25.32
CA SER B 49 13.45 -6.32 -24.01
C SER B 49 11.97 -6.71 -24.10
N GLY B 50 11.48 -7.42 -23.09
CA GLY B 50 10.06 -7.71 -23.03
C GLY B 50 9.76 -9.20 -22.83
N HIS B 51 8.45 -9.51 -22.91
CA HIS B 51 7.84 -10.69 -22.29
C HIS B 51 7.07 -11.48 -23.37
N PRO B 52 7.71 -12.49 -24.01
CA PRO B 52 7.05 -13.23 -25.12
C PRO B 52 6.15 -14.38 -24.66
N GLY B 53 6.32 -14.78 -23.40
CA GLY B 53 5.73 -16.02 -22.93
C GLY B 53 4.23 -16.00 -22.84
N MET B 54 3.71 -14.99 -22.18
CA MET B 54 2.24 -14.82 -22.02
C MET B 54 1.56 -14.66 -23.38
N PRO B 55 2.12 -13.78 -24.26
CA PRO B 55 1.45 -13.57 -25.53
C PRO B 55 1.40 -14.88 -26.37
N MET B 56 2.44 -15.71 -26.28
CA MET B 56 2.47 -16.99 -26.97
C MET B 56 1.40 -17.91 -26.38
N GLY B 57 1.36 -17.99 -25.06
CA GLY B 57 0.32 -18.87 -24.40
C GLY B 57 -1.12 -18.41 -24.60
N CYS B 58 -1.32 -17.09 -24.62
CA CYS B 58 -2.64 -16.49 -24.74
C CYS B 58 -3.13 -16.19 -26.17
N ALA B 59 -2.33 -16.37 -27.21
CA ALA B 59 -2.77 -16.06 -28.58
C ALA B 59 -4.18 -16.63 -28.98
N PRO B 60 -4.46 -17.93 -28.63
CA PRO B 60 -5.81 -18.44 -28.96
C PRO B 60 -6.94 -17.62 -28.33
N MET B 61 -6.75 -17.09 -27.10
CA MET B 61 -7.78 -16.31 -26.49
C MET B 61 -7.90 -14.94 -27.14
N GLY B 62 -6.78 -14.39 -27.61
CA GLY B 62 -6.83 -13.15 -28.47
C GLY B 62 -7.64 -13.34 -29.77
N TYR B 63 -7.36 -14.42 -30.52
CA TYR B 63 -8.08 -14.73 -31.75
C TYR B 63 -9.62 -14.76 -31.48
N VAL B 64 -10.04 -15.54 -30.47
CA VAL B 64 -11.46 -15.66 -30.19
C VAL B 64 -12.07 -14.33 -29.73
N LEU B 65 -11.41 -13.62 -28.80
CA LEU B 65 -11.98 -12.38 -28.33
C LEU B 65 -12.06 -11.32 -29.37
N TRP B 66 -10.96 -11.12 -30.11
CA TRP B 66 -11.01 -10.08 -31.09
C TRP B 66 -11.80 -10.38 -32.34
N ASN B 67 -11.68 -11.62 -32.85
CA ASN B 67 -12.33 -11.90 -34.13
C ASN B 67 -13.77 -12.32 -33.96
N GLU B 68 -14.16 -12.84 -32.81
CA GLU B 68 -15.47 -13.51 -32.73
C GLU B 68 -16.34 -12.98 -31.63
N VAL B 69 -15.79 -12.42 -30.57
CA VAL B 69 -16.58 -12.11 -29.37
C VAL B 69 -16.82 -10.64 -29.10
N MET B 70 -15.78 -9.84 -29.06
CA MET B 70 -15.95 -8.49 -28.55
C MET B 70 -16.51 -7.55 -29.62
N LYS B 71 -17.33 -6.62 -29.17
CA LYS B 71 -17.96 -5.58 -29.98
C LYS B 71 -17.17 -4.30 -29.80
N TYR B 72 -16.53 -3.81 -30.87
CA TYR B 72 -15.70 -2.62 -30.72
C TYR B 72 -15.52 -2.05 -32.12
N ASN B 73 -15.17 -0.76 -32.20
CA ASN B 73 -14.83 -0.15 -33.48
C ASN B 73 -13.38 0.27 -33.49
N PRO B 74 -12.55 -0.43 -34.25
CA PRO B 74 -11.11 -0.17 -34.20
C PRO B 74 -10.80 1.21 -34.69
N LYS B 75 -11.70 1.79 -35.50
CA LYS B 75 -11.46 3.13 -36.03
C LYS B 75 -12.11 4.17 -35.15
N ASN B 76 -12.80 3.75 -34.10
CA ASN B 76 -13.27 4.67 -33.07
C ASN B 76 -13.07 4.09 -31.66
N PRO B 77 -11.87 4.29 -31.08
CA PRO B 77 -11.62 3.77 -29.74
C PRO B 77 -12.43 4.43 -28.66
N ASP B 78 -13.15 5.53 -28.97
CA ASP B 78 -14.10 6.16 -28.05
C ASP B 78 -15.59 5.81 -28.21
N PHE B 79 -15.92 4.86 -29.08
CA PHE B 79 -17.31 4.41 -29.30
C PHE B 79 -17.93 4.05 -27.94
N PHE B 80 -18.90 4.80 -27.52
CA PHE B 80 -19.41 4.70 -26.12
C PHE B 80 -19.85 3.28 -25.72
N ASN B 81 -20.56 2.58 -26.58
CA ASN B 81 -21.03 1.26 -26.20
C ASN B 81 -20.15 0.07 -26.51
N ARG B 82 -18.88 0.30 -26.83
CA ARG B 82 -17.92 -0.81 -26.94
C ARG B 82 -17.80 -1.67 -25.70
N ASP B 83 -17.48 -2.95 -25.89
CA ASP B 83 -16.99 -3.81 -24.82
C ASP B 83 -15.66 -3.21 -24.44
N ARG B 84 -15.29 -3.38 -23.18
CA ARG B 84 -14.01 -2.88 -22.69
C ARG B 84 -13.15 -4.11 -22.47
N PHE B 85 -11.89 -4.04 -22.92
CA PHE B 85 -10.89 -5.05 -22.58
C PHE B 85 -9.83 -4.41 -21.67
N VAL B 86 -9.34 -5.21 -20.69
CA VAL B 86 -8.26 -4.83 -19.83
C VAL B 86 -7.28 -6.00 -19.70
N LEU B 87 -5.99 -5.72 -19.99
CA LEU B 87 -4.90 -6.65 -19.74
C LEU B 87 -4.39 -6.41 -18.36
N SER B 88 -4.83 -7.19 -17.33
CA SER B 88 -4.29 -6.98 -15.98
C SER B 88 -2.86 -7.51 -15.88
N ALA B 89 -2.58 -8.53 -16.68
CA ALA B 89 -1.17 -9.00 -16.76
C ALA B 89 -0.37 -8.17 -17.82
N GLY B 90 -0.02 -6.96 -17.43
CA GLY B 90 0.37 -5.93 -18.35
C GLY B 90 1.73 -6.14 -18.92
N HIS B 91 2.53 -6.98 -18.28
CA HIS B 91 3.80 -7.38 -18.88
C HIS B 91 3.58 -8.04 -20.28
N GLY B 92 2.44 -8.67 -20.52
CA GLY B 92 2.20 -9.32 -21.86
C GLY B 92 1.68 -8.27 -22.85
N SER B 93 2.11 -6.99 -22.71
CA SER B 93 1.62 -5.89 -23.57
C SER B 93 1.64 -6.21 -25.08
N MET B 94 2.66 -6.92 -25.56
CA MET B 94 2.73 -7.24 -27.00
C MET B 94 1.50 -8.06 -27.46
N PHE B 95 0.84 -8.79 -26.55
CA PHE B 95 -0.39 -9.42 -26.88
C PHE B 95 -1.45 -8.38 -27.31
N GLN B 96 -1.66 -7.37 -26.47
CA GLN B 96 -2.68 -6.34 -26.78
C GLN B 96 -2.27 -5.56 -28.01
N TYR B 97 -1.02 -5.16 -28.08
CA TYR B 97 -0.57 -4.37 -29.27
C TYR B 97 -0.70 -5.18 -30.60
N SER B 98 -0.39 -6.46 -30.56
CA SER B 98 -0.63 -7.32 -31.74
C SER B 98 -2.09 -7.35 -32.16
N MET B 99 -3.01 -7.57 -31.21
CA MET B 99 -4.44 -7.58 -31.56
C MET B 99 -4.93 -6.28 -32.10
N MET B 100 -4.55 -5.17 -31.49
CA MET B 100 -4.91 -3.85 -32.03
C MET B 100 -4.32 -3.59 -33.42
N HIS B 101 -3.08 -3.98 -33.63
CA HIS B 101 -2.48 -3.81 -34.93
C HIS B 101 -3.31 -4.60 -35.97
N LEU B 102 -3.54 -5.87 -35.68
CA LEU B 102 -4.16 -6.78 -36.64
C LEU B 102 -5.55 -6.36 -36.99
N THR B 103 -6.30 -5.83 -36.00
CA THR B 103 -7.70 -5.52 -36.24
C THR B 103 -7.93 -4.10 -36.73
N GLY B 104 -6.88 -3.28 -36.85
CA GLY B 104 -6.92 -2.01 -37.56
C GLY B 104 -6.97 -0.72 -36.76
N TYR B 105 -6.56 -0.75 -35.51
CA TYR B 105 -6.44 0.47 -34.74
C TYR B 105 -5.29 1.33 -35.32
N ASP B 106 -5.57 2.58 -35.63
CA ASP B 106 -4.58 3.45 -36.23
C ASP B 106 -3.49 3.87 -35.26
N SER B 107 -3.71 3.66 -33.94
CA SER B 107 -2.67 3.91 -32.92
C SER B 107 -1.56 2.85 -32.93
N VAL B 108 -1.72 1.71 -33.62
CA VAL B 108 -0.70 0.63 -33.61
C VAL B 108 -0.46 0.12 -35.04
N PRO B 109 0.00 1.03 -35.94
CA PRO B 109 0.46 0.53 -37.22
C PRO B 109 1.70 -0.30 -37.02
N LEU B 110 2.12 -1.02 -38.05
CA LEU B 110 3.26 -1.84 -37.98
C LEU B 110 4.54 -1.10 -37.52
N ASP B 111 4.71 0.17 -37.95
CA ASP B 111 5.91 0.90 -37.54
C ASP B 111 5.98 1.08 -36.03
N GLN B 112 4.82 1.09 -35.37
CA GLN B 112 4.77 1.21 -33.90
C GLN B 112 5.08 -0.12 -33.23
N ILE B 113 4.67 -1.22 -33.84
CA ILE B 113 5.04 -2.57 -33.31
C ILE B 113 6.59 -2.71 -33.35
N LYS B 114 7.17 -2.07 -34.36
CA LYS B 114 8.61 -2.07 -34.57
C LYS B 114 9.34 -1.07 -33.68
N GLN B 115 8.58 -0.34 -32.86
CA GLN B 115 9.10 0.61 -31.90
C GLN B 115 8.64 0.29 -30.45
N PHE B 116 8.34 -0.98 -30.20
CA PHE B 116 7.98 -1.45 -28.87
C PHE B 116 9.11 -1.08 -27.90
N ARG B 117 8.71 -0.42 -26.80
CA ARG B 117 9.62 -0.10 -25.65
C ARG B 117 10.69 0.94 -26.05
N GLN B 118 10.42 1.69 -27.10
CA GLN B 118 11.35 2.75 -27.50
C GLN B 118 10.80 4.13 -27.22
N TRP B 119 11.71 5.06 -27.06
CA TRP B 119 11.37 6.45 -26.79
C TRP B 119 10.27 7.03 -27.67
N ASN B 120 9.23 7.51 -27.02
CA ASN B 120 8.14 8.22 -27.60
C ASN B 120 7.32 7.35 -28.54
N SER B 121 7.40 6.02 -28.39
CA SER B 121 6.54 5.16 -29.20
C SER B 121 5.12 5.10 -28.64
N LEU B 122 4.15 4.56 -29.39
CA LEU B 122 2.81 4.38 -28.83
C LEU B 122 2.71 2.95 -28.33
N THR B 123 3.86 2.29 -28.20
CA THR B 123 3.95 0.93 -27.68
C THR B 123 4.90 0.80 -26.48
N PRO B 124 4.57 1.48 -25.35
CA PRO B 124 5.35 1.30 -24.13
C PRO B 124 5.30 -0.14 -23.53
N GLY B 125 6.31 -0.43 -22.73
CA GLY B 125 6.54 -1.77 -22.21
C GLY B 125 5.38 -2.34 -21.44
N HIS B 126 4.60 -1.49 -20.80
CA HIS B 126 3.32 -1.88 -20.18
C HIS B 126 2.22 -0.96 -20.72
N PRO B 127 0.97 -1.43 -20.83
CA PRO B 127 -0.01 -0.61 -21.52
C PRO B 127 -0.42 0.64 -20.74
N GLU B 128 -0.51 1.73 -21.49
CA GLU B 128 -0.75 3.06 -20.93
C GLU B 128 -1.89 3.72 -21.67
N ASN B 129 -3.00 3.96 -20.99
CA ASN B 129 -4.18 4.65 -21.60
C ASN B 129 -3.85 6.06 -22.08
N PHE B 130 -2.90 6.66 -21.36
CA PHE B 130 -2.56 8.06 -21.55
C PHE B 130 -1.65 8.27 -22.77
N VAL B 131 -1.17 7.20 -23.38
CA VAL B 131 -0.31 7.21 -24.58
C VAL B 131 -1.04 6.62 -25.82
N THR B 132 -1.77 5.49 -25.64
CA THR B 132 -2.22 4.69 -26.79
C THR B 132 -3.76 4.64 -26.85
N PRO B 133 -4.37 5.34 -27.81
CA PRO B 133 -5.85 5.27 -27.94
C PRO B 133 -6.26 3.81 -28.19
N GLY B 134 -7.22 3.32 -27.38
CA GLY B 134 -7.65 1.95 -27.47
C GLY B 134 -7.20 1.16 -26.27
N VAL B 135 -6.19 1.65 -25.56
CA VAL B 135 -5.80 1.08 -24.25
C VAL B 135 -6.62 1.81 -23.20
N GLU B 136 -7.38 1.02 -22.41
CA GLU B 136 -8.41 1.62 -21.59
C GLU B 136 -7.88 2.12 -20.22
N VAL B 137 -6.87 1.44 -19.67
CA VAL B 137 -6.34 1.82 -18.34
C VAL B 137 -4.87 1.50 -18.40
N THR B 138 -4.15 1.87 -17.36
CA THR B 138 -2.74 1.57 -17.28
C THR B 138 -2.51 0.39 -16.34
N THR B 139 -1.78 -0.61 -16.81
CA THR B 139 -1.40 -1.76 -16.00
C THR B 139 0.11 -1.98 -16.03
N GLY B 140 0.60 -3.06 -15.42
CA GLY B 140 2.02 -3.20 -15.06
C GLY B 140 2.17 -3.59 -13.60
N PRO B 141 1.55 -2.83 -12.71
CA PRO B 141 1.50 -3.27 -11.33
C PRO B 141 0.38 -4.33 -11.19
N LEU B 142 0.78 -5.54 -10.93
CA LEU B 142 -0.08 -6.70 -10.89
C LEU B 142 -1.25 -6.50 -9.93
N GLY B 143 -2.43 -6.89 -10.40
CA GLY B 143 -3.65 -6.77 -9.69
C GLY B 143 -4.46 -5.51 -9.96
N GLN B 144 -3.85 -4.44 -10.47
CA GLN B 144 -4.61 -3.24 -10.71
C GLN B 144 -5.67 -3.45 -11.73
N GLY B 145 -5.30 -4.11 -12.85
CA GLY B 145 -6.20 -4.18 -14.00
C GLY B 145 -7.54 -4.84 -13.70
N ILE B 146 -7.50 -6.02 -13.04
CA ILE B 146 -8.74 -6.69 -12.71
C ILE B 146 -9.69 -5.76 -11.88
N CYS B 147 -9.12 -4.95 -10.99
CA CYS B 147 -9.89 -4.06 -10.15
C CYS B 147 -10.43 -2.94 -11.03
N ASN B 148 -9.61 -2.43 -11.95
CA ASN B 148 -10.08 -1.41 -12.86
C ASN B 148 -11.26 -1.99 -13.69
N ALA B 149 -11.19 -3.28 -14.04
CA ALA B 149 -12.26 -3.95 -14.76
C ALA B 149 -13.54 -3.98 -13.95
N VAL B 150 -13.41 -4.26 -12.65
CA VAL B 150 -14.59 -4.19 -11.77
C VAL B 150 -15.21 -2.79 -11.85
N GLY B 151 -14.37 -1.77 -11.92
CA GLY B 151 -14.91 -0.38 -12.00
C GLY B 151 -15.59 -0.06 -13.31
N LEU B 152 -15.01 -0.55 -14.43
CA LEU B 152 -15.57 -0.34 -15.74
C LEU B 152 -16.93 -1.02 -15.79
N ALA B 153 -17.03 -2.21 -15.17
CA ALA B 153 -18.29 -2.94 -15.15
C ALA B 153 -19.33 -2.21 -14.21
N VAL B 154 -18.88 -1.66 -13.10
CA VAL B 154 -19.74 -0.82 -12.22
C VAL B 154 -20.32 0.37 -13.01
N ALA B 155 -19.47 1.04 -13.81
CA ALA B 155 -19.94 2.14 -14.69
C ALA B 155 -21.02 1.70 -15.69
N GLU B 156 -20.81 0.54 -16.31
CA GLU B 156 -21.81 0.12 -17.31
C GLU B 156 -23.13 -0.21 -16.60
N ALA B 157 -23.03 -0.92 -15.50
CA ALA B 157 -24.25 -1.32 -14.81
C ALA B 157 -25.04 -0.14 -14.27
N HIS B 158 -24.32 0.84 -13.73
CA HIS B 158 -24.93 2.03 -13.16
C HIS B 158 -25.62 2.81 -14.26
N LEU B 159 -24.91 3.05 -15.36
CA LEU B 159 -25.53 3.82 -16.46
C LEU B 159 -26.71 3.06 -17.08
N ALA B 160 -26.56 1.76 -17.27
CA ALA B 160 -27.67 0.95 -17.84
C ALA B 160 -28.90 1.03 -16.94
N ALA B 161 -28.70 0.91 -15.62
CA ALA B 161 -29.83 1.03 -14.70
C ALA B 161 -30.51 2.41 -14.70
N ARG B 162 -29.71 3.46 -14.77
CA ARG B 162 -30.22 4.84 -14.86
C ARG B 162 -30.91 5.20 -16.12
N PHE B 163 -30.55 4.61 -17.24
CA PHE B 163 -31.07 5.11 -18.50
C PHE B 163 -31.83 4.12 -19.35
N ASN B 164 -31.53 2.81 -19.32
CA ASN B 164 -32.23 1.86 -20.20
C ASN B 164 -33.71 1.79 -19.83
N LYS B 165 -34.55 1.70 -20.87
CA LYS B 165 -35.97 1.54 -20.67
C LYS B 165 -36.51 0.25 -21.32
N PRO B 166 -37.53 -0.35 -20.72
CA PRO B 166 -37.89 -1.72 -21.11
C PRO B 166 -38.54 -1.84 -22.50
N ASP B 167 -39.04 -0.72 -22.98
CA ASP B 167 -39.74 -0.43 -24.24
C ASP B 167 -39.02 -0.39 -25.55
N VAL B 168 -37.75 -0.09 -25.49
CA VAL B 168 -36.94 0.20 -26.70
C VAL B 168 -35.57 -0.48 -26.46
N LYS B 169 -34.76 -0.53 -27.49
CA LYS B 169 -33.47 -1.12 -27.37
C LYS B 169 -32.65 -0.36 -26.31
N PRO B 170 -31.77 -1.11 -25.62
CA PRO B 170 -30.83 -0.45 -24.74
C PRO B 170 -29.91 0.49 -25.40
N ILE B 171 -29.56 1.58 -24.69
CA ILE B 171 -28.55 2.45 -25.16
C ILE B 171 -27.23 2.16 -24.43
N VAL B 172 -27.33 1.43 -23.33
CA VAL B 172 -26.12 1.00 -22.61
C VAL B 172 -26.18 -0.53 -22.48
N ASP B 173 -25.23 -1.20 -23.12
CA ASP B 173 -25.17 -2.61 -23.06
C ASP B 173 -23.80 -3.08 -23.60
N HIS B 174 -22.89 -3.34 -22.67
CA HIS B 174 -21.55 -3.84 -23.04
C HIS B 174 -20.95 -4.62 -21.93
N TYR B 175 -20.01 -5.48 -22.35
CA TYR B 175 -19.35 -6.41 -21.44
C TYR B 175 -17.95 -5.89 -21.12
N THR B 176 -17.37 -6.40 -20.04
CA THR B 176 -16.00 -5.98 -19.61
C THR B 176 -15.18 -7.25 -19.49
N TYR B 177 -14.20 -7.38 -20.38
CA TYR B 177 -13.31 -8.53 -20.40
C TYR B 177 -11.95 -8.22 -19.80
N CYS B 178 -11.34 -9.20 -19.10
CA CYS B 178 -10.07 -8.91 -18.46
C CYS B 178 -9.24 -10.16 -18.48
N ILE B 179 -8.00 -10.05 -18.96
CA ILE B 179 -7.11 -11.17 -18.84
C ILE B 179 -6.11 -10.89 -17.69
N LEU B 180 -5.96 -11.86 -16.77
CA LEU B 180 -5.09 -11.76 -15.64
C LEU B 180 -4.35 -13.06 -15.45
N GLY B 181 -3.21 -12.97 -14.80
CA GLY B 181 -2.41 -14.17 -14.56
C GLY B 181 -2.16 -14.51 -13.12
N ASP B 182 -1.14 -15.31 -12.86
CA ASP B 182 -0.94 -15.78 -11.49
C ASP B 182 -0.56 -14.67 -10.52
N GLY B 183 0.26 -13.71 -10.98
CA GLY B 183 0.65 -12.58 -10.16
C GLY B 183 -0.55 -11.79 -9.65
N CYS B 184 -1.45 -11.50 -10.55
CA CYS B 184 -2.70 -10.80 -10.26
C CYS B 184 -3.51 -11.59 -9.25
N MET B 185 -3.54 -12.93 -9.41
CA MET B 185 -4.23 -13.78 -8.49
C MET B 185 -3.63 -13.83 -7.10
N MET B 186 -2.30 -13.66 -6.96
CA MET B 186 -1.65 -13.65 -5.68
C MET B 186 -1.81 -12.37 -4.92
N GLU B 187 -1.98 -11.23 -5.65
CA GLU B 187 -2.09 -9.93 -5.02
C GLU B 187 -3.41 -9.76 -4.25
N GLY B 188 -3.37 -9.27 -3.00
CA GLY B 188 -4.53 -9.13 -2.16
C GLY B 188 -5.57 -8.22 -2.76
N ILE B 189 -5.10 -7.27 -3.58
CA ILE B 189 -6.00 -6.33 -4.21
C ILE B 189 -7.06 -7.00 -5.06
N SER B 190 -6.67 -8.07 -5.73
CA SER B 190 -7.66 -8.71 -6.60
C SER B 190 -8.71 -9.46 -5.80
N ASN B 191 -8.32 -10.09 -4.70
CA ASN B 191 -9.32 -10.70 -3.82
C ASN B 191 -10.35 -9.64 -3.35
N GLU B 192 -9.84 -8.51 -2.89
CA GLU B 192 -10.73 -7.40 -2.48
C GLU B 192 -11.75 -7.02 -3.55
N ALA B 193 -11.26 -6.67 -4.75
CA ALA B 193 -12.16 -6.24 -5.83
C ALA B 193 -13.07 -7.38 -6.32
N CYS B 194 -12.63 -8.64 -6.28
CA CYS B 194 -13.44 -9.70 -6.78
C CYS B 194 -14.48 -10.08 -5.74
N SER B 195 -14.16 -9.85 -4.47
CA SER B 195 -15.17 -9.98 -3.39
C SER B 195 -16.32 -8.99 -3.67
N LEU B 196 -15.97 -7.76 -4.02
CA LEU B 196 -17.01 -6.77 -4.29
C LEU B 196 -17.77 -7.09 -5.57
N ALA B 197 -17.07 -7.54 -6.64
CA ALA B 197 -17.70 -7.88 -7.90
C ALA B 197 -18.75 -8.95 -7.67
N GLY B 198 -18.42 -9.93 -6.84
CA GLY B 198 -19.40 -11.00 -6.51
C GLY B 198 -20.53 -10.48 -5.71
N HIS B 199 -20.21 -9.66 -4.71
CA HIS B 199 -21.23 -9.07 -3.83
C HIS B 199 -22.22 -8.25 -4.65
N TRP B 200 -21.73 -7.58 -5.68
CA TRP B 200 -22.55 -6.70 -6.56
C TRP B 200 -23.18 -7.47 -7.75
N GLY B 201 -22.86 -8.76 -7.88
CA GLY B 201 -23.42 -9.60 -8.94
C GLY B 201 -23.15 -9.10 -10.35
N LEU B 202 -21.94 -8.67 -10.63
CA LEU B 202 -21.61 -8.05 -11.92
C LEU B 202 -21.43 -9.11 -13.04
N GLY B 203 -22.54 -9.50 -13.64
CA GLY B 203 -22.59 -10.55 -14.58
C GLY B 203 -22.01 -10.26 -15.96
N LYS B 204 -21.74 -9.01 -16.25
CA LYS B 204 -21.17 -8.63 -17.51
C LYS B 204 -19.64 -8.48 -17.42
N LEU B 205 -19.07 -8.83 -16.26
CA LEU B 205 -17.60 -8.95 -16.07
C LEU B 205 -17.19 -10.40 -16.27
N ILE B 206 -16.29 -10.62 -17.24
CA ILE B 206 -15.80 -11.88 -17.63
C ILE B 206 -14.26 -11.79 -17.55
N ALA B 207 -13.69 -12.57 -16.62
CA ALA B 207 -12.24 -12.57 -16.37
C ALA B 207 -11.66 -13.86 -16.92
N LEU B 208 -10.59 -13.78 -17.76
CA LEU B 208 -9.92 -14.97 -18.31
C LEU B 208 -8.56 -15.08 -17.64
N TYR B 209 -8.42 -16.16 -16.86
CA TYR B 209 -7.21 -16.40 -16.05
C TYR B 209 -6.24 -17.24 -16.87
N ASP B 210 -5.06 -16.69 -17.12
CA ASP B 210 -3.98 -17.45 -17.74
C ASP B 210 -3.33 -18.34 -16.70
N ASP B 211 -3.84 -19.59 -16.60
CA ASP B 211 -3.44 -20.56 -15.64
C ASP B 211 -2.31 -21.38 -16.26
N ASN B 212 -1.12 -20.81 -16.23
CA ASN B 212 0.06 -21.39 -16.84
C ASN B 212 1.11 -22.00 -15.91
N LYS B 213 0.84 -22.01 -14.62
CA LYS B 213 1.64 -22.59 -13.60
C LYS B 213 3.05 -22.05 -13.50
N ILE B 214 3.26 -20.82 -13.98
CA ILE B 214 4.57 -20.26 -14.11
C ILE B 214 4.48 -18.82 -13.59
N SER B 215 5.44 -18.38 -12.79
CA SER B 215 5.66 -16.97 -12.46
C SER B 215 7.15 -16.71 -12.48
N ILE B 216 7.65 -15.58 -11.98
CA ILE B 216 9.08 -15.29 -12.17
C ILE B 216 9.99 -16.25 -11.44
N ASP B 217 9.56 -16.70 -10.27
CA ASP B 217 10.41 -17.54 -9.46
C ASP B 217 10.44 -18.99 -9.95
N GLY B 218 9.58 -19.37 -10.88
CA GLY B 218 9.58 -20.70 -11.43
C GLY B 218 8.16 -21.20 -11.41
N HIS B 219 8.02 -22.51 -11.33
CA HIS B 219 6.67 -23.05 -11.19
C HIS B 219 5.93 -22.52 -9.93
N THR B 220 4.63 -22.29 -10.08
CA THR B 220 3.83 -21.68 -9.01
C THR B 220 3.76 -22.53 -7.77
N ASP B 221 3.99 -23.82 -7.87
CA ASP B 221 4.01 -24.64 -6.67
C ASP B 221 5.07 -24.20 -5.64
N ILE B 222 6.02 -23.36 -6.03
CA ILE B 222 6.97 -22.85 -5.06
C ILE B 222 6.30 -21.97 -4.01
N SER B 223 5.19 -21.28 -4.36
CA SER B 223 4.53 -20.38 -3.41
C SER B 223 3.01 -20.21 -3.46
N PHE B 224 2.36 -20.92 -4.39
CA PHE B 224 1.00 -20.66 -4.76
C PHE B 224 0.24 -21.91 -5.13
N THR B 225 -0.32 -22.57 -4.13
CA THR B 225 -0.95 -23.85 -4.32
C THR B 225 -2.40 -23.85 -3.96
N GLU B 226 -2.93 -22.68 -3.58
CA GLU B 226 -4.34 -22.52 -3.28
C GLU B 226 -5.24 -22.99 -4.45
N ASP B 227 -6.50 -23.27 -4.14
CA ASP B 227 -7.52 -23.64 -5.12
C ASP B 227 -8.23 -22.33 -5.56
N VAL B 228 -7.70 -21.71 -6.59
CA VAL B 228 -8.19 -20.44 -7.09
C VAL B 228 -9.69 -20.51 -7.44
N ALA B 229 -10.06 -21.57 -8.14
CA ALA B 229 -11.48 -21.77 -8.54
C ALA B 229 -12.41 -21.80 -7.32
N LYS B 230 -12.02 -22.55 -6.31
CA LYS B 230 -12.84 -22.58 -5.16
C LYS B 230 -12.90 -21.19 -4.41
N ARG B 231 -11.81 -20.46 -4.41
CA ARG B 231 -11.84 -19.14 -3.79
C ARG B 231 -12.81 -18.22 -4.55
N TYR B 232 -12.77 -18.27 -5.87
CA TYR B 232 -13.69 -17.43 -6.65
C TYR B 232 -15.13 -17.84 -6.45
N GLU B 233 -15.41 -19.14 -6.36
CA GLU B 233 -16.77 -19.61 -5.96
C GLU B 233 -17.22 -18.97 -4.61
N ALA B 234 -16.35 -18.96 -3.63
CA ALA B 234 -16.61 -18.34 -2.32
C ALA B 234 -16.90 -16.84 -2.42
N LEU B 235 -16.25 -16.16 -3.39
CA LEU B 235 -16.44 -14.72 -3.63
C LEU B 235 -17.72 -14.41 -4.43
N GLY B 236 -18.44 -15.43 -4.89
CA GLY B 236 -19.70 -15.25 -5.57
C GLY B 236 -19.60 -15.27 -7.09
N TRP B 237 -18.54 -15.87 -7.63
CA TRP B 237 -18.34 -15.92 -9.05
C TRP B 237 -18.77 -17.25 -9.62
N HIS B 238 -19.14 -17.26 -10.89
CA HIS B 238 -19.28 -18.49 -11.73
C HIS B 238 -17.87 -18.84 -12.16
N VAL B 239 -17.50 -20.12 -12.17
CA VAL B 239 -16.16 -20.55 -12.70
C VAL B 239 -16.30 -21.59 -13.81
N ILE B 240 -15.57 -21.37 -14.89
CA ILE B 240 -15.53 -22.30 -16.00
C ILE B 240 -14.08 -22.67 -16.16
N HIS B 241 -13.84 -23.98 -16.30
CA HIS B 241 -12.48 -24.49 -16.59
C HIS B 241 -12.25 -24.81 -18.09
N VAL B 242 -11.23 -24.20 -18.71
CA VAL B 242 -10.82 -24.60 -20.08
C VAL B 242 -9.45 -25.25 -19.94
N ILE B 243 -9.43 -26.57 -19.91
CA ILE B 243 -8.18 -27.33 -19.64
C ILE B 243 -7.08 -27.23 -20.72
N ASN B 244 -7.47 -26.86 -21.91
CA ASN B 244 -6.56 -26.76 -23.03
C ASN B 244 -6.74 -25.42 -23.75
N GLY B 245 -6.18 -24.37 -23.19
CA GLY B 245 -6.27 -23.07 -23.84
C GLY B 245 -5.30 -22.94 -24.99
N ASN B 246 -4.47 -23.98 -25.25
CA ASN B 246 -3.48 -23.87 -26.36
C ASN B 246 -4.09 -24.22 -27.75
N THR B 247 -4.97 -25.23 -27.81
CA THR B 247 -5.55 -25.64 -29.10
C THR B 247 -7.08 -25.78 -29.08
N ASP B 248 -7.76 -25.62 -27.96
CA ASP B 248 -9.19 -25.86 -27.93
C ASP B 248 -9.95 -24.53 -28.19
N VAL B 249 -9.89 -24.07 -29.42
CA VAL B 249 -10.68 -22.91 -29.82
C VAL B 249 -12.17 -23.11 -29.62
N ASP B 250 -12.70 -24.30 -29.97
CA ASP B 250 -14.14 -24.55 -29.74
C ASP B 250 -14.51 -24.42 -28.24
N GLY B 251 -13.63 -24.94 -27.36
CA GLY B 251 -13.87 -24.83 -25.93
C GLY B 251 -13.84 -23.37 -25.38
N LEU B 252 -12.92 -22.56 -25.86
CA LEU B 252 -12.94 -21.10 -25.53
C LEU B 252 -14.17 -20.39 -26.01
N ARG B 253 -14.59 -20.69 -27.25
CA ARG B 253 -15.82 -20.15 -27.76
C ARG B 253 -17.00 -20.49 -26.85
N ALA B 254 -17.13 -21.76 -26.49
CA ALA B 254 -18.20 -22.24 -25.61
C ALA B 254 -18.17 -21.62 -24.25
N ALA B 255 -16.97 -21.51 -23.69
CA ALA B 255 -16.79 -20.96 -22.39
C ALA B 255 -17.29 -19.50 -22.37
N ILE B 256 -16.92 -18.72 -23.37
CA ILE B 256 -17.25 -17.31 -23.37
C ILE B 256 -18.74 -17.20 -23.57
N ALA B 257 -19.31 -18.01 -24.46
CA ALA B 257 -20.78 -18.02 -24.60
C ALA B 257 -21.55 -18.34 -23.33
N GLN B 258 -21.09 -19.33 -22.57
CA GLN B 258 -21.68 -19.72 -21.33
C GLN B 258 -21.58 -18.55 -20.28
N ALA B 259 -20.45 -17.86 -20.30
CA ALA B 259 -20.22 -16.66 -19.44
C ALA B 259 -21.25 -15.55 -19.81
N LYS B 260 -21.47 -15.33 -21.10
CA LYS B 260 -22.49 -14.32 -21.50
C LYS B 260 -23.91 -14.71 -21.18
N ALA B 261 -24.19 -16.00 -21.04
CA ALA B 261 -25.45 -16.54 -20.51
C ALA B 261 -25.60 -16.68 -18.98
N VAL B 262 -24.56 -16.53 -18.18
CA VAL B 262 -24.71 -16.27 -16.71
C VAL B 262 -24.88 -14.81 -16.38
N LYS B 263 -26.12 -14.37 -16.26
CA LYS B 263 -26.32 -12.92 -16.08
C LYS B 263 -25.96 -12.54 -14.65
N ASP B 264 -26.03 -13.49 -13.74
CA ASP B 264 -26.28 -13.16 -12.34
C ASP B 264 -24.98 -13.01 -11.52
N LYS B 265 -23.89 -13.53 -12.05
CA LYS B 265 -22.61 -13.57 -11.34
C LYS B 265 -21.50 -13.19 -12.29
N PRO B 266 -20.44 -12.45 -11.83
CA PRO B 266 -19.25 -12.36 -12.68
C PRO B 266 -18.65 -13.79 -12.85
N THR B 267 -17.99 -13.97 -13.99
CA THR B 267 -17.50 -15.29 -14.39
C THR B 267 -16.01 -15.26 -14.57
N LEU B 268 -15.36 -16.21 -13.91
CA LEU B 268 -13.92 -16.52 -14.11
C LEU B 268 -13.76 -17.75 -15.02
N ILE B 269 -13.05 -17.57 -16.11
CA ILE B 269 -12.74 -18.65 -17.02
C ILE B 269 -11.30 -19.01 -16.79
N LYS B 270 -11.06 -20.16 -16.23
CA LYS B 270 -9.71 -20.57 -15.86
C LYS B 270 -9.17 -21.32 -17.08
N VAL B 271 -8.24 -20.70 -17.78
CA VAL B 271 -7.77 -21.20 -19.05
C VAL B 271 -6.32 -21.66 -18.89
N SER B 272 -6.12 -22.96 -18.90
CA SER B 272 -4.75 -23.52 -18.77
C SER B 272 -3.98 -23.40 -20.11
N THR B 273 -2.79 -22.84 -20.07
CA THR B 273 -1.95 -22.68 -21.25
C THR B 273 -0.54 -23.12 -20.87
N LEU B 274 0.29 -23.22 -21.89
CA LEU B 274 1.67 -23.41 -21.69
C LEU B 274 2.28 -22.04 -22.02
N ILE B 275 3.01 -21.48 -21.05
CA ILE B 275 3.71 -20.27 -21.31
C ILE B 275 4.73 -20.52 -22.40
N GLY B 276 4.82 -19.61 -23.37
CA GLY B 276 5.81 -19.75 -24.40
C GLY B 276 5.41 -20.86 -25.37
N TYR B 277 4.13 -21.22 -25.43
CA TYR B 277 3.67 -22.32 -26.33
C TYR B 277 4.23 -22.17 -27.73
N GLY B 278 4.85 -23.24 -28.24
CA GLY B 278 5.50 -23.11 -29.52
C GLY B 278 7.02 -23.22 -29.48
N SER B 279 7.62 -22.68 -28.44
CA SER B 279 9.07 -22.73 -28.22
C SER B 279 9.43 -24.15 -27.82
N PRO B 280 10.12 -24.88 -28.72
CA PRO B 280 10.43 -26.25 -28.31
C PRO B 280 11.35 -26.37 -27.10
N ASN B 281 12.20 -25.39 -26.83
CA ASN B 281 13.10 -25.49 -25.70
C ASN B 281 12.81 -24.63 -24.49
N LYS B 282 12.04 -23.54 -24.64
CA LYS B 282 11.83 -22.61 -23.54
C LYS B 282 10.35 -22.51 -23.05
N ALA B 283 9.44 -23.26 -23.67
CA ALA B 283 8.04 -23.29 -23.21
C ALA B 283 8.01 -23.87 -21.82
N ASP B 284 7.05 -23.45 -21.01
CA ASP B 284 6.84 -23.98 -19.65
C ASP B 284 7.98 -23.70 -18.68
N SER B 285 8.69 -22.64 -18.89
CA SER B 285 9.81 -22.30 -18.00
C SER B 285 9.72 -20.81 -17.73
N HIS B 286 10.17 -20.37 -16.55
CA HIS B 286 10.30 -18.95 -16.28
C HIS B 286 11.30 -18.21 -17.21
N ASP B 287 12.15 -18.97 -17.94
CA ASP B 287 13.08 -18.33 -18.96
C ASP B 287 12.34 -17.62 -20.20
N VAL B 288 11.10 -18.00 -20.47
CA VAL B 288 10.30 -17.43 -21.54
C VAL B 288 9.36 -16.31 -21.00
N HIS B 289 9.28 -16.17 -19.68
CA HIS B 289 8.50 -15.12 -19.04
C HIS B 289 8.86 -13.70 -19.52
N GLY B 290 10.15 -13.41 -19.52
CA GLY B 290 10.59 -11.99 -19.38
C GLY B 290 11.83 -11.72 -20.17
N ALA B 291 12.18 -12.62 -21.10
CA ALA B 291 13.30 -12.29 -22.00
C ALA B 291 13.02 -12.71 -23.47
N PRO B 292 13.66 -12.02 -24.43
CA PRO B 292 13.40 -12.34 -25.83
C PRO B 292 13.81 -13.80 -26.10
N LEU B 293 13.18 -14.47 -27.08
CA LEU B 293 13.55 -15.85 -27.38
C LEU B 293 14.99 -15.87 -27.90
N GLY B 294 15.33 -14.86 -28.70
CA GLY B 294 16.68 -14.74 -29.26
C GLY B 294 16.74 -15.49 -30.57
N PRO B 295 17.84 -15.33 -31.32
CA PRO B 295 17.82 -15.80 -32.74
C PRO B 295 17.67 -17.33 -32.92
N ASP B 296 18.41 -18.13 -32.16
CA ASP B 296 18.40 -19.58 -32.30
C ASP B 296 17.04 -20.16 -31.91
N GLU B 297 16.48 -19.69 -30.80
CA GLU B 297 15.21 -20.21 -30.31
C GLU B 297 14.03 -19.70 -31.15
N THR B 298 14.16 -18.49 -31.68
CA THR B 298 13.14 -18.02 -32.60
C THR B 298 13.13 -18.88 -33.90
N ALA B 299 14.32 -19.21 -34.42
CA ALA B 299 14.35 -20.09 -35.62
C ALA B 299 13.74 -21.45 -35.28
N ALA B 300 14.03 -21.94 -34.08
CA ALA B 300 13.52 -23.23 -33.65
C ALA B 300 11.97 -23.22 -33.50
N THR B 301 11.45 -22.09 -33.06
CA THR B 301 10.03 -21.88 -32.80
C THR B 301 9.26 -21.72 -34.16
N ARG B 302 9.85 -20.99 -35.09
CA ARG B 302 9.35 -20.93 -36.44
C ARG B 302 9.26 -22.34 -37.03
N LYS B 303 10.29 -23.16 -36.83
CA LYS B 303 10.29 -24.49 -37.39
C LYS B 303 9.23 -25.31 -36.69
N ASN B 304 9.20 -25.27 -35.37
CA ASN B 304 8.24 -26.06 -34.57
C ASN B 304 6.77 -25.75 -34.88
N LEU B 305 6.47 -24.49 -35.18
CA LEU B 305 5.10 -24.07 -35.45
C LEU B 305 4.88 -24.02 -36.99
N ASN B 306 5.88 -24.42 -37.79
CA ASN B 306 5.77 -24.46 -39.25
C ASN B 306 5.36 -23.06 -39.84
N TRP B 307 6.07 -22.03 -39.40
CA TRP B 307 5.76 -20.64 -39.76
C TRP B 307 6.85 -20.13 -40.67
N PRO B 308 6.59 -20.02 -42.00
CA PRO B 308 7.61 -19.63 -42.94
C PRO B 308 7.72 -18.13 -43.17
N TYR B 309 6.91 -17.33 -42.48
CA TYR B 309 6.83 -15.91 -42.79
C TYR B 309 7.99 -15.17 -42.05
N GLY B 310 8.50 -14.11 -42.64
CA GLY B 310 9.65 -13.43 -42.11
C GLY B 310 9.27 -12.44 -41.03
N GLU B 311 10.27 -11.72 -40.60
CA GLU B 311 10.17 -10.77 -39.48
C GLU B 311 9.09 -9.76 -39.66
N PHE B 312 8.12 -9.75 -38.76
CA PHE B 312 7.03 -8.75 -38.76
C PHE B 312 6.06 -8.95 -39.90
N GLU B 313 6.13 -10.11 -40.55
CA GLU B 313 5.34 -10.39 -41.74
C GLU B 313 4.12 -11.16 -41.37
N VAL B 314 2.98 -10.49 -41.43
CA VAL B 314 1.68 -11.07 -41.16
C VAL B 314 1.07 -11.38 -42.56
N PRO B 315 0.69 -12.67 -42.82
CA PRO B 315 0.21 -13.01 -44.15
C PRO B 315 -1.05 -12.26 -44.55
N GLN B 316 -1.20 -11.94 -45.84
CA GLN B 316 -2.33 -11.20 -46.35
C GLN B 316 -3.67 -11.78 -45.91
N ASP B 317 -3.75 -13.09 -45.89
CA ASP B 317 -5.04 -13.77 -45.53
C ASP B 317 -5.40 -13.61 -44.03
N VAL B 318 -4.40 -13.51 -43.19
CA VAL B 318 -4.60 -13.22 -41.78
C VAL B 318 -5.09 -11.78 -41.55
N TYR B 319 -4.47 -10.80 -42.21
CA TYR B 319 -5.05 -9.45 -42.24
C TYR B 319 -6.47 -9.45 -42.76
N ASP B 320 -6.79 -10.25 -43.79
CA ASP B 320 -8.13 -10.22 -44.35
C ASP B 320 -9.12 -10.65 -43.28
N VAL B 321 -8.73 -11.60 -42.45
CA VAL B 321 -9.61 -12.02 -41.31
C VAL B 321 -9.72 -10.94 -40.22
N PHE B 322 -8.58 -10.55 -39.61
CA PHE B 322 -8.66 -9.61 -38.49
C PHE B 322 -9.19 -8.23 -38.87
N ARG B 323 -8.81 -7.74 -40.06
CA ARG B 323 -9.34 -6.46 -40.57
C ARG B 323 -10.82 -6.44 -40.86
N GLY B 324 -11.47 -7.61 -40.81
CA GLY B 324 -12.91 -7.69 -40.78
C GLY B 324 -13.52 -6.87 -39.66
N ALA B 325 -12.72 -6.57 -38.63
CA ALA B 325 -13.17 -5.79 -37.50
C ALA B 325 -13.59 -4.43 -37.90
N ILE B 326 -12.97 -3.92 -38.95
CA ILE B 326 -13.22 -2.54 -39.38
C ILE B 326 -14.67 -2.40 -39.82
N LYS B 327 -15.07 -3.22 -40.79
CA LYS B 327 -16.47 -3.27 -41.21
C LYS B 327 -17.47 -3.57 -40.12
N ARG B 328 -17.20 -4.64 -39.35
CA ARG B 328 -18.09 -5.07 -38.28
C ARG B 328 -18.23 -3.94 -37.27
N GLY B 329 -17.11 -3.29 -36.96
CA GLY B 329 -17.12 -2.22 -36.00
C GLY B 329 -17.97 -1.02 -36.44
N ALA B 330 -17.79 -0.60 -37.69
CA ALA B 330 -18.59 0.49 -38.27
C ALA B 330 -20.10 0.19 -38.13
N GLU B 331 -20.43 -1.06 -38.40
CA GLU B 331 -21.81 -1.53 -38.37
C GLU B 331 -22.34 -1.58 -36.94
N GLU B 332 -21.52 -2.04 -36.00
CA GLU B 332 -21.94 -2.05 -34.60
C GLU B 332 -22.22 -0.61 -34.12
N GLU B 333 -21.31 0.28 -34.41
CA GLU B 333 -21.45 1.66 -33.92
C GLU B 333 -22.70 2.32 -34.60
N ALA B 334 -22.93 2.03 -35.87
CA ALA B 334 -24.11 2.60 -36.59
C ALA B 334 -25.40 2.08 -36.01
N ASN B 335 -25.42 0.81 -35.71
CA ASN B 335 -26.56 0.23 -35.09
C ASN B 335 -26.82 0.79 -33.72
N TRP B 336 -25.75 1.08 -32.97
CA TRP B 336 -25.90 1.84 -31.72
C TRP B 336 -26.51 3.21 -31.94
N HIS B 337 -26.09 3.92 -32.94
CA HIS B 337 -26.63 5.26 -33.21
C HIS B 337 -28.10 5.11 -33.50
N LYS B 338 -28.47 4.10 -34.27
CA LYS B 338 -29.94 3.86 -34.51
C LYS B 338 -30.69 3.64 -33.22
N ALA B 339 -30.11 2.85 -32.35
CA ALA B 339 -30.79 2.61 -31.09
C ALA B 339 -30.92 3.95 -30.30
N CYS B 340 -29.91 4.80 -30.40
CA CYS B 340 -29.96 6.08 -29.67
C CYS B 340 -31.04 7.00 -30.33
N ALA B 341 -31.10 7.01 -31.65
CA ALA B 341 -32.15 7.83 -32.36
C ALA B 341 -33.57 7.35 -31.96
N GLU B 342 -33.79 6.03 -31.86
CA GLU B 342 -35.07 5.46 -31.46
C GLU B 342 -35.40 5.82 -30.01
N TYR B 343 -34.41 5.68 -29.13
CA TYR B 343 -34.54 6.04 -27.73
C TYR B 343 -34.92 7.47 -27.57
N LYS B 344 -34.24 8.36 -28.28
CA LYS B 344 -34.37 9.82 -28.14
C LYS B 344 -35.77 10.26 -28.62
N ALA B 345 -36.29 9.58 -29.64
CA ALA B 345 -37.65 9.87 -30.14
C ALA B 345 -38.71 9.57 -29.09
N LYS B 346 -38.55 8.50 -28.34
CA LYS B 346 -39.49 8.21 -27.24
C LYS B 346 -39.21 8.87 -25.90
N TYR B 347 -37.94 9.07 -25.58
CA TYR B 347 -37.51 9.58 -24.28
C TYR B 347 -36.56 10.81 -24.44
N PRO B 348 -37.13 11.93 -24.85
CA PRO B 348 -36.32 13.09 -25.00
C PRO B 348 -35.63 13.64 -23.75
N LYS B 349 -36.32 13.60 -22.60
CA LYS B 349 -35.82 14.12 -21.32
C LYS B 349 -34.55 13.30 -20.91
N GLU B 350 -34.74 11.99 -20.96
CA GLU B 350 -33.69 11.03 -20.57
C GLU B 350 -32.51 11.05 -21.52
N TRP B 351 -32.78 11.09 -22.80
CA TRP B 351 -31.71 11.22 -23.74
C TRP B 351 -30.89 12.46 -23.48
N ALA B 352 -31.55 13.60 -23.24
CA ALA B 352 -30.77 14.82 -23.07
C ALA B 352 -29.82 14.70 -21.84
N GLU B 353 -30.31 14.12 -20.77
CA GLU B 353 -29.52 13.88 -19.57
C GLU B 353 -28.32 12.97 -19.89
N PHE B 354 -28.61 11.92 -20.65
CA PHE B 354 -27.61 10.88 -20.99
C PHE B 354 -26.54 11.52 -21.81
N GLU B 355 -26.96 12.33 -22.77
CA GLU B 355 -26.04 12.96 -23.70
C GLU B 355 -25.12 13.96 -22.98
N ALA B 356 -25.71 14.76 -22.11
CA ALA B 356 -25.00 15.77 -21.36
C ALA B 356 -23.95 15.12 -20.39
N LEU B 357 -24.41 14.10 -19.69
CA LEU B 357 -23.49 13.40 -18.71
C LEU B 357 -22.32 12.79 -19.47
N THR B 358 -22.67 11.98 -20.47
CA THR B 358 -21.75 11.13 -21.21
C THR B 358 -20.79 11.96 -22.12
N SER B 359 -21.13 13.22 -22.41
CA SER B 359 -20.22 14.16 -23.09
C SER B 359 -19.00 14.51 -22.26
N CYS B 360 -19.08 14.23 -20.95
CA CYS B 360 -18.05 14.59 -19.92
C CYS B 360 -17.92 16.09 -19.60
N LYS B 361 -18.74 16.93 -20.23
CA LYS B 361 -18.78 18.31 -19.92
C LYS B 361 -19.49 18.51 -18.59
N LEU B 362 -18.91 19.37 -17.71
CA LEU B 362 -19.53 19.68 -16.40
C LEU B 362 -20.66 20.69 -16.61
N PRO B 363 -21.74 20.59 -15.83
CA PRO B 363 -22.88 21.54 -16.00
C PRO B 363 -22.52 22.94 -15.84
N GLU B 364 -23.16 23.80 -16.62
CA GLU B 364 -22.98 25.20 -16.45
C GLU B 364 -23.14 25.71 -15.02
N ASN B 365 -22.15 26.41 -14.54
CA ASN B 365 -22.16 27.05 -13.20
C ASN B 365 -22.34 26.04 -12.03
N TRP B 366 -21.91 24.77 -12.20
CA TRP B 366 -21.98 23.86 -11.08
C TRP B 366 -21.30 24.45 -9.82
N GLU B 367 -20.25 25.23 -10.01
CA GLU B 367 -19.52 25.77 -8.82
C GLU B 367 -20.38 26.63 -7.89
N ALA B 368 -21.45 27.23 -8.42
CA ALA B 368 -22.38 28.02 -7.58
C ALA B 368 -23.10 27.17 -6.54
N ALA B 369 -23.08 25.84 -6.67
CA ALA B 369 -23.65 24.95 -5.69
C ALA B 369 -22.93 25.04 -4.35
N LEU B 370 -21.66 25.37 -4.40
CA LEU B 370 -20.85 25.34 -3.17
C LEU B 370 -21.09 26.56 -2.29
N PRO B 371 -21.32 26.36 -0.98
CA PRO B 371 -21.53 27.46 -0.04
C PRO B 371 -20.32 28.27 0.32
N HIS B 372 -20.54 29.49 0.82
CA HIS B 372 -19.46 30.36 1.35
C HIS B 372 -19.69 30.58 2.82
N PHE B 373 -18.65 31.02 3.52
CA PHE B 373 -18.60 30.99 5.00
C PHE B 373 -18.04 32.35 5.44
N LYS B 374 -18.41 32.73 6.65
CA LYS B 374 -17.85 33.89 7.26
C LYS B 374 -17.25 33.57 8.60
N PRO B 375 -16.34 34.45 9.13
CA PRO B 375 -15.58 34.07 10.27
C PRO B 375 -16.37 33.69 11.50
N GLU B 376 -17.55 34.25 11.70
CA GLU B 376 -18.29 33.96 12.93
C GLU B 376 -19.26 32.79 12.76
N ASP B 377 -19.29 32.18 11.57
CA ASP B 377 -19.93 30.87 11.39
C ASP B 377 -19.25 29.84 12.27
N LYS B 378 -20.02 28.95 12.86
CA LYS B 378 -19.53 27.92 13.78
C LYS B 378 -18.34 27.19 13.20
N GLY B 379 -17.32 27.07 14.02
CA GLY B 379 -16.08 26.45 13.59
C GLY B 379 -16.21 24.90 13.53
N LEU B 380 -16.57 24.40 12.37
CA LEU B 380 -16.73 22.94 12.17
C LEU B 380 -15.39 22.27 11.81
N ALA B 381 -15.33 20.95 11.99
CA ALA B 381 -14.24 20.14 11.43
C ALA B 381 -14.27 20.18 9.91
N THR B 382 -13.11 20.15 9.26
CA THR B 382 -13.20 20.10 7.80
C THR B 382 -13.79 18.78 7.28
N ARG B 383 -13.79 17.70 8.06
CA ARG B 383 -14.60 16.57 7.65
C ARG B 383 -16.10 16.92 7.53
N GLN B 384 -16.61 17.78 8.41
CA GLN B 384 -18.04 18.21 8.36
C GLN B 384 -18.25 19.09 7.16
N HIS B 385 -17.32 20.01 6.89
CA HIS B 385 -17.39 20.81 5.64
C HIS B 385 -17.39 19.95 4.34
N SER B 386 -16.61 18.87 4.32
CA SER B 386 -16.55 17.93 3.23
C SER B 386 -17.89 17.30 3.03
N GLN B 387 -18.53 16.86 4.09
CA GLN B 387 -19.90 16.32 3.94
C GLN B 387 -20.83 17.36 3.28
N THR B 388 -20.73 18.61 3.70
CA THR B 388 -21.53 19.66 3.11
C THR B 388 -21.26 19.80 1.61
N MET B 389 -20.00 19.74 1.21
CA MET B 389 -19.66 19.92 -0.20
C MET B 389 -20.20 18.72 -1.03
N ILE B 390 -20.01 17.50 -0.53
CA ILE B 390 -20.50 16.32 -1.18
C ILE B 390 -22.02 16.49 -1.46
N ASN B 391 -22.75 16.92 -0.42
CA ASN B 391 -24.21 17.02 -0.51
C ASN B 391 -24.65 18.18 -1.36
N ALA B 392 -23.84 19.21 -1.40
CA ALA B 392 -24.08 20.37 -2.27
C ALA B 392 -23.89 19.99 -3.75
N LEU B 393 -22.92 19.15 -4.03
CA LEU B 393 -22.56 18.86 -5.40
C LEU B 393 -23.36 17.73 -5.97
N ALA B 394 -23.86 16.81 -5.17
CA ALA B 394 -24.55 15.64 -5.67
C ALA B 394 -25.73 16.00 -6.58
N PRO B 395 -26.59 16.94 -6.16
CA PRO B 395 -27.68 17.36 -7.13
C PRO B 395 -27.23 18.10 -8.40
N ALA B 396 -26.10 18.74 -8.35
CA ALA B 396 -25.57 19.59 -9.39
C ALA B 396 -24.72 18.84 -10.39
N LEU B 397 -24.16 17.69 -9.95
CA LEU B 397 -23.23 16.89 -10.75
C LEU B 397 -23.80 15.46 -10.92
N PRO B 398 -24.55 15.22 -12.01
CA PRO B 398 -25.20 13.96 -12.22
C PRO B 398 -24.27 12.74 -12.22
N GLY B 399 -22.98 12.99 -12.49
CA GLY B 399 -22.02 11.90 -12.53
C GLY B 399 -21.28 11.59 -11.23
N LEU B 400 -21.50 12.35 -10.13
CA LEU B 400 -20.84 12.11 -8.82
C LEU B 400 -21.31 10.83 -8.23
N ILE B 401 -20.32 10.00 -7.89
CA ILE B 401 -20.56 8.60 -7.48
C ILE B 401 -19.39 8.25 -6.55
N GLY B 402 -19.68 7.52 -5.46
CA GLY B 402 -18.59 7.01 -4.69
C GLY B 402 -18.89 6.84 -3.23
N GLY B 403 -17.84 6.77 -2.39
CA GLY B 403 -18.07 6.44 -1.00
C GLY B 403 -16.83 5.99 -0.25
N SER B 404 -17.06 5.56 0.99
CA SER B 404 -16.06 5.24 1.98
C SER B 404 -15.83 3.75 2.09
N ALA B 405 -14.63 3.42 2.47
CA ALA B 405 -14.23 2.06 2.90
C ALA B 405 -14.63 1.77 4.35
N ASP B 406 -15.92 1.54 4.56
CA ASP B 406 -16.48 1.14 5.81
C ASP B 406 -16.44 2.26 6.81
N LEU B 407 -16.24 3.52 6.42
CA LEU B 407 -16.18 4.61 7.39
C LEU B 407 -17.15 5.77 7.09
N ALA B 408 -18.28 5.47 6.44
CA ALA B 408 -19.24 6.53 6.20
C ALA B 408 -19.60 7.42 7.44
N PRO B 409 -19.86 6.84 8.63
CA PRO B 409 -20.22 7.64 9.78
C PRO B 409 -19.09 8.47 10.41
N SER B 410 -17.83 8.22 10.01
CA SER B 410 -16.67 8.98 10.51
C SER B 410 -16.06 9.86 9.42
N ASN B 411 -16.02 9.39 8.17
CA ASN B 411 -15.50 10.19 7.07
C ASN B 411 -16.58 11.21 6.59
N LEU B 412 -17.85 10.93 6.91
CA LEU B 412 -19.03 11.76 6.55
C LEU B 412 -19.21 11.96 5.05
N THR B 413 -19.40 10.84 4.35
CA THR B 413 -19.31 10.78 2.89
C THR B 413 -20.63 10.44 2.16
N LEU B 414 -21.70 10.11 2.87
CA LEU B 414 -22.91 9.73 2.14
C LEU B 414 -23.61 10.90 1.41
N MET B 415 -24.04 10.67 0.17
CA MET B 415 -24.94 11.55 -0.61
C MET B 415 -26.35 11.22 -0.17
N LYS B 416 -26.96 12.17 0.52
CA LYS B 416 -28.27 11.99 1.17
C LYS B 416 -29.35 11.73 0.11
N ILE B 417 -29.17 12.28 -1.10
CA ILE B 417 -30.22 12.16 -2.08
C ILE B 417 -30.22 10.81 -2.80
N SER B 418 -29.32 9.90 -2.48
CA SER B 418 -29.29 8.61 -3.17
C SER B 418 -29.16 7.47 -2.22
N GLY B 419 -29.51 6.25 -2.67
CA GLY B 419 -29.26 5.05 -1.88
C GLY B 419 -27.90 4.44 -2.12
N ASP B 420 -27.80 3.15 -1.81
CA ASP B 420 -26.59 2.33 -2.00
C ASP B 420 -26.63 1.53 -3.27
N PHE B 421 -25.56 1.63 -4.06
CA PHE B 421 -25.34 0.73 -5.18
C PHE B 421 -25.27 -0.71 -4.70
N GLN B 422 -26.14 -1.57 -5.20
CA GLN B 422 -26.15 -2.99 -4.86
C GLN B 422 -26.67 -3.76 -6.05
N LYS B 423 -26.57 -5.08 -6.00
CA LYS B 423 -27.14 -5.96 -6.98
C LYS B 423 -28.59 -5.61 -7.17
N GLY B 424 -29.41 -5.46 -6.15
CA GLY B 424 -30.78 -4.97 -6.69
C GLY B 424 -31.01 -3.53 -7.32
N SER B 425 -30.00 -2.65 -7.24
CA SER B 425 -30.19 -1.25 -7.31
C SER B 425 -28.96 -0.52 -7.85
N TYR B 426 -28.61 -0.81 -9.12
CA TYR B 426 -27.41 -0.27 -9.73
C TYR B 426 -27.47 1.22 -10.03
N ALA B 427 -28.69 1.77 -10.11
CA ALA B 427 -28.84 3.19 -10.31
C ALA B 427 -28.42 4.08 -9.16
N GLU B 428 -28.31 3.52 -7.94
CA GLU B 428 -27.97 4.30 -6.78
C GLU B 428 -26.50 4.67 -6.83
N ARG B 429 -26.15 5.72 -6.08
CA ARG B 429 -24.89 6.45 -6.31
C ARG B 429 -23.91 6.28 -5.16
N ASN B 430 -24.35 5.80 -3.99
CA ASN B 430 -23.40 5.58 -2.89
C ASN B 430 -22.79 4.19 -3.02
N LEU B 431 -21.45 4.17 -3.09
CA LEU B 431 -20.68 2.94 -3.16
C LEU B 431 -20.10 2.63 -1.78
N ARG B 432 -20.43 1.44 -1.27
CA ARG B 432 -20.09 1.03 0.08
C ARG B 432 -18.99 0.00 -0.05
N PHE B 433 -17.71 0.44 0.09
CA PHE B 433 -16.60 -0.44 -0.30
C PHE B 433 -16.22 -1.51 0.67
N GLY B 434 -16.70 -1.40 1.91
CA GLY B 434 -16.15 -2.22 3.04
C GLY B 434 -14.68 -1.92 3.30
N VAL B 435 -13.94 -2.81 3.97
CA VAL B 435 -12.60 -2.50 4.47
C VAL B 435 -11.63 -2.90 3.39
N ARG B 436 -11.66 -2.18 2.27
CA ARG B 436 -10.91 -2.54 1.06
C ARG B 436 -10.35 -1.35 0.35
N GLU B 437 -9.43 -0.66 1.01
CA GLU B 437 -9.02 0.64 0.55
C GLU B 437 -8.35 0.54 -0.81
N HIS B 438 -7.46 -0.43 -0.96
CA HIS B 438 -6.72 -0.54 -2.21
C HIS B 438 -7.60 -0.82 -3.46
N ALA B 439 -8.51 -1.81 -3.36
CA ALA B 439 -9.40 -2.13 -4.46
C ALA B 439 -10.31 -0.91 -4.73
N MET B 440 -10.67 -0.20 -3.66
CA MET B 440 -11.58 0.97 -3.75
C MET B 440 -10.94 2.01 -4.70
N GLY B 441 -9.68 2.33 -4.49
CA GLY B 441 -9.03 3.24 -5.43
C GLY B 441 -8.93 2.76 -6.85
N ALA B 442 -8.58 1.49 -7.03
CA ALA B 442 -8.44 0.96 -8.36
C ALA B 442 -9.82 0.81 -9.06
N ILE B 443 -10.83 0.48 -8.30
CA ILE B 443 -12.20 0.49 -8.81
C ILE B 443 -12.62 1.86 -9.27
N CYS B 444 -12.36 2.88 -8.45
CA CYS B 444 -12.57 4.27 -8.92
C CYS B 444 -11.81 4.65 -10.20
N ASN B 445 -10.60 4.21 -10.38
CA ASN B 445 -9.87 4.45 -11.61
C ASN B 445 -10.63 3.91 -12.83
N GLY B 446 -11.20 2.73 -12.64
CA GLY B 446 -12.01 2.09 -13.69
C GLY B 446 -13.28 2.89 -13.98
N ILE B 447 -13.90 3.40 -12.93
CA ILE B 447 -15.12 4.24 -13.13
C ILE B 447 -14.80 5.50 -13.92
N ALA B 448 -13.76 6.19 -13.53
CA ALA B 448 -13.40 7.43 -14.22
C ALA B 448 -12.99 7.11 -15.66
N LEU B 449 -12.18 6.06 -15.80
CA LEU B 449 -11.67 5.72 -17.12
C LEU B 449 -12.65 5.05 -18.08
N HIS B 450 -13.87 4.77 -17.63
CA HIS B 450 -14.95 4.46 -18.56
C HIS B 450 -15.27 5.63 -19.50
N LYS B 451 -14.92 6.86 -19.14
CA LYS B 451 -14.96 8.06 -20.01
C LYS B 451 -16.41 8.31 -20.38
N SER B 452 -17.26 8.19 -19.38
CA SER B 452 -18.69 8.40 -19.51
C SER B 452 -19.28 9.49 -18.60
N GLY B 453 -18.39 10.29 -17.99
CA GLY B 453 -18.74 11.47 -17.17
C GLY B 453 -18.99 11.15 -15.70
N LEU B 454 -18.67 9.92 -15.29
CA LEU B 454 -18.80 9.61 -13.88
C LEU B 454 -17.56 10.20 -13.15
N ILE B 455 -17.82 10.84 -12.01
CA ILE B 455 -16.82 11.54 -11.19
C ILE B 455 -16.71 10.78 -9.88
N PRO B 456 -15.74 9.87 -9.81
CA PRO B 456 -15.72 9.11 -8.54
C PRO B 456 -14.96 9.74 -7.38
N TYR B 457 -15.53 9.56 -6.18
CA TYR B 457 -14.90 9.97 -4.97
C TYR B 457 -14.83 8.75 -4.05
N CYS B 458 -13.74 8.64 -3.32
CA CYS B 458 -13.67 7.58 -2.34
C CYS B 458 -12.94 8.05 -1.07
N ALA B 459 -13.02 7.28 0.01
CA ALA B 459 -12.66 7.81 1.28
C ALA B 459 -12.18 6.77 2.27
N THR B 460 -11.19 7.17 3.04
CA THR B 460 -10.86 6.50 4.30
C THR B 460 -10.23 7.51 5.28
N PHE B 461 -9.74 7.03 6.43
CA PHE B 461 -8.83 7.80 7.25
C PHE B 461 -7.53 8.00 6.46
N TYR B 462 -7.00 9.19 6.50
CA TYR B 462 -5.84 9.59 5.67
C TYR B 462 -4.67 8.61 5.87
N ILE B 463 -4.48 8.12 7.07
CA ILE B 463 -3.40 7.22 7.43
C ILE B 463 -3.45 5.95 6.52
N PHE B 464 -4.67 5.52 6.16
CA PHE B 464 -4.84 4.31 5.40
C PHE B 464 -4.68 4.50 3.89
N THR B 465 -4.33 5.69 3.48
CA THR B 465 -3.79 5.86 2.10
C THR B 465 -2.59 4.91 1.90
N ASP B 466 -1.89 4.58 2.98
CA ASP B 466 -0.76 3.64 2.87
C ASP B 466 -1.24 2.30 2.31
N TYR B 467 -2.45 1.83 2.66
CA TYR B 467 -2.94 0.58 2.06
C TYR B 467 -3.18 0.66 0.56
N MET B 468 -3.45 1.88 0.03
CA MET B 468 -4.00 2.06 -1.32
C MET B 468 -3.08 2.89 -2.23
N ARG B 469 -1.82 2.99 -1.79
CA ARG B 469 -0.89 3.88 -2.42
C ARG B 469 -0.68 3.62 -3.86
N ASN B 470 -0.54 2.34 -4.33
CA ASN B 470 -0.32 2.19 -5.75
C ASN B 470 -1.53 2.63 -6.60
N ALA B 471 -2.78 2.34 -6.15
CA ALA B 471 -3.93 2.76 -6.89
C ALA B 471 -3.96 4.28 -7.07
N MET B 472 -3.58 4.98 -5.97
CA MET B 472 -3.62 6.42 -5.98
C MET B 472 -2.55 6.89 -7.01
N ARG B 473 -1.36 6.27 -6.98
CA ARG B 473 -0.37 6.60 -7.96
C ARG B 473 -0.84 6.35 -9.38
N MET B 474 -1.62 5.28 -9.59
CA MET B 474 -2.11 4.98 -10.93
C MET B 474 -3.14 6.03 -11.39
N SER B 475 -3.85 6.62 -10.46
CA SER B 475 -4.77 7.75 -10.79
C SER B 475 -3.93 8.88 -11.38
N ALA B 476 -2.82 9.15 -10.77
CA ALA B 476 -1.97 10.24 -11.24
C ALA B 476 -1.38 9.96 -12.63
N LEU B 477 -0.83 8.78 -12.78
CA LEU B 477 -0.14 8.34 -13.99
C LEU B 477 -1.13 8.18 -15.11
N SER B 478 -2.34 7.64 -14.81
CA SER B 478 -3.34 7.38 -15.85
CA SER B 478 -3.37 7.38 -15.83
C SER B 478 -4.28 8.60 -16.15
N GLU B 479 -4.07 9.72 -15.45
CA GLU B 479 -4.89 10.92 -15.63
C GLU B 479 -6.38 10.68 -15.28
N ALA B 480 -6.64 9.94 -14.21
CA ALA B 480 -7.99 9.66 -13.71
C ALA B 480 -8.29 10.65 -12.56
N GLY B 481 -9.31 11.51 -12.72
CA GLY B 481 -9.69 12.52 -11.73
C GLY B 481 -10.49 11.96 -10.56
N VAL B 482 -9.89 11.02 -9.81
CA VAL B 482 -10.51 10.48 -8.66
C VAL B 482 -10.31 11.48 -7.55
N VAL B 483 -11.38 11.67 -6.77
CA VAL B 483 -11.33 12.57 -5.64
C VAL B 483 -11.18 11.76 -4.35
N TYR B 484 -10.00 11.85 -3.72
CA TYR B 484 -9.65 11.12 -2.51
C TYR B 484 -9.93 11.96 -1.27
N VAL B 485 -11.00 11.58 -0.54
CA VAL B 485 -11.53 12.30 0.62
C VAL B 485 -11.03 11.65 1.88
N MET B 486 -10.05 12.26 2.53
CA MET B 486 -9.22 11.63 3.55
C MET B 486 -9.24 12.38 4.89
N THR B 487 -9.97 11.83 5.86
CA THR B 487 -10.26 12.46 7.08
C THR B 487 -9.31 12.05 8.18
N HIS B 488 -9.45 12.61 9.37
CA HIS B 488 -8.63 12.30 10.51
C HIS B 488 -7.12 12.52 10.18
N ASP B 489 -6.83 13.69 9.69
CA ASP B 489 -5.59 13.96 8.97
C ASP B 489 -4.32 14.10 9.87
N SER B 490 -4.42 13.98 11.18
CA SER B 490 -3.29 14.32 12.07
C SER B 490 -3.48 13.78 13.48
N ILE B 491 -2.53 14.14 14.39
CA ILE B 491 -2.73 13.95 15.84
C ILE B 491 -3.99 14.56 16.42
N GLY B 492 -4.60 15.50 15.72
CA GLY B 492 -5.89 16.01 16.12
C GLY B 492 -7.00 15.00 16.29
N LEU B 493 -6.83 13.80 15.71
CA LEU B 493 -7.76 12.72 15.98
C LEU B 493 -7.71 12.20 17.40
N GLY B 494 -6.56 12.33 18.05
CA GLY B 494 -6.47 11.96 19.49
C GLY B 494 -6.20 10.52 19.82
N GLU B 495 -7.13 9.88 20.53
CA GLU B 495 -6.84 8.72 21.34
C GLU B 495 -6.56 7.47 20.55
N ASP B 496 -6.98 7.36 19.28
CA ASP B 496 -6.63 6.16 18.48
C ASP B 496 -5.14 5.96 18.37
N GLY B 497 -4.33 7.00 18.56
CA GLY B 497 -2.92 6.85 18.67
C GLY B 497 -2.14 6.68 17.33
N PRO B 498 -0.84 6.31 17.46
CA PRO B 498 0.11 6.53 16.37
C PRO B 498 -0.12 5.62 15.16
N THR B 499 -0.82 4.51 15.33
CA THR B 499 -1.09 3.65 14.20
C THR B 499 -2.11 4.33 13.26
N HIS B 500 -2.84 5.29 13.80
CA HIS B 500 -3.85 6.01 13.08
C HIS B 500 -3.47 7.43 12.71
N GLN B 501 -2.37 7.94 13.24
CA GLN B 501 -2.03 9.35 13.09
C GLN B 501 -1.01 9.58 11.95
N PRO B 502 -1.44 10.28 10.90
CA PRO B 502 -0.52 10.66 9.84
C PRO B 502 0.60 11.57 10.34
N ILE B 503 1.78 11.41 9.70
CA ILE B 503 2.95 12.24 9.98
C ILE B 503 3.68 12.61 8.67
N GLU B 504 4.07 11.60 7.96
CA GLU B 504 4.78 11.72 6.68
C GLU B 504 3.92 11.81 5.41
N HIS B 505 2.59 11.71 5.58
CA HIS B 505 1.67 11.48 4.50
C HIS B 505 1.51 12.69 3.60
N LEU B 506 1.46 13.90 4.17
CA LEU B 506 1.41 15.11 3.33
C LEU B 506 2.68 15.21 2.46
N ALA B 507 3.87 15.04 3.06
CA ALA B 507 5.11 15.01 2.31
C ALA B 507 5.07 13.94 1.19
N SER B 508 4.63 12.75 1.51
CA SER B 508 4.65 11.59 0.59
C SER B 508 3.81 11.80 -0.65
N PHE B 509 2.73 12.59 -0.54
CA PHE B 509 1.90 12.96 -1.66
C PHE B 509 2.31 14.24 -2.41
N ARG B 510 2.80 15.23 -1.69
CA ARG B 510 3.43 16.38 -2.32
C ARG B 510 4.58 15.92 -3.24
N ALA B 511 5.29 14.88 -2.87
CA ALA B 511 6.37 14.35 -3.67
C ALA B 511 5.92 13.56 -4.93
N MET B 512 4.68 13.05 -4.90
CA MET B 512 4.15 12.22 -5.99
C MET B 512 3.88 13.05 -7.19
N PRO B 513 4.39 12.65 -8.37
CA PRO B 513 4.07 13.44 -9.53
C PRO B 513 2.55 13.50 -9.87
N ASP B 514 2.09 14.67 -10.31
CA ASP B 514 0.76 14.81 -10.90
C ASP B 514 -0.37 14.37 -10.01
N MET B 515 -0.21 14.60 -8.71
CA MET B 515 -1.28 14.41 -7.72
C MET B 515 -1.45 15.78 -7.07
N LEU B 516 -2.68 16.24 -6.83
CA LEU B 516 -2.90 17.44 -6.02
C LEU B 516 -3.08 16.99 -4.57
N MET B 517 -2.40 17.67 -3.64
CA MET B 517 -2.52 17.36 -2.24
C MET B 517 -2.98 18.62 -1.50
N ILE B 518 -4.29 18.70 -1.25
CA ILE B 518 -4.87 19.87 -0.66
C ILE B 518 -5.25 19.64 0.82
N ARG B 519 -4.92 20.63 1.67
CA ARG B 519 -5.24 20.58 3.11
C ARG B 519 -5.93 21.88 3.53
N PRO B 520 -7.28 21.93 3.42
CA PRO B 520 -8.02 23.20 3.60
C PRO B 520 -8.16 23.59 5.05
N ALA B 521 -8.04 24.88 5.33
CA ALA B 521 -8.32 25.43 6.61
C ALA B 521 -9.69 26.05 6.47
N GLY B 522 -10.67 25.56 7.23
CA GLY B 522 -11.96 26.20 7.22
C GLY B 522 -12.93 25.88 6.11
N GLY B 523 -14.15 26.47 6.21
CA GLY B 523 -15.19 26.19 5.27
C GLY B 523 -14.86 26.62 3.84
N ASN B 524 -14.48 27.89 3.69
CA ASN B 524 -14.25 28.41 2.36
C ASN B 524 -13.14 27.58 1.65
N GLU B 525 -12.07 27.24 2.38
CA GLU B 525 -11.02 26.48 1.77
C GLU B 525 -11.48 25.09 1.38
N THR B 526 -12.37 24.54 2.19
CA THR B 526 -12.86 23.23 1.87
C THR B 526 -13.72 23.25 0.61
N ALA B 527 -14.60 24.28 0.47
CA ALA B 527 -15.30 24.49 -0.76
C ALA B 527 -14.35 24.67 -1.92
N GLY B 528 -13.30 25.41 -1.66
CA GLY B 528 -12.27 25.66 -2.67
C GLY B 528 -11.51 24.36 -3.11
N ALA B 529 -11.31 23.47 -2.20
CA ALA B 529 -10.68 22.22 -2.49
C ALA B 529 -11.54 21.33 -3.38
N TYR B 530 -12.83 21.26 -3.06
CA TYR B 530 -13.80 20.59 -3.89
C TYR B 530 -13.90 21.22 -5.29
N LYS B 531 -13.85 22.54 -5.37
CA LYS B 531 -13.94 23.19 -6.67
C LYS B 531 -12.76 22.75 -7.58
N VAL B 532 -11.56 22.79 -7.01
CA VAL B 532 -10.38 22.28 -7.72
C VAL B 532 -10.57 20.79 -8.16
N ALA B 533 -10.99 19.98 -7.22
CA ALA B 533 -11.06 18.58 -7.39
C ALA B 533 -12.05 18.24 -8.54
N ILE B 534 -13.19 18.92 -8.60
CA ILE B 534 -14.14 18.71 -9.68
C ILE B 534 -13.63 19.16 -11.04
N ALA B 535 -13.03 20.34 -11.13
CA ALA B 535 -12.51 20.86 -12.37
C ALA B 535 -11.43 19.94 -12.97
N ASN B 536 -10.75 19.21 -12.09
CA ASN B 536 -9.69 18.34 -12.47
C ASN B 536 -10.20 16.97 -12.83
N ARG B 537 -10.80 16.83 -14.00
CA ARG B 537 -11.24 15.51 -14.47
C ARG B 537 -10.11 14.58 -14.92
N LYS B 538 -8.93 15.14 -15.18
CA LYS B 538 -7.82 14.36 -15.66
C LYS B 538 -6.62 14.33 -14.76
N ARG B 539 -6.82 14.62 -13.45
CA ARG B 539 -5.75 14.61 -12.45
C ARG B 539 -6.42 14.40 -11.12
N PRO B 540 -5.98 13.40 -10.37
CA PRO B 540 -6.58 13.24 -9.06
C PRO B 540 -6.26 14.27 -8.00
N THR B 541 -7.18 14.37 -7.03
CA THR B 541 -7.06 15.30 -5.93
C THR B 541 -7.28 14.62 -4.58
N THR B 542 -6.27 14.70 -3.73
CA THR B 542 -6.40 14.19 -2.35
C THR B 542 -6.60 15.36 -1.41
N ILE B 543 -7.63 15.26 -0.53
CA ILE B 543 -7.95 16.34 0.36
C ILE B 543 -7.84 15.82 1.76
N ALA B 544 -6.94 16.37 2.55
CA ALA B 544 -6.69 16.04 3.98
C ALA B 544 -7.60 16.88 4.86
N LEU B 545 -8.49 16.19 5.58
CA LEU B 545 -9.53 16.72 6.38
C LEU B 545 -9.38 16.33 7.84
N SER B 546 -9.73 17.28 8.72
CA SER B 546 -9.68 17.13 10.14
C SER B 546 -10.84 16.38 10.75
N ARG B 547 -10.48 15.63 11.79
CA ARG B 547 -11.47 15.13 12.79
C ARG B 547 -12.12 16.29 13.62
N GLN B 548 -11.25 17.16 14.05
CA GLN B 548 -11.55 18.17 15.08
C GLN B 548 -11.98 19.48 14.50
N ASN B 549 -12.77 20.20 15.28
CA ASN B 549 -13.24 21.53 14.91
C ASN B 549 -12.10 22.53 14.68
N MET B 550 -12.35 23.51 13.83
CA MET B 550 -11.44 24.66 13.61
C MET B 550 -12.23 25.88 13.16
N PRO B 551 -11.74 27.09 13.50
CA PRO B 551 -12.49 28.30 13.20
C PRO B 551 -12.49 28.59 11.72
N ASN B 552 -13.45 29.37 11.29
CA ASN B 552 -13.35 30.02 9.99
C ASN B 552 -12.54 31.32 10.14
N ILE B 553 -11.35 31.34 9.49
CA ILE B 553 -10.36 32.41 9.67
C ILE B 553 -10.62 33.55 8.68
N PRO B 554 -10.57 34.79 9.16
CA PRO B 554 -10.77 35.89 8.20
C PRO B 554 -9.82 35.87 6.99
N ASN B 555 -10.37 36.20 5.84
CA ASN B 555 -9.65 36.30 4.58
C ASN B 555 -9.35 34.92 3.97
N CYS B 556 -9.69 33.83 4.66
CA CYS B 556 -9.65 32.52 3.97
C CYS B 556 -10.72 32.49 2.90
N SER B 557 -10.44 31.86 1.75
CA SER B 557 -11.26 32.00 0.57
C SER B 557 -11.26 30.77 -0.34
N VAL B 558 -12.33 30.67 -1.09
CA VAL B 558 -12.46 29.64 -2.13
C VAL B 558 -11.37 29.87 -3.18
N GLU B 559 -11.20 31.12 -3.62
CA GLU B 559 -10.23 31.39 -4.66
C GLU B 559 -8.75 31.19 -4.29
N GLY B 560 -8.42 31.41 -3.01
CA GLY B 560 -7.10 31.27 -2.52
C GLY B 560 -6.58 29.88 -2.64
N VAL B 561 -7.48 28.89 -2.55
CA VAL B 561 -7.07 27.48 -2.76
C VAL B 561 -6.49 27.27 -4.19
N ALA B 562 -7.11 27.93 -5.16
CA ALA B 562 -6.65 27.76 -6.54
C ALA B 562 -5.22 28.35 -6.75
N LYS B 563 -4.84 29.30 -5.88
CA LYS B 563 -3.51 29.90 -5.92
C LYS B 563 -2.47 29.05 -5.20
N GLY B 564 -2.93 28.09 -4.38
CA GLY B 564 -2.00 27.13 -3.71
C GLY B 564 -1.49 27.64 -2.40
N ALA B 565 -0.88 28.81 -2.43
CA ALA B 565 -0.58 29.58 -1.27
C ALA B 565 -1.07 31.02 -1.53
N TYR B 566 -1.55 31.66 -0.45
CA TYR B 566 -2.04 33.04 -0.54
C TYR B 566 -1.99 33.73 0.83
N THR B 567 -1.88 35.07 0.79
CA THR B 567 -1.71 35.87 1.99
C THR B 567 -3.10 36.17 2.60
N ILE B 568 -3.25 35.89 3.86
CA ILE B 568 -4.51 36.19 4.57
C ILE B 568 -4.34 37.29 5.64
N HIS B 569 -3.12 37.74 5.87
CA HIS B 569 -2.90 38.84 6.86
C HIS B 569 -1.58 39.53 6.59
N ASP B 570 -1.58 40.86 6.58
CA ASP B 570 -0.34 41.67 6.70
C ASP B 570 -0.57 42.73 7.77
N THR B 571 0.45 42.99 8.57
CA THR B 571 0.30 43.91 9.67
C THR B 571 -0.01 45.31 9.08
N LYS B 572 0.75 45.70 8.07
CA LYS B 572 0.47 46.92 7.35
C LYS B 572 0.61 46.76 5.85
N ALA B 573 -0.47 47.13 5.18
CA ALA B 573 -0.54 47.11 3.74
C ALA B 573 0.62 47.88 3.18
N GLY B 574 1.26 47.29 2.19
CA GLY B 574 2.28 47.97 1.46
C GLY B 574 3.64 47.96 2.10
N VAL B 575 3.79 47.37 3.29
CA VAL B 575 5.08 47.30 3.93
C VAL B 575 5.52 45.83 4.05
N LYS B 576 6.79 45.65 3.73
CA LYS B 576 7.43 44.37 3.70
C LYS B 576 7.39 43.71 5.07
N PRO B 577 6.97 42.43 5.13
CA PRO B 577 7.06 41.77 6.42
C PRO B 577 8.47 41.57 6.95
N ASP B 578 8.59 41.63 8.28
CA ASP B 578 9.75 41.15 9.01
C ASP B 578 9.82 39.66 9.05
N VAL B 579 8.68 39.02 9.27
CA VAL B 579 8.62 37.59 9.35
C VAL B 579 7.35 37.05 8.66
N ILE B 580 7.49 35.93 7.97
CA ILE B 580 6.41 35.23 7.26
C ILE B 580 6.04 33.96 8.00
N LEU B 581 4.78 33.81 8.40
CA LEU B 581 4.28 32.61 9.01
C LEU B 581 3.34 31.89 8.07
N MET B 582 3.64 30.64 7.74
CA MET B 582 2.84 29.86 6.79
C MET B 582 2.24 28.64 7.49
N GLY B 583 0.95 28.46 7.32
CA GLY B 583 0.27 27.34 7.96
C GLY B 583 -0.70 26.66 7.05
N THR B 584 -1.13 25.44 7.44
CA THR B 584 -2.12 24.72 6.63
C THR B 584 -3.20 24.19 7.56
N GLY B 585 -4.39 24.01 7.01
CA GLY B 585 -5.45 23.28 7.72
C GLY B 585 -5.61 23.72 9.15
N SER B 586 -5.79 22.75 10.06
CA SER B 586 -6.03 23.01 11.50
C SER B 586 -4.95 23.86 12.21
N GLU B 587 -3.76 23.97 11.60
CA GLU B 587 -2.68 24.74 12.18
C GLU B 587 -2.61 26.19 11.72
N LEU B 588 -3.40 26.54 10.70
CA LEU B 588 -3.40 27.95 10.19
C LEU B 588 -3.77 28.94 11.37
N GLU B 589 -4.70 28.52 12.22
CA GLU B 589 -5.07 29.35 13.40
C GLU B 589 -3.90 29.60 14.35
N LEU B 590 -2.92 28.70 14.41
CA LEU B 590 -1.77 28.94 15.25
C LEU B 590 -0.93 30.07 14.68
N ALA B 591 -0.81 30.09 13.36
CA ALA B 591 -0.05 31.16 12.70
C ALA B 591 -0.76 32.52 12.91
N THR B 592 -2.09 32.55 12.77
CA THR B 592 -2.80 33.83 12.98
C THR B 592 -2.68 34.28 14.41
N ALA B 593 -2.86 33.37 15.36
CA ALA B 593 -2.72 33.76 16.77
C ALA B 593 -1.31 34.26 17.11
N ALA B 594 -0.27 33.59 16.60
CA ALA B 594 1.11 34.02 16.74
C ALA B 594 1.36 35.39 16.15
N ALA B 595 0.79 35.66 14.96
CA ALA B 595 0.94 36.97 14.33
C ALA B 595 0.61 38.12 15.25
N GLY B 596 -0.53 38.03 15.94
CA GLY B 596 -0.99 39.05 16.88
C GLY B 596 -0.03 39.34 17.98
N ILE B 597 0.56 38.29 18.57
CA ILE B 597 1.52 38.42 19.62
C ILE B 597 2.81 39.12 19.10
N LEU B 598 3.30 38.68 17.96
CA LEU B 598 4.47 39.28 17.36
C LEU B 598 4.24 40.76 17.05
N GLU B 599 3.07 41.05 16.47
CA GLU B 599 2.67 42.43 16.20
C GLU B 599 2.67 43.37 17.44
N LYS B 600 2.23 42.90 18.62
CA LYS B 600 2.31 43.67 19.85
C LYS B 600 3.73 43.96 20.28
N GLU B 601 4.69 43.13 19.90
CA GLU B 601 6.12 43.41 20.11
C GLU B 601 6.72 44.34 19.06
N GLY B 602 5.91 44.87 18.17
CA GLY B 602 6.44 45.74 17.12
C GLY B 602 6.78 45.12 15.76
N LYS B 603 6.60 43.80 15.56
CA LYS B 603 6.96 43.18 14.26
C LYS B 603 5.90 43.31 13.19
N ASN B 604 6.29 43.50 11.92
CA ASN B 604 5.32 43.42 10.87
C ASN B 604 5.31 41.95 10.39
N VAL B 605 4.14 41.36 10.34
CA VAL B 605 4.05 39.88 10.16
C VAL B 605 3.14 39.66 8.98
N ARG B 606 3.52 38.69 8.14
CA ARG B 606 2.61 38.20 7.12
C ARG B 606 2.21 36.75 7.45
N VAL B 607 0.91 36.45 7.36
CA VAL B 607 0.44 35.08 7.41
C VAL B 607 -0.02 34.61 6.05
N VAL B 608 0.44 33.40 5.69
CA VAL B 608 0.16 32.79 4.42
C VAL B 608 -0.49 31.41 4.66
N SER B 609 -1.65 31.25 4.06
CA SER B 609 -2.31 29.93 4.06
C SER B 609 -1.77 29.15 2.88
N PHE B 610 -1.38 27.88 3.08
CA PHE B 610 -0.65 27.09 2.05
C PHE B 610 -1.44 25.77 1.73
N PRO B 611 -2.71 25.90 1.35
CA PRO B 611 -3.53 24.67 1.13
C PRO B 611 -3.07 23.70 0.08
N CYS B 612 -2.35 24.15 -0.95
CA CYS B 612 -1.94 23.22 -1.96
C CYS B 612 -0.61 23.62 -2.60
N TRP B 613 0.43 22.85 -2.34
CA TRP B 613 1.73 23.20 -2.89
C TRP B 613 1.80 23.10 -4.39
N GLU B 614 1.13 22.12 -4.99
CA GLU B 614 1.30 21.91 -6.40
C GLU B 614 0.73 23.12 -7.20
N LEU B 615 -0.40 23.62 -6.73
CA LEU B 615 -1.04 24.75 -7.38
C LEU B 615 -0.14 25.98 -7.21
N PHE B 616 0.57 26.15 -6.07
CA PHE B 616 1.39 27.30 -5.89
C PHE B 616 2.49 27.30 -6.92
N GLU B 617 3.07 26.12 -7.14
CA GLU B 617 4.16 26.01 -8.11
C GLU B 617 3.73 26.24 -9.57
N GLU B 618 2.43 26.14 -9.83
CA GLU B 618 1.85 26.57 -11.11
C GLU B 618 1.70 28.06 -11.34
N GLN B 619 1.85 28.85 -10.30
CA GLN B 619 1.60 30.28 -10.41
C GLN B 619 2.74 31.02 -11.10
N SER B 620 2.52 32.27 -11.48
CA SER B 620 3.62 33.05 -12.09
C SER B 620 4.76 33.40 -11.12
N ALA B 621 5.91 33.76 -11.70
CA ALA B 621 6.99 34.16 -10.86
C ALA B 621 6.63 35.36 -10.00
N GLU B 622 5.83 36.26 -10.54
CA GLU B 622 5.45 37.47 -9.88
C GLU B 622 4.53 37.13 -8.73
N TYR B 623 3.60 36.23 -8.97
CA TYR B 623 2.69 35.81 -7.88
C TYR B 623 3.43 35.21 -6.68
N LYS B 624 4.29 34.25 -6.98
CA LYS B 624 5.07 33.54 -5.97
C LYS B 624 5.90 34.57 -5.15
N GLU B 625 6.50 35.54 -5.86
CA GLU B 625 7.32 36.57 -5.19
C GLU B 625 6.45 37.49 -4.33
N SER B 626 5.21 37.71 -4.74
CA SER B 626 4.31 38.56 -3.97
C SER B 626 3.96 37.92 -2.64
N VAL B 627 3.94 36.58 -2.62
CA VAL B 627 3.55 35.91 -1.40
C VAL B 627 4.77 35.69 -0.51
N LEU B 628 5.84 35.17 -1.10
CA LEU B 628 7.11 34.83 -0.47
C LEU B 628 8.27 35.61 -1.08
N PRO B 629 8.41 36.86 -0.65
CA PRO B 629 9.51 37.67 -1.21
C PRO B 629 10.85 37.11 -0.89
N SER B 630 11.70 37.07 -1.91
CA SER B 630 12.92 36.30 -1.77
C SER B 630 13.98 36.95 -0.83
N ASP B 631 13.79 38.21 -0.46
CA ASP B 631 14.64 38.87 0.49
C ASP B 631 14.17 38.84 1.92
N VAL B 632 13.03 38.18 2.21
CA VAL B 632 12.63 37.94 3.56
C VAL B 632 12.88 36.49 3.91
N THR B 633 13.84 36.26 4.79
CA THR B 633 14.33 34.97 5.08
C THR B 633 13.83 34.39 6.45
N ALA B 634 13.20 35.25 7.24
CA ALA B 634 12.68 34.87 8.53
C ALA B 634 11.29 34.28 8.25
N ARG B 635 11.21 32.97 8.27
CA ARG B 635 10.03 32.23 7.75
C ARG B 635 9.76 31.08 8.72
N VAL B 636 8.51 30.88 9.11
CA VAL B 636 8.15 29.74 9.97
C VAL B 636 6.93 29.07 9.29
N SER B 637 6.99 27.74 9.28
CA SER B 637 5.90 26.94 8.78
C SER B 637 5.33 26.22 10.01
N VAL B 638 4.03 26.02 9.99
CA VAL B 638 3.31 25.33 11.08
C VAL B 638 2.27 24.35 10.44
N GLU B 639 2.41 23.10 10.86
CA GLU B 639 1.65 21.97 10.29
C GLU B 639 1.86 20.75 11.14
N ALA B 640 0.77 20.06 11.52
CA ALA B 640 0.90 18.94 12.43
C ALA B 640 1.32 17.69 11.59
N ALA B 641 2.55 17.78 11.08
CA ALA B 641 3.12 16.78 10.23
C ALA B 641 4.61 17.13 10.20
N THR B 642 5.33 16.31 9.53
CA THR B 642 6.79 16.44 9.51
C THR B 642 7.29 17.71 8.80
N SER B 643 8.47 18.12 9.23
CA SER B 643 9.23 19.20 8.59
C SER B 643 9.77 18.82 7.23
N PHE B 644 9.83 17.50 6.95
CA PHE B 644 10.36 17.07 5.65
C PHE B 644 9.65 17.79 4.51
N GLY B 645 10.43 18.33 3.59
CA GLY B 645 9.87 19.03 2.46
C GLY B 645 9.77 20.57 2.59
N TRP B 646 9.49 21.05 3.80
CA TRP B 646 9.18 22.44 4.02
C TRP B 646 10.31 23.39 3.72
N ALA B 647 11.56 22.94 3.80
CA ALA B 647 12.71 23.76 3.44
C ALA B 647 12.57 24.35 2.06
N LYS B 648 11.68 23.84 1.23
CA LYS B 648 11.54 24.41 -0.10
C LYS B 648 11.03 25.85 0.04
N TYR B 649 10.23 26.07 1.07
CA TYR B 649 9.64 27.37 1.33
C TYR B 649 10.28 28.08 2.55
N ILE B 650 10.79 27.35 3.53
CA ILE B 650 11.34 27.99 4.72
C ILE B 650 12.87 28.22 4.66
N GLY B 651 13.56 27.50 3.80
CA GLY B 651 15.01 27.66 3.57
C GLY B 651 15.81 27.06 4.67
N LEU B 652 17.10 27.33 4.61
CA LEU B 652 17.99 26.85 5.63
C LEU B 652 17.80 27.69 6.91
N LYS B 653 17.31 28.91 6.76
CA LYS B 653 17.26 29.78 7.90
C LYS B 653 15.90 29.79 8.58
N GLY B 654 14.89 29.22 7.91
CA GLY B 654 13.56 29.16 8.53
C GLY B 654 13.41 28.06 9.56
N LYS B 655 12.20 27.93 10.14
CA LYS B 655 11.93 26.95 11.17
C LYS B 655 10.53 26.36 10.98
N HIS B 656 10.37 25.10 11.29
CA HIS B 656 9.04 24.37 11.22
C HIS B 656 8.58 24.06 12.59
N VAL B 657 7.31 24.29 12.82
CA VAL B 657 6.67 23.85 14.06
C VAL B 657 5.71 22.73 13.67
N GLY B 658 5.98 21.52 14.13
CA GLY B 658 5.20 20.31 13.72
C GLY B 658 5.64 19.09 14.49
N ILE B 659 5.62 17.94 13.81
CA ILE B 659 5.92 16.70 14.48
C ILE B 659 6.59 15.80 13.47
N ASP B 660 7.82 15.39 13.79
CA ASP B 660 8.61 14.56 12.90
C ASP B 660 8.67 13.07 13.34
N THR B 661 8.20 12.78 14.56
CA THR B 661 8.15 11.47 15.15
C THR B 661 6.78 10.85 14.96
N PHE B 662 6.65 9.58 15.32
CA PHE B 662 5.28 9.07 15.47
C PHE B 662 4.55 9.83 16.62
N GLY B 663 3.22 9.73 16.63
CA GLY B 663 2.37 10.33 17.62
C GLY B 663 2.25 9.48 18.88
N ALA B 664 1.06 9.50 19.50
CA ALA B 664 0.79 8.85 20.81
C ALA B 664 -0.67 8.77 21.06
N SER B 665 -1.06 7.90 21.98
CA SER B 665 -2.49 7.71 22.30
C SER B 665 -2.88 8.57 23.52
N ALA B 666 -3.52 9.71 23.27
CA ALA B 666 -4.04 10.58 24.30
C ALA B 666 -5.07 11.51 23.68
N PRO B 667 -5.77 12.31 24.51
CA PRO B 667 -6.67 13.27 23.87
C PRO B 667 -5.89 14.26 23.00
N ALA B 668 -6.49 14.76 21.92
CA ALA B 668 -5.82 15.68 20.98
C ALA B 668 -5.22 16.94 21.67
N PRO B 669 -5.95 17.61 22.58
CA PRO B 669 -5.32 18.84 23.22
C PRO B 669 -4.00 18.57 23.96
N THR B 670 -3.93 17.43 24.67
CA THR B 670 -2.73 16.96 25.30
C THR B 670 -1.63 16.67 24.31
N LEU B 671 -1.95 16.03 23.20
CA LEU B 671 -0.96 15.75 22.15
C LEU B 671 -0.34 17.04 21.55
N TYR B 672 -1.15 18.01 21.21
CA TYR B 672 -0.61 19.31 20.73
C TYR B 672 0.31 19.96 21.78
N GLU B 673 -0.06 19.94 23.02
CA GLU B 673 0.77 20.56 24.08
C GLU B 673 2.07 19.77 24.24
N LYS B 674 1.94 18.44 24.36
CA LYS B 674 3.11 17.56 24.54
C LYS B 674 4.14 17.56 23.39
N PHE B 675 3.65 17.66 22.17
CA PHE B 675 4.52 17.70 21.01
C PHE B 675 4.92 19.12 20.59
N GLY B 676 4.48 20.12 21.35
CA GLY B 676 4.87 21.51 21.10
C GLY B 676 4.32 22.23 19.88
N ILE B 677 3.11 21.83 19.44
CA ILE B 677 2.48 22.43 18.29
C ILE B 677 1.50 23.45 18.88
N THR B 678 2.04 24.62 19.24
CA THR B 678 1.35 25.62 20.00
C THR B 678 1.68 27.02 19.47
N VAL B 679 0.76 27.93 19.80
CA VAL B 679 0.89 29.36 19.49
C VAL B 679 2.27 29.84 20.00
N ASN B 680 2.61 29.48 21.23
CA ASN B 680 3.84 30.05 21.83
C ASN B 680 5.07 29.47 21.17
N HIS B 681 5.03 28.21 20.70
CA HIS B 681 6.16 27.62 19.91
C HIS B 681 6.33 28.33 18.57
N VAL B 682 5.26 28.72 17.92
CA VAL B 682 5.36 29.47 16.66
C VAL B 682 5.99 30.87 16.91
N VAL B 683 5.54 31.53 17.97
CA VAL B 683 6.17 32.81 18.39
C VAL B 683 7.67 32.65 18.63
N GLU B 684 8.09 31.66 19.39
CA GLU B 684 9.51 31.53 19.68
C GLU B 684 10.29 31.18 18.44
N ALA B 685 9.72 30.32 17.55
CA ALA B 685 10.38 30.02 16.30
C ALA B 685 10.57 31.22 15.41
N ALA B 686 9.56 32.08 15.33
CA ALA B 686 9.65 33.27 14.54
C ALA B 686 10.77 34.16 15.14
N LYS B 687 10.82 34.25 16.46
CA LYS B 687 11.93 35.01 17.06
C LYS B 687 13.30 34.41 16.73
N ALA B 688 13.42 33.08 16.79
CA ALA B 688 14.68 32.45 16.43
C ALA B 688 15.08 32.79 14.97
N THR B 689 14.13 32.80 14.02
CA THR B 689 14.52 33.03 12.60
C THR B 689 14.95 34.46 12.38
N LEU B 690 14.38 35.37 13.16
CA LEU B 690 14.74 36.80 13.07
C LEU B 690 16.19 37.00 13.55
N GLN B 691 16.74 36.00 14.21
CA GLN B 691 18.19 35.69 14.30
C GLN B 691 18.74 36.10 15.62
MG MG C . -17.39 -7.36 12.82
N1' TPP D . -8.76 0.37 7.52
C2' TPP D . -7.70 -0.19 8.16
CM2 TPP D . -6.61 -0.84 7.36
N3' TPP D . -7.63 -0.18 9.51
C4' TPP D . -8.59 0.37 10.30
N4' TPP D . -8.43 0.34 11.63
C5' TPP D . -9.73 1.08 9.66
C6' TPP D . -9.70 1.02 8.26
C7' TPP D . -10.84 1.81 10.43
N3 TPP D . -11.60 0.90 11.25
C2 TPP D . -11.47 0.59 12.55
S1 TPP D . -12.45 -0.75 13.23
C5 TPP D . -13.16 -0.80 11.66
C4 TPP D . -12.54 0.11 10.68
CM4 TPP D . -13.00 0.18 9.30
C6 TPP D . -14.27 -1.77 11.44
C7 TPP D . -13.90 -3.15 11.59
O7 TPP D . -15.10 -3.99 11.63
PA TPP D . -14.78 -5.36 12.40
O1A TPP D . -13.34 -5.81 12.18
O2A TPP D . -15.82 -6.36 11.90
O3A TPP D . -14.96 -4.93 13.95
PB TPP D . -16.24 -5.05 14.92
O1B TPP D . -16.95 -3.70 14.51
O2B TPP D . -15.71 -5.01 16.26
O3B TPP D . -17.02 -6.22 14.44
MG MG E . 1.72 -17.31 -14.69
N1' TPP F . 4.67 -6.89 -8.03
C2' TPP F . 3.72 -6.12 -8.64
CM2 TPP F . 2.66 -5.49 -7.79
N3' TPP F . 3.74 -5.91 -9.97
C4' TPP F . 4.72 -6.42 -10.74
N4' TPP F . 4.71 -6.21 -12.03
C5' TPP F . 5.77 -7.28 -10.13
C6' TPP F . 5.66 -7.44 -8.77
C7' TPP F . 6.95 -7.82 -10.92
N3 TPP F . 6.54 -8.81 -11.87
C2 TPP F . 6.29 -8.70 -13.19
S1 TPP F . 5.54 -10.09 -14.10
C5 TPP F . 5.76 -10.89 -12.56
C4 TPP F . 6.19 -10.03 -11.46
CM4 TPP F . 6.31 -10.64 -10.09
C6 TPP F . 5.29 -12.31 -12.32
C7 TPP F . 4.24 -12.65 -13.24
O7 TPP F . 3.71 -13.92 -12.96
PA TPP F . 2.41 -14.20 -13.84
O1A TPP F . 1.36 -13.10 -13.62
O2A TPP F . 1.97 -15.60 -13.54
O3A TPP F . 2.89 -14.03 -15.40
PB TPP F . 3.47 -15.09 -16.49
O1B TPP F . 3.23 -14.50 -17.84
O2B TPP F . 2.75 -16.38 -16.18
O3B TPP F . 4.95 -15.25 -16.08
#